data_7Y0I
#
_entry.id   7Y0I
#
loop_
_entity.id
_entity.type
_entity.pdbx_description
1 polymer 'Histone-lysine N-methyltransferase ASH1L'
2 polymer ALA-ARG-THR-MLY-GLN-THR-ALA-ARG-LYS-SER-THR-GLY-GLY-LYS-ALA
3 non-polymer 'ZINC ION'
#
loop_
_entity_poly.entity_id
_entity_poly.type
_entity_poly.pdbx_seq_one_letter_code
_entity_poly.pdbx_strand_id
1 'polypeptide(L)' SGGRDVIRCICGLYKDEGLMIQCDKCMVWQHCDCMGVNTDVEHYLCEQCDPRPVDR A
2 'polypeptide(L)' ART(MLY)QTARKSTGGKA B
#
# COMPACT_ATOMS: atom_id res chain seq x y z
N SER A 1 18.94 4.04 5.08
CA SER A 1 18.31 3.58 6.34
C SER A 1 16.91 4.16 6.47
N GLY A 2 15.93 3.44 5.94
CA GLY A 2 14.56 3.89 6.01
C GLY A 2 13.79 3.58 4.74
N GLY A 3 14.51 3.58 3.62
CA GLY A 3 13.90 3.28 2.35
C GLY A 3 13.78 1.80 2.10
N ARG A 4 12.97 1.43 1.11
CA ARG A 4 12.75 0.03 0.77
C ARG A 4 12.14 -0.08 -0.61
N ASP A 5 11.13 0.76 -0.88
CA ASP A 5 10.51 0.85 -2.21
C ASP A 5 10.12 -0.52 -2.76
N VAL A 6 9.35 -1.26 -1.97
CA VAL A 6 8.86 -2.56 -2.40
C VAL A 6 7.34 -2.55 -2.54
N ILE A 7 6.85 -2.70 -3.77
CA ILE A 7 5.41 -2.72 -4.00
C ILE A 7 4.88 -4.14 -3.96
N ARG A 8 4.53 -4.60 -2.78
CA ARG A 8 4.02 -5.95 -2.66
C ARG A 8 2.56 -5.93 -2.27
N CYS A 9 1.68 -5.86 -3.26
CA CYS A 9 0.26 -5.82 -2.98
C CYS A 9 -0.43 -7.13 -3.38
N ILE A 10 -1.61 -7.35 -2.80
CA ILE A 10 -2.46 -8.49 -3.17
C ILE A 10 -2.83 -8.41 -4.64
N CYS A 11 -2.78 -7.20 -5.18
CA CYS A 11 -2.94 -6.98 -6.61
C CYS A 11 -2.08 -7.94 -7.43
N GLY A 12 -0.85 -8.17 -6.98
CA GLY A 12 0.11 -8.88 -7.81
C GLY A 12 0.68 -7.93 -8.82
N LEU A 13 0.27 -6.67 -8.67
CA LEU A 13 0.63 -5.61 -9.56
C LEU A 13 1.63 -4.68 -8.88
N TYR A 14 2.88 -4.81 -9.26
CA TYR A 14 3.91 -3.88 -8.80
C TYR A 14 3.69 -2.51 -9.44
N LYS A 15 3.00 -1.64 -8.72
CA LYS A 15 2.71 -0.30 -9.21
C LYS A 15 2.43 0.65 -8.05
N ASP A 16 3.28 1.66 -7.92
CA ASP A 16 3.06 2.69 -6.92
C ASP A 16 2.07 3.72 -7.47
N GLU A 17 0.82 3.59 -7.04
CA GLU A 17 -0.27 4.43 -7.50
C GLU A 17 -1.34 4.52 -6.44
N GLY A 18 -1.99 5.68 -6.40
CA GLY A 18 -3.00 5.93 -5.38
C GLY A 18 -2.39 6.13 -4.02
N LEU A 19 -3.16 5.87 -2.98
CA LEU A 19 -2.67 5.99 -1.62
C LEU A 19 -2.14 4.64 -1.16
N MET A 20 -0.90 4.61 -0.71
CA MET A 20 -0.29 3.36 -0.31
C MET A 20 0.25 3.45 1.12
N ILE A 21 0.10 2.36 1.85
CA ILE A 21 0.53 2.27 3.22
C ILE A 21 1.74 1.35 3.30
N GLN A 22 2.47 1.46 4.38
CA GLN A 22 3.65 0.64 4.60
C GLN A 22 3.34 -0.51 5.56
N CYS A 23 3.55 -1.75 5.13
CA CYS A 23 3.39 -2.88 6.03
C CYS A 23 4.49 -2.85 7.08
N ASP A 24 4.05 -2.79 8.34
CA ASP A 24 4.93 -2.60 9.49
C ASP A 24 6.07 -3.62 9.54
N LYS A 25 5.82 -4.83 9.06
CA LYS A 25 6.82 -5.90 9.14
C LYS A 25 7.80 -5.87 7.98
N CYS A 26 7.26 -6.06 6.79
CA CYS A 26 8.09 -6.30 5.62
C CYS A 26 8.43 -4.98 4.92
N MET A 27 7.82 -3.89 5.38
CA MET A 27 8.18 -2.52 4.95
C MET A 27 7.90 -2.32 3.45
N VAL A 28 6.81 -2.90 3.02
CA VAL A 28 6.35 -2.77 1.65
C VAL A 28 5.33 -1.66 1.53
N TRP A 29 4.90 -1.40 0.31
CA TRP A 29 3.81 -0.49 0.08
C TRP A 29 2.66 -1.21 -0.60
N GLN A 30 1.47 -0.85 -0.18
CA GLN A 30 0.26 -1.51 -0.67
C GLN A 30 -0.87 -0.49 -0.78
N HIS A 31 -1.73 -0.68 -1.78
CA HIS A 31 -2.82 0.25 -2.04
C HIS A 31 -3.94 0.06 -1.03
N CYS A 32 -4.34 1.17 -0.40
CA CYS A 32 -5.39 1.17 0.63
C CYS A 32 -6.69 0.49 0.17
N ASP A 33 -7.05 0.71 -1.09
CA ASP A 33 -8.31 0.19 -1.65
C ASP A 33 -8.39 -1.34 -1.61
N CYS A 34 -7.32 -2.02 -2.00
CA CYS A 34 -7.30 -3.47 -2.10
C CYS A 34 -7.23 -4.14 -0.73
N MET A 35 -6.38 -3.61 0.13
CA MET A 35 -6.16 -4.23 1.43
C MET A 35 -7.26 -3.82 2.40
N GLY A 36 -8.02 -2.80 2.01
CA GLY A 36 -9.06 -2.27 2.86
C GLY A 36 -8.53 -1.51 4.06
N VAL A 37 -7.46 -0.76 3.84
CA VAL A 37 -6.80 -0.03 4.91
C VAL A 37 -7.52 1.29 5.15
N ASN A 38 -7.27 1.89 6.30
CA ASN A 38 -7.99 3.10 6.70
C ASN A 38 -7.09 4.32 6.68
N THR A 39 -5.81 4.09 6.38
CA THR A 39 -4.77 5.12 6.38
C THR A 39 -4.49 5.69 7.76
N ASP A 40 -5.50 5.73 8.62
CA ASP A 40 -5.32 6.22 9.98
C ASP A 40 -5.13 5.07 10.95
N VAL A 41 -4.68 3.94 10.42
CA VAL A 41 -4.50 2.74 11.23
C VAL A 41 -3.24 2.87 12.08
N GLU A 42 -3.25 2.34 13.30
CA GLU A 42 -2.07 2.41 14.16
C GLU A 42 -0.86 1.78 13.46
N HIS A 43 -1.02 0.54 13.03
CA HIS A 43 0.05 -0.16 12.34
C HIS A 43 -0.53 -1.16 11.35
N TYR A 44 -0.28 -0.92 10.07
CA TYR A 44 -0.84 -1.73 9.01
C TYR A 44 0.07 -2.90 8.68
N LEU A 45 -0.54 -4.04 8.37
CA LEU A 45 0.21 -5.22 8.00
C LEU A 45 -0.45 -5.94 6.84
N CYS A 46 0.38 -6.36 5.90
CA CYS A 46 -0.08 -7.10 4.73
C CYS A 46 -0.57 -8.46 5.15
N GLU A 47 -1.29 -9.10 4.25
CA GLU A 47 -1.92 -10.39 4.51
C GLU A 47 -0.89 -11.49 4.72
N GLN A 48 0.37 -11.21 4.38
CA GLN A 48 1.46 -12.15 4.62
C GLN A 48 1.92 -12.09 6.07
N CYS A 49 2.06 -10.87 6.60
CA CYS A 49 2.57 -10.70 7.94
C CYS A 49 1.46 -10.91 8.97
N ASP A 50 0.26 -10.50 8.61
CA ASP A 50 -0.89 -10.66 9.50
C ASP A 50 -2.15 -10.88 8.67
N PRO A 51 -2.47 -12.16 8.42
CA PRO A 51 -3.66 -12.56 7.65
C PRO A 51 -4.92 -11.81 8.06
N ARG A 52 -5.48 -11.08 7.11
CA ARG A 52 -6.73 -10.36 7.32
C ARG A 52 -7.66 -10.67 6.16
N PRO A 53 -8.98 -10.68 6.40
CA PRO A 53 -9.97 -10.97 5.36
C PRO A 53 -9.85 -10.04 4.17
N VAL A 54 -9.58 -10.62 3.02
CA VAL A 54 -9.45 -9.88 1.79
C VAL A 54 -10.50 -10.36 0.79
N ASP A 55 -11.52 -9.55 0.60
CA ASP A 55 -12.58 -9.88 -0.34
C ASP A 55 -12.53 -8.95 -1.53
N ARG A 56 -11.73 -9.33 -2.51
CA ARG A 56 -11.53 -8.51 -3.70
C ARG A 56 -11.45 -9.40 -4.94
N ALA B 1 0.08 4.26 10.52
CA ALA B 1 -0.01 3.87 9.08
C ALA B 1 0.56 4.98 8.22
N ARG B 2 1.84 4.88 7.88
CA ARG B 2 2.46 5.87 7.00
C ARG B 2 1.83 5.80 5.63
N THR B 3 1.27 6.92 5.20
CA THR B 3 0.52 6.99 3.97
C THR B 3 1.29 7.76 2.90
N GLN B 5 1.01 8.71 -0.86
CA GLN B 5 0.09 8.76 -1.97
C GLN B 5 0.80 9.20 -3.24
N THR B 6 1.02 8.25 -4.14
CA THR B 6 1.69 8.53 -5.39
C THR B 6 0.77 8.17 -6.56
N ALA B 7 -0.21 9.02 -6.81
CA ALA B 7 -1.10 8.82 -7.94
C ALA B 7 -0.44 9.37 -9.19
N ARG B 8 -0.34 8.54 -10.22
CA ARG B 8 0.47 8.87 -11.38
C ARG B 8 -0.24 8.44 -12.67
N LYS B 9 -1.47 8.89 -12.84
CA LYS B 9 -2.19 8.67 -14.09
C LYS B 9 -2.15 9.94 -14.93
N SER B 10 -2.46 11.06 -14.29
CA SER B 10 -2.45 12.35 -14.97
C SER B 10 -1.68 13.37 -14.14
N THR B 11 -1.79 13.27 -12.82
CA THR B 11 -1.14 14.20 -11.92
C THR B 11 -0.15 13.48 -11.01
N GLY B 12 1.02 13.15 -11.56
CA GLY B 12 2.02 12.45 -10.80
C GLY B 12 3.40 13.04 -10.98
N GLY B 13 3.46 14.24 -11.53
CA GLY B 13 4.74 14.88 -11.77
C GLY B 13 4.68 16.37 -11.51
N LYS B 14 5.06 16.77 -10.31
CA LYS B 14 5.01 18.16 -9.92
C LYS B 14 6.27 18.90 -10.39
N ALA B 15 6.06 20.13 -10.85
CA ALA B 15 7.15 21.03 -11.24
C ALA B 15 8.07 20.39 -12.28
N SER A 1 12.40 5.95 5.44
CA SER A 1 12.96 4.68 5.90
C SER A 1 12.60 3.55 4.95
N GLY A 2 13.61 3.03 4.27
CA GLY A 2 13.41 1.95 3.32
C GLY A 2 14.67 1.62 2.57
N GLY A 3 14.93 2.37 1.51
CA GLY A 3 16.12 2.15 0.71
C GLY A 3 15.99 0.95 -0.20
N ARG A 4 14.80 0.77 -0.77
CA ARG A 4 14.51 -0.37 -1.62
C ARG A 4 13.20 -0.18 -2.38
N ASP A 5 12.25 0.55 -1.79
CA ASP A 5 10.98 0.86 -2.45
C ASP A 5 10.29 -0.41 -2.93
N VAL A 6 9.75 -1.18 -2.00
CA VAL A 6 9.17 -2.48 -2.32
C VAL A 6 7.65 -2.44 -2.42
N ILE A 7 7.11 -2.50 -3.64
CA ILE A 7 5.68 -2.73 -3.82
C ILE A 7 5.41 -4.22 -3.70
N ARG A 8 4.53 -4.60 -2.80
CA ARG A 8 4.05 -5.96 -2.80
C ARG A 8 2.59 -5.98 -2.38
N CYS A 9 1.71 -5.82 -3.33
CA CYS A 9 0.30 -5.80 -3.04
C CYS A 9 -0.34 -7.12 -3.45
N ILE A 10 -1.51 -7.37 -2.91
CA ILE A 10 -2.32 -8.52 -3.29
C ILE A 10 -2.67 -8.46 -4.77
N CYS A 11 -2.56 -7.25 -5.33
CA CYS A 11 -2.63 -7.05 -6.77
C CYS A 11 -1.64 -7.94 -7.52
N GLY A 12 -0.42 -8.06 -6.99
CA GLY A 12 0.65 -8.67 -7.75
C GLY A 12 1.20 -7.68 -8.73
N LEU A 13 0.67 -6.47 -8.66
CA LEU A 13 1.02 -5.38 -9.55
C LEU A 13 1.90 -4.37 -8.84
N TYR A 14 3.19 -4.46 -9.07
CA TYR A 14 4.13 -3.45 -8.62
C TYR A 14 3.83 -2.13 -9.30
N LYS A 15 3.06 -1.29 -8.63
CA LYS A 15 2.72 0.02 -9.14
C LYS A 15 2.33 0.96 -8.02
N ASP A 16 3.18 1.95 -7.77
CA ASP A 16 2.92 2.94 -6.75
C ASP A 16 1.93 3.98 -7.27
N GLU A 17 0.66 3.74 -7.02
CA GLU A 17 -0.40 4.59 -7.53
C GLU A 17 -1.56 4.65 -6.56
N GLY A 18 -2.17 5.81 -6.48
CA GLY A 18 -3.18 6.06 -5.48
C GLY A 18 -2.57 6.23 -4.10
N LEU A 19 -3.35 5.98 -3.07
CA LEU A 19 -2.83 6.04 -1.71
C LEU A 19 -2.32 4.68 -1.30
N MET A 20 -1.09 4.63 -0.81
CA MET A 20 -0.49 3.37 -0.42
C MET A 20 0.08 3.44 0.98
N ILE A 21 -0.01 2.32 1.68
CA ILE A 21 0.45 2.21 3.05
C ILE A 21 1.61 1.25 3.09
N GLN A 22 2.33 1.28 4.19
CA GLN A 22 3.52 0.47 4.36
C GLN A 22 3.26 -0.68 5.34
N CYS A 23 3.39 -1.94 4.89
CA CYS A 23 3.22 -3.08 5.81
C CYS A 23 4.21 -2.95 6.95
N ASP A 24 3.66 -2.93 8.16
CA ASP A 24 4.42 -2.67 9.39
C ASP A 24 5.65 -3.57 9.52
N LYS A 25 5.53 -4.81 9.08
CA LYS A 25 6.64 -5.76 9.18
C LYS A 25 7.45 -5.80 7.89
N CYS A 26 6.77 -6.01 6.76
CA CYS A 26 7.45 -6.08 5.46
C CYS A 26 8.22 -4.82 5.13
N MET A 27 7.62 -3.69 5.50
CA MET A 27 8.07 -2.37 5.06
C MET A 27 7.83 -2.24 3.54
N VAL A 28 6.75 -2.86 3.09
CA VAL A 28 6.36 -2.81 1.69
C VAL A 28 5.31 -1.73 1.45
N TRP A 29 4.95 -1.56 0.19
CA TRP A 29 3.97 -0.57 -0.20
C TRP A 29 2.73 -1.24 -0.79
N GLN A 30 1.55 -0.96 -0.23
CA GLN A 30 0.32 -1.59 -0.69
C GLN A 30 -0.82 -0.59 -0.79
N HIS A 31 -1.71 -0.79 -1.77
CA HIS A 31 -2.82 0.13 -2.03
C HIS A 31 -3.91 -0.03 -0.95
N CYS A 32 -4.37 1.10 -0.42
CA CYS A 32 -5.34 1.13 0.68
C CYS A 32 -6.64 0.38 0.37
N ASP A 33 -7.20 0.59 -0.82
CA ASP A 33 -8.47 -0.04 -1.20
C ASP A 33 -8.37 -1.56 -1.26
N CYS A 34 -7.22 -2.06 -1.66
CA CYS A 34 -7.00 -3.49 -1.81
C CYS A 34 -7.01 -4.19 -0.46
N MET A 35 -6.18 -3.70 0.44
CA MET A 35 -5.95 -4.37 1.70
C MET A 35 -7.01 -3.99 2.72
N GLY A 36 -7.86 -3.04 2.36
CA GLY A 36 -8.89 -2.57 3.26
C GLY A 36 -8.32 -1.75 4.40
N VAL A 37 -7.32 -0.94 4.09
CA VAL A 37 -6.63 -0.15 5.10
C VAL A 37 -7.39 1.15 5.34
N ASN A 38 -7.08 1.81 6.44
CA ASN A 38 -7.84 2.98 6.87
C ASN A 38 -7.01 4.24 6.84
N THR A 39 -5.75 4.10 6.45
CA THR A 39 -4.79 5.20 6.35
C THR A 39 -4.44 5.81 7.72
N ASP A 40 -5.38 5.82 8.66
CA ASP A 40 -5.11 6.35 9.99
C ASP A 40 -4.88 5.19 10.96
N VAL A 41 -4.40 4.09 10.43
CA VAL A 41 -4.13 2.90 11.24
C VAL A 41 -2.83 3.09 12.00
N GLU A 42 -2.74 2.54 13.21
CA GLU A 42 -1.52 2.64 14.00
C GLU A 42 -0.36 1.95 13.26
N HIS A 43 -0.58 0.70 12.93
CA HIS A 43 0.40 -0.09 12.18
C HIS A 43 -0.32 -1.10 11.31
N TYR A 44 -0.19 -0.96 10.01
CA TYR A 44 -0.87 -1.85 9.10
C TYR A 44 -0.04 -3.08 8.82
N LEU A 45 -0.68 -4.21 8.64
CA LEU A 45 0.02 -5.41 8.28
C LEU A 45 -0.64 -6.10 7.09
N CYS A 46 0.19 -6.54 6.16
CA CYS A 46 -0.28 -7.21 4.96
C CYS A 46 -0.83 -8.58 5.31
N GLU A 47 -1.51 -9.17 4.36
CA GLU A 47 -2.18 -10.45 4.50
C GLU A 47 -1.19 -11.58 4.76
N GLN A 48 0.07 -11.34 4.42
CA GLN A 48 1.11 -12.33 4.61
C GLN A 48 1.70 -12.26 6.02
N CYS A 49 1.53 -11.12 6.69
CA CYS A 49 2.02 -10.95 8.06
C CYS A 49 0.90 -11.15 9.06
N ASP A 50 -0.29 -10.73 8.69
CA ASP A 50 -1.46 -10.82 9.56
C ASP A 50 -2.71 -11.01 8.71
N PRO A 51 -3.12 -12.28 8.51
CA PRO A 51 -4.30 -12.64 7.70
C PRO A 51 -5.54 -11.81 8.04
N ARG A 52 -6.04 -11.10 7.04
CA ARG A 52 -7.27 -10.32 7.18
C ARG A 52 -8.18 -10.61 6.00
N PRO A 53 -9.51 -10.56 6.19
CA PRO A 53 -10.47 -10.81 5.12
C PRO A 53 -10.34 -9.81 3.97
N VAL A 54 -10.11 -10.34 2.77
CA VAL A 54 -9.92 -9.50 1.59
C VAL A 54 -11.02 -9.78 0.56
N ASP A 55 -12.02 -8.93 0.55
CA ASP A 55 -13.12 -9.05 -0.41
C ASP A 55 -13.26 -7.75 -1.18
N ARG A 56 -12.65 -7.71 -2.35
CA ARG A 56 -12.66 -6.51 -3.17
C ARG A 56 -13.71 -6.63 -4.27
N ALA B 1 0.32 4.42 10.26
CA ALA B 1 0.23 3.94 8.86
C ALA B 1 0.79 5.00 7.92
N ARG B 2 2.07 4.87 7.59
CA ARG B 2 2.67 5.80 6.65
C ARG B 2 2.03 5.63 5.28
N THR B 3 1.33 6.66 4.84
CA THR B 3 0.55 6.62 3.63
C THR B 3 1.06 7.59 2.58
N GLN B 5 0.66 8.84 -1.03
CA GLN B 5 -0.21 8.90 -2.17
C GLN B 5 0.57 9.33 -3.40
N THR B 6 0.96 8.35 -4.20
CA THR B 6 1.75 8.59 -5.39
C THR B 6 0.88 8.49 -6.64
N ALA B 7 0.21 9.58 -6.96
CA ALA B 7 -0.66 9.62 -8.12
C ALA B 7 -0.28 10.77 -9.04
N ARG B 8 0.95 11.25 -8.92
CA ARG B 8 1.41 12.37 -9.72
C ARG B 8 2.79 12.09 -10.31
N LYS B 9 2.92 10.98 -11.01
CA LYS B 9 4.15 10.70 -11.75
C LYS B 9 3.81 10.41 -13.20
N SER B 10 2.57 10.03 -13.45
CA SER B 10 2.07 9.81 -14.80
C SER B 10 1.19 10.98 -15.22
N THR B 11 1.39 12.12 -14.57
CA THR B 11 0.58 13.30 -14.80
C THR B 11 1.09 14.10 -16.00
N GLY B 12 2.38 14.42 -15.99
CA GLY B 12 2.95 15.21 -17.06
C GLY B 12 4.45 15.05 -17.17
N GLY B 13 4.88 13.84 -17.50
CA GLY B 13 6.30 13.59 -17.63
C GLY B 13 6.57 12.16 -18.07
N LYS B 14 7.74 11.96 -18.67
CA LYS B 14 8.15 10.64 -19.15
C LYS B 14 7.22 10.16 -20.26
N ALA B 15 6.97 11.03 -21.23
CA ALA B 15 6.14 10.68 -22.38
C ALA B 15 6.79 9.54 -23.17
N SER A 1 12.01 -5.07 3.41
CA SER A 1 12.97 -6.17 3.65
C SER A 1 14.12 -6.09 2.64
N GLY A 2 13.78 -5.99 1.35
CA GLY A 2 14.78 -5.83 0.32
C GLY A 2 14.83 -4.41 -0.16
N GLY A 3 14.50 -3.49 0.74
CA GLY A 3 14.40 -2.10 0.42
C GLY A 3 13.20 -1.48 1.07
N ARG A 4 13.05 -0.17 0.94
CA ARG A 4 11.92 0.53 1.51
C ARG A 4 10.91 0.84 0.41
N ASP A 5 11.41 1.01 -0.80
CA ASP A 5 10.57 1.19 -1.97
C ASP A 5 10.27 -0.17 -2.58
N VAL A 6 9.33 -0.88 -1.98
CA VAL A 6 8.97 -2.21 -2.45
C VAL A 6 7.46 -2.36 -2.55
N ILE A 7 6.95 -2.57 -3.76
CA ILE A 7 5.54 -2.89 -3.93
C ILE A 7 5.31 -4.36 -3.72
N ARG A 8 4.47 -4.71 -2.77
CA ARG A 8 4.01 -6.07 -2.66
C ARG A 8 2.55 -6.06 -2.24
N CYS A 9 1.65 -5.97 -3.20
CA CYS A 9 0.24 -5.90 -2.91
C CYS A 9 -0.46 -7.20 -3.28
N ILE A 10 -1.68 -7.35 -2.80
CA ILE A 10 -2.52 -8.49 -3.17
C ILE A 10 -2.89 -8.40 -4.64
N CYS A 11 -2.73 -7.21 -5.19
CA CYS A 11 -2.83 -6.99 -6.62
C CYS A 11 -1.91 -7.95 -7.40
N GLY A 12 -0.69 -8.14 -6.89
CA GLY A 12 0.30 -8.88 -7.65
C GLY A 12 0.93 -7.97 -8.68
N LEU A 13 0.56 -6.70 -8.59
CA LEU A 13 1.02 -5.69 -9.52
C LEU A 13 1.89 -4.68 -8.81
N TYR A 14 3.17 -4.76 -9.08
CA TYR A 14 4.11 -3.73 -8.66
C TYR A 14 3.79 -2.41 -9.37
N LYS A 15 3.06 -1.55 -8.67
CA LYS A 15 2.71 -0.23 -9.20
C LYS A 15 2.38 0.74 -8.08
N ASP A 16 3.24 1.74 -7.89
CA ASP A 16 3.00 2.79 -6.90
C ASP A 16 1.97 3.79 -7.43
N GLU A 17 0.72 3.57 -7.07
CA GLU A 17 -0.38 4.41 -7.53
C GLU A 17 -1.46 4.52 -6.48
N GLY A 18 -2.07 5.69 -6.41
CA GLY A 18 -3.08 5.94 -5.40
C GLY A 18 -2.47 6.13 -4.04
N LEU A 19 -3.26 5.95 -2.99
CA LEU A 19 -2.74 6.04 -1.64
C LEU A 19 -2.22 4.68 -1.21
N MET A 20 -0.98 4.64 -0.73
CA MET A 20 -0.39 3.37 -0.33
C MET A 20 0.15 3.44 1.08
N ILE A 21 0.02 2.33 1.79
CA ILE A 21 0.47 2.20 3.16
C ILE A 21 1.69 1.29 3.20
N GLN A 22 2.42 1.37 4.29
CA GLN A 22 3.64 0.58 4.45
C GLN A 22 3.42 -0.58 5.43
N CYS A 23 3.60 -1.84 4.97
CA CYS A 23 3.48 -2.99 5.88
C CYS A 23 4.54 -2.90 6.97
N ASP A 24 4.07 -2.89 8.22
CA ASP A 24 4.94 -2.73 9.40
C ASP A 24 6.08 -3.72 9.43
N LYS A 25 5.84 -4.94 8.99
CA LYS A 25 6.85 -5.99 9.06
C LYS A 25 7.66 -6.09 7.76
N CYS A 26 6.97 -6.17 6.63
CA CYS A 26 7.64 -6.24 5.32
C CYS A 26 8.46 -4.99 5.04
N MET A 27 7.89 -3.87 5.42
CA MET A 27 8.34 -2.55 4.97
C MET A 27 8.16 -2.46 3.45
N VAL A 28 6.93 -2.73 3.03
CA VAL A 28 6.51 -2.64 1.64
C VAL A 28 5.43 -1.59 1.49
N TRP A 29 4.98 -1.36 0.28
CA TRP A 29 3.84 -0.49 0.06
C TRP A 29 2.72 -1.23 -0.61
N GLN A 30 1.51 -0.90 -0.20
CA GLN A 30 0.30 -1.55 -0.70
C GLN A 30 -0.84 -0.53 -0.81
N HIS A 31 -1.71 -0.72 -1.80
CA HIS A 31 -2.81 0.23 -2.07
C HIS A 31 -3.92 0.05 -1.04
N CYS A 32 -4.33 1.17 -0.42
CA CYS A 32 -5.35 1.20 0.62
C CYS A 32 -6.66 0.50 0.20
N ASP A 33 -7.05 0.67 -1.07
CA ASP A 33 -8.30 0.09 -1.58
C ASP A 33 -8.31 -1.42 -1.40
N CYS A 34 -7.34 -2.07 -2.03
CA CYS A 34 -7.29 -3.52 -2.09
C CYS A 34 -7.17 -4.14 -0.70
N MET A 35 -6.37 -3.53 0.16
CA MET A 35 -6.11 -4.08 1.47
C MET A 35 -7.17 -3.63 2.49
N GLY A 36 -8.05 -2.73 2.07
CA GLY A 36 -9.12 -2.25 2.93
C GLY A 36 -8.59 -1.48 4.13
N VAL A 37 -7.58 -0.66 3.90
CA VAL A 37 -6.91 0.07 4.98
C VAL A 37 -7.61 1.40 5.25
N ASN A 38 -7.31 1.99 6.40
CA ASN A 38 -7.99 3.20 6.84
C ASN A 38 -7.03 4.39 6.82
N THR A 39 -5.80 4.12 6.40
CA THR A 39 -4.72 5.13 6.31
C THR A 39 -4.28 5.67 7.67
N ASP A 40 -5.22 5.85 8.59
CA ASP A 40 -4.90 6.36 9.91
C ASP A 40 -4.85 5.22 10.91
N VAL A 41 -4.53 4.03 10.40
CA VAL A 41 -4.50 2.83 11.22
C VAL A 41 -3.25 2.85 12.12
N GLU A 42 -3.35 2.31 13.32
CA GLU A 42 -2.21 2.29 14.24
C GLU A 42 -0.98 1.70 13.55
N HIS A 43 -1.14 0.49 13.03
CA HIS A 43 -0.06 -0.21 12.35
C HIS A 43 -0.63 -1.15 11.29
N TYR A 44 -0.31 -0.88 10.03
CA TYR A 44 -0.84 -1.68 8.95
C TYR A 44 0.08 -2.86 8.63
N LEU A 45 -0.51 -4.02 8.51
CA LEU A 45 0.21 -5.21 8.12
C LEU A 45 -0.47 -5.88 6.95
N CYS A 46 0.33 -6.31 6.00
CA CYS A 46 -0.16 -7.01 4.84
C CYS A 46 -0.77 -8.34 5.26
N GLU A 47 -1.57 -8.89 4.38
CA GLU A 47 -2.28 -10.14 4.58
C GLU A 47 -1.33 -11.32 4.78
N GLN A 48 -0.09 -11.12 4.40
CA GLN A 48 0.94 -12.14 4.53
C GLN A 48 1.52 -12.14 5.94
N CYS A 49 1.57 -10.97 6.56
CA CYS A 49 2.10 -10.85 7.93
C CYS A 49 1.00 -11.04 8.95
N ASP A 50 -0.19 -10.56 8.61
CA ASP A 50 -1.33 -10.67 9.50
C ASP A 50 -2.61 -10.87 8.69
N PRO A 51 -2.94 -12.15 8.41
CA PRO A 51 -4.11 -12.52 7.60
C PRO A 51 -5.40 -11.82 8.03
N ARG A 52 -6.01 -11.10 7.09
CA ARG A 52 -7.29 -10.45 7.33
C ARG A 52 -8.26 -10.84 6.20
N PRO A 53 -9.55 -11.01 6.51
CA PRO A 53 -10.56 -11.42 5.52
C PRO A 53 -10.66 -10.45 4.35
N VAL A 54 -10.40 -10.95 3.15
CA VAL A 54 -10.44 -10.14 1.94
C VAL A 54 -11.54 -10.62 1.01
N ASP A 55 -12.63 -9.88 0.96
CA ASP A 55 -13.70 -10.19 0.02
C ASP A 55 -13.84 -9.06 -1.01
N ARG A 56 -13.14 -9.22 -2.12
CA ARG A 56 -13.22 -8.24 -3.20
C ARG A 56 -13.96 -8.85 -4.38
N ALA B 1 0.36 3.91 10.47
CA ALA B 1 0.15 3.58 9.03
C ALA B 1 0.61 4.73 8.15
N ARG B 2 1.87 4.70 7.73
CA ARG B 2 2.38 5.73 6.84
C ARG B 2 1.70 5.66 5.48
N THR B 3 1.25 6.81 5.01
CA THR B 3 0.46 6.90 3.80
C THR B 3 1.18 7.73 2.75
N GLN B 5 0.73 8.79 -0.70
CA GLN B 5 -0.17 8.92 -1.84
C GLN B 5 0.65 9.25 -3.08
N THR B 6 0.70 8.29 -3.99
CA THR B 6 1.50 8.43 -5.19
C THR B 6 0.64 8.15 -6.41
N ALA B 7 -0.31 9.04 -6.65
CA ALA B 7 -1.18 8.91 -7.80
C ALA B 7 -0.79 9.96 -8.84
N ARG B 8 0.18 9.61 -9.67
CA ARG B 8 0.64 10.50 -10.71
C ARG B 8 -0.22 10.30 -11.95
N LYS B 9 -1.51 10.50 -11.76
CA LYS B 9 -2.50 10.27 -12.80
C LYS B 9 -3.13 11.59 -13.23
N SER B 10 -2.62 12.14 -14.32
CA SER B 10 -3.08 13.43 -14.82
C SER B 10 -4.58 13.39 -15.08
N THR B 11 -5.33 14.12 -14.28
CA THR B 11 -6.76 14.21 -14.43
C THR B 11 -7.18 15.65 -14.62
N GLY B 12 -7.06 16.13 -15.85
CA GLY B 12 -7.36 17.52 -16.15
C GLY B 12 -6.10 18.35 -16.24
N GLY B 13 -4.95 17.68 -16.18
CA GLY B 13 -3.67 18.36 -16.28
C GLY B 13 -3.34 19.10 -15.01
N LYS B 14 -2.78 20.30 -15.15
CA LYS B 14 -2.44 21.16 -14.02
C LYS B 14 -1.47 20.44 -13.08
N ALA B 15 -0.43 19.84 -13.65
CA ALA B 15 0.55 19.11 -12.86
C ALA B 15 1.93 19.25 -13.48
N SER A 1 10.67 8.11 0.05
CA SER A 1 11.24 7.42 1.23
C SER A 1 10.28 6.34 1.71
N GLY A 2 10.71 5.08 1.63
CA GLY A 2 9.88 4.00 2.08
C GLY A 2 10.63 2.68 2.13
N GLY A 3 11.69 2.65 2.92
CA GLY A 3 12.47 1.44 3.08
C GLY A 3 13.33 1.17 1.86
N ARG A 4 12.89 0.21 1.05
CA ARG A 4 13.59 -0.12 -0.17
C ARG A 4 12.64 0.00 -1.37
N ASP A 5 11.50 0.67 -1.13
CA ASP A 5 10.55 1.02 -2.19
C ASP A 5 9.94 -0.22 -2.83
N VAL A 6 9.53 -1.17 -2.00
CA VAL A 6 8.97 -2.41 -2.49
C VAL A 6 7.45 -2.36 -2.60
N ILE A 7 6.93 -2.63 -3.79
CA ILE A 7 5.50 -2.84 -3.95
C ILE A 7 5.20 -4.31 -3.74
N ARG A 8 4.40 -4.63 -2.76
CA ARG A 8 3.95 -6.00 -2.62
C ARG A 8 2.50 -6.00 -2.21
N CYS A 9 1.60 -5.97 -3.18
CA CYS A 9 0.18 -5.90 -2.89
C CYS A 9 -0.49 -7.20 -3.30
N ILE A 10 -1.68 -7.43 -2.76
CA ILE A 10 -2.49 -8.58 -3.15
C ILE A 10 -2.83 -8.49 -4.63
N CYS A 11 -2.75 -7.27 -5.16
CA CYS A 11 -2.84 -7.04 -6.60
C CYS A 11 -1.89 -7.95 -7.39
N GLY A 12 -0.66 -8.11 -6.90
CA GLY A 12 0.38 -8.75 -7.69
C GLY A 12 0.92 -7.77 -8.70
N LEU A 13 0.48 -6.53 -8.57
CA LEU A 13 0.84 -5.47 -9.48
C LEU A 13 1.77 -4.48 -8.81
N TYR A 14 3.05 -4.63 -9.05
CA TYR A 14 4.06 -3.70 -8.59
C TYR A 14 3.90 -2.35 -9.31
N LYS A 15 2.99 -1.53 -8.81
CA LYS A 15 2.78 -0.20 -9.34
C LYS A 15 2.49 0.77 -8.21
N ASP A 16 3.42 1.66 -7.98
CA ASP A 16 3.22 2.77 -7.06
C ASP A 16 2.17 3.71 -7.64
N GLU A 17 0.96 3.63 -7.12
CA GLU A 17 -0.14 4.47 -7.58
C GLU A 17 -1.21 4.61 -6.52
N GLY A 18 -1.73 5.82 -6.40
CA GLY A 18 -2.78 6.11 -5.44
C GLY A 18 -2.24 6.19 -4.02
N LEU A 19 -3.14 6.11 -3.06
CA LEU A 19 -2.74 6.11 -1.66
C LEU A 19 -2.24 4.73 -1.27
N MET A 20 -0.98 4.66 -0.89
CA MET A 20 -0.40 3.40 -0.47
C MET A 20 0.11 3.50 0.96
N ILE A 21 -0.04 2.41 1.68
CA ILE A 21 0.39 2.34 3.06
C ILE A 21 1.58 1.40 3.16
N GLN A 22 2.27 1.47 4.27
CA GLN A 22 3.47 0.69 4.49
C GLN A 22 3.19 -0.51 5.41
N CYS A 23 3.38 -1.77 4.92
CA CYS A 23 3.20 -2.93 5.80
C CYS A 23 4.17 -2.83 6.96
N ASP A 24 3.60 -2.93 8.14
CA ASP A 24 4.32 -2.70 9.40
C ASP A 24 5.61 -3.51 9.49
N LYS A 25 5.60 -4.73 8.96
CA LYS A 25 6.76 -5.60 9.04
C LYS A 25 7.52 -5.68 7.72
N CYS A 26 6.79 -5.75 6.61
CA CYS A 26 7.43 -5.77 5.29
C CYS A 26 8.18 -4.48 5.00
N MET A 27 7.57 -3.39 5.43
CA MET A 27 7.98 -2.04 5.05
C MET A 27 7.77 -1.82 3.55
N VAL A 28 6.83 -2.61 3.01
CA VAL A 28 6.42 -2.49 1.61
C VAL A 28 5.36 -1.41 1.44
N TRP A 29 4.93 -1.20 0.21
CA TRP A 29 3.81 -0.32 -0.04
C TRP A 29 2.68 -1.09 -0.69
N GLN A 30 1.47 -0.79 -0.24
CA GLN A 30 0.27 -1.47 -0.69
C GLN A 30 -0.88 -0.49 -0.79
N HIS A 31 -1.74 -0.68 -1.80
CA HIS A 31 -2.84 0.25 -2.06
C HIS A 31 -3.94 0.06 -1.00
N CYS A 32 -4.39 1.18 -0.42
CA CYS A 32 -5.37 1.20 0.66
C CYS A 32 -6.67 0.46 0.29
N ASP A 33 -7.10 0.60 -0.95
CA ASP A 33 -8.37 0.00 -1.42
C ASP A 33 -8.36 -1.52 -1.31
N CYS A 34 -7.36 -2.15 -1.90
CA CYS A 34 -7.31 -3.59 -1.99
C CYS A 34 -7.17 -4.24 -0.62
N MET A 35 -6.29 -3.70 0.21
CA MET A 35 -6.02 -4.30 1.51
C MET A 35 -7.09 -3.94 2.53
N GLY A 36 -7.90 -2.94 2.19
CA GLY A 36 -8.93 -2.48 3.10
C GLY A 36 -8.36 -1.70 4.27
N VAL A 37 -7.40 -0.82 3.97
CA VAL A 37 -6.72 -0.06 5.01
C VAL A 37 -7.43 1.26 5.25
N ASN A 38 -7.12 1.88 6.38
CA ASN A 38 -7.84 3.08 6.82
C ASN A 38 -6.92 4.30 6.80
N THR A 39 -5.66 4.08 6.44
CA THR A 39 -4.63 5.11 6.37
C THR A 39 -4.26 5.68 7.75
N ASP A 40 -5.24 5.82 8.64
CA ASP A 40 -4.98 6.35 9.98
C ASP A 40 -4.77 5.21 10.98
N VAL A 41 -4.43 4.05 10.46
CA VAL A 41 -4.28 2.86 11.29
C VAL A 41 -2.98 2.92 12.10
N GLU A 42 -2.98 2.39 13.31
CA GLU A 42 -1.77 2.36 14.12
C GLU A 42 -0.68 1.57 13.41
N HIS A 43 -1.00 0.33 13.06
CA HIS A 43 -0.07 -0.51 12.30
C HIS A 43 -0.84 -1.27 11.24
N TYR A 44 -0.49 -1.07 9.99
CA TYR A 44 -1.05 -1.90 8.96
C TYR A 44 -0.13 -3.07 8.68
N LEU A 45 -0.70 -4.25 8.57
CA LEU A 45 0.07 -5.41 8.19
C LEU A 45 -0.58 -6.13 7.03
N CYS A 46 0.24 -6.51 6.06
CA CYS A 46 -0.23 -7.19 4.87
C CYS A 46 -0.74 -8.57 5.25
N GLU A 47 -1.45 -9.18 4.33
CA GLU A 47 -2.09 -10.47 4.54
C GLU A 47 -1.07 -11.59 4.71
N GLN A 48 0.19 -11.28 4.43
CA GLN A 48 1.26 -12.26 4.60
C GLN A 48 1.91 -12.16 5.99
N CYS A 49 1.75 -11.01 6.65
CA CYS A 49 2.31 -10.83 7.98
C CYS A 49 1.26 -11.07 9.06
N ASP A 50 0.03 -10.66 8.78
CA ASP A 50 -1.06 -10.85 9.71
C ASP A 50 -2.36 -10.95 8.93
N PRO A 51 -2.80 -12.20 8.64
CA PRO A 51 -4.02 -12.46 7.86
C PRO A 51 -5.19 -11.58 8.28
N ARG A 52 -5.67 -10.77 7.35
CA ARG A 52 -6.78 -9.86 7.62
C ARG A 52 -7.85 -10.06 6.57
N PRO A 53 -9.13 -9.83 6.93
CA PRO A 53 -10.26 -9.98 6.01
C PRO A 53 -10.12 -9.09 4.79
N VAL A 54 -10.06 -9.70 3.62
CA VAL A 54 -9.92 -8.98 2.38
C VAL A 54 -11.10 -9.25 1.46
N ASP A 55 -12.01 -8.29 1.39
CA ASP A 55 -13.16 -8.40 0.49
C ASP A 55 -12.76 -7.89 -0.87
N ARG A 56 -12.17 -8.77 -1.67
CA ARG A 56 -11.71 -8.43 -3.00
C ARG A 56 -12.16 -9.48 -4.00
N ALA B 1 0.40 3.92 10.39
CA ALA B 1 0.21 3.64 8.94
C ALA B 1 0.64 4.84 8.11
N ARG B 2 1.92 4.91 7.79
CA ARG B 2 2.42 5.99 6.96
C ARG B 2 1.82 5.90 5.57
N THR B 3 1.18 6.99 5.16
CA THR B 3 0.45 7.05 3.91
C THR B 3 1.25 7.78 2.83
N GLN B 5 0.78 8.80 -1.04
CA GLN B 5 -0.13 8.91 -2.17
C GLN B 5 0.62 9.39 -3.41
N THR B 6 0.46 8.66 -4.50
CA THR B 6 1.15 8.98 -5.73
C THR B 6 0.20 8.93 -6.92
N ALA B 7 0.68 9.45 -8.05
CA ALA B 7 -0.05 9.45 -9.32
C ALA B 7 0.68 10.32 -10.32
N ARG B 8 1.15 11.47 -9.85
CA ARG B 8 1.86 12.42 -10.71
C ARG B 8 3.18 12.83 -10.07
N LYS B 9 4.23 12.10 -10.39
CA LYS B 9 5.56 12.43 -9.91
C LYS B 9 6.39 13.05 -11.03
N SER B 10 5.69 13.70 -11.95
CA SER B 10 6.32 14.33 -13.10
C SER B 10 7.10 15.56 -12.65
N THR B 11 8.41 15.41 -12.57
CA THR B 11 9.29 16.48 -12.10
C THR B 11 9.68 17.42 -13.24
N GLY B 12 9.51 16.96 -14.47
CA GLY B 12 9.84 17.78 -15.62
C GLY B 12 8.84 18.91 -15.81
N GLY B 13 7.57 18.55 -15.91
CA GLY B 13 6.52 19.54 -16.05
C GLY B 13 5.51 19.16 -17.10
N LYS B 14 4.27 18.95 -16.67
CA LYS B 14 3.19 18.60 -17.58
C LYS B 14 2.05 19.61 -17.47
N ALA B 15 1.99 20.31 -16.34
CA ALA B 15 0.94 21.29 -16.10
C ALA B 15 1.42 22.68 -16.48
N SER A 1 17.62 -1.40 5.49
CA SER A 1 17.52 -2.40 4.41
C SER A 1 16.08 -2.89 4.27
N GLY A 2 15.23 -2.06 3.67
CA GLY A 2 13.84 -2.40 3.53
C GLY A 2 13.30 -2.13 2.14
N GLY A 3 14.20 -1.78 1.22
CA GLY A 3 13.79 -1.51 -0.14
C GLY A 3 13.26 -0.09 -0.32
N ARG A 4 12.22 0.25 0.45
CA ARG A 4 11.60 1.58 0.43
C ARG A 4 10.79 1.82 -0.84
N ASP A 5 10.96 0.96 -1.84
CA ASP A 5 10.22 1.08 -3.09
C ASP A 5 9.58 -0.24 -3.47
N VAL A 6 9.35 -1.09 -2.47
CA VAL A 6 8.83 -2.43 -2.73
C VAL A 6 7.30 -2.46 -2.70
N ILE A 7 6.66 -2.66 -3.84
CA ILE A 7 5.21 -2.86 -3.85
C ILE A 7 4.92 -4.34 -3.74
N ARG A 8 4.20 -4.75 -2.73
CA ARG A 8 3.78 -6.15 -2.67
C ARG A 8 2.36 -6.24 -2.14
N CYS A 9 1.37 -6.17 -3.02
CA CYS A 9 0.01 -6.24 -2.58
C CYS A 9 -0.75 -7.40 -3.20
N ILE A 10 -1.94 -7.64 -2.66
CA ILE A 10 -2.82 -8.69 -3.12
C ILE A 10 -3.29 -8.47 -4.56
N CYS A 11 -3.19 -7.22 -5.04
CA CYS A 11 -3.38 -6.97 -6.47
C CYS A 11 -2.44 -7.86 -7.24
N GLY A 12 -1.21 -7.94 -6.72
CA GLY A 12 -0.14 -8.57 -7.45
C GLY A 12 0.40 -7.59 -8.44
N LEU A 13 0.05 -6.32 -8.26
CA LEU A 13 0.38 -5.29 -9.21
C LEU A 13 1.38 -4.32 -8.62
N TYR A 14 2.63 -4.56 -8.94
CA TYR A 14 3.72 -3.70 -8.54
C TYR A 14 3.66 -2.36 -9.30
N LYS A 15 2.83 -1.46 -8.81
CA LYS A 15 2.75 -0.13 -9.37
C LYS A 15 2.45 0.85 -8.25
N ASP A 16 3.37 1.75 -8.01
CA ASP A 16 3.14 2.85 -7.10
C ASP A 16 2.01 3.73 -7.64
N GLU A 17 0.83 3.62 -7.05
CA GLU A 17 -0.32 4.41 -7.48
C GLU A 17 -1.27 4.68 -6.31
N GLY A 18 -1.86 5.88 -6.32
CA GLY A 18 -2.85 6.23 -5.31
C GLY A 18 -2.27 6.35 -3.93
N LEU A 19 -3.12 6.19 -2.94
CA LEU A 19 -2.69 6.22 -1.56
C LEU A 19 -2.22 4.83 -1.15
N MET A 20 -0.95 4.73 -0.78
CA MET A 20 -0.38 3.46 -0.39
C MET A 20 0.18 3.51 1.02
N ILE A 21 0.08 2.39 1.73
CA ILE A 21 0.54 2.29 3.09
C ILE A 21 1.77 1.40 3.15
N GLN A 22 2.49 1.48 4.23
CA GLN A 22 3.71 0.69 4.41
C GLN A 22 3.47 -0.40 5.45
N CYS A 23 3.54 -1.68 5.05
CA CYS A 23 3.34 -2.77 6.00
C CYS A 23 4.41 -2.73 7.08
N ASP A 24 3.95 -2.67 8.32
CA ASP A 24 4.79 -2.44 9.50
C ASP A 24 5.98 -3.39 9.58
N LYS A 25 5.79 -4.64 9.19
CA LYS A 25 6.85 -5.63 9.33
C LYS A 25 7.73 -5.74 8.09
N CYS A 26 7.14 -6.05 6.95
CA CYS A 26 7.94 -6.30 5.76
C CYS A 26 8.30 -4.99 5.03
N MET A 27 7.70 -3.87 5.48
CA MET A 27 8.10 -2.53 5.07
C MET A 27 7.89 -2.32 3.58
N VAL A 28 6.83 -2.91 3.09
CA VAL A 28 6.43 -2.81 1.69
C VAL A 28 5.42 -1.69 1.47
N TRP A 29 5.03 -1.53 0.22
CA TRP A 29 4.03 -0.57 -0.17
C TRP A 29 2.80 -1.28 -0.70
N GLN A 30 1.63 -0.92 -0.17
CA GLN A 30 0.40 -1.54 -0.63
C GLN A 30 -0.72 -0.51 -0.74
N HIS A 31 -1.63 -0.72 -1.68
CA HIS A 31 -2.73 0.22 -1.93
C HIS A 31 -3.78 0.09 -0.84
N CYS A 32 -4.28 1.22 -0.34
CA CYS A 32 -5.35 1.24 0.65
C CYS A 32 -6.58 0.49 0.15
N ASP A 33 -6.89 0.64 -1.14
CA ASP A 33 -8.04 -0.03 -1.75
C ASP A 33 -7.95 -1.54 -1.58
N CYS A 34 -6.89 -2.14 -2.11
CA CYS A 34 -6.81 -3.60 -2.16
C CYS A 34 -6.88 -4.20 -0.76
N MET A 35 -6.08 -3.67 0.14
CA MET A 35 -5.94 -4.25 1.46
C MET A 35 -7.02 -3.72 2.41
N GLY A 36 -7.88 -2.84 1.91
CA GLY A 36 -8.98 -2.32 2.71
C GLY A 36 -8.49 -1.52 3.91
N VAL A 37 -7.42 -0.79 3.70
CA VAL A 37 -6.75 -0.07 4.79
C VAL A 37 -7.47 1.23 5.09
N ASN A 38 -7.22 1.76 6.27
CA ASN A 38 -7.95 2.92 6.76
C ASN A 38 -7.08 4.17 6.76
N THR A 39 -5.81 3.97 6.38
CA THR A 39 -4.80 5.03 6.29
C THR A 39 -4.42 5.59 7.67
N ASP A 40 -5.38 5.71 8.56
CA ASP A 40 -5.11 6.22 9.90
C ASP A 40 -4.94 5.07 10.88
N VAL A 41 -4.61 3.90 10.34
CA VAL A 41 -4.48 2.69 11.15
C VAL A 41 -3.23 2.79 12.05
N GLU A 42 -3.30 2.25 13.26
CA GLU A 42 -2.14 2.29 14.16
C GLU A 42 -0.91 1.70 13.49
N HIS A 43 -1.04 0.47 13.02
CA HIS A 43 0.03 -0.19 12.30
C HIS A 43 -0.54 -1.18 11.29
N TYR A 44 -0.29 -0.91 10.01
CA TYR A 44 -0.85 -1.74 8.95
C TYR A 44 0.05 -2.93 8.66
N LEU A 45 -0.56 -4.08 8.46
CA LEU A 45 0.17 -5.27 8.10
C LEU A 45 -0.53 -6.02 6.97
N CYS A 46 0.28 -6.46 6.01
CA CYS A 46 -0.20 -7.19 4.84
C CYS A 46 -0.65 -8.58 5.25
N GLU A 47 -1.29 -9.27 4.32
CA GLU A 47 -1.85 -10.59 4.56
C GLU A 47 -0.75 -11.62 4.84
N GLN A 48 0.48 -11.32 4.43
CA GLN A 48 1.59 -12.23 4.67
C GLN A 48 2.16 -12.08 6.08
N CYS A 49 2.04 -10.89 6.66
CA CYS A 49 2.55 -10.66 8.00
C CYS A 49 1.43 -10.90 9.02
N ASP A 50 0.21 -10.58 8.64
CA ASP A 50 -0.95 -10.73 9.49
C ASP A 50 -2.18 -11.02 8.64
N PRO A 51 -2.52 -12.30 8.48
CA PRO A 51 -3.68 -12.73 7.69
C PRO A 51 -4.95 -11.94 8.03
N ARG A 52 -5.45 -11.23 7.03
CA ARG A 52 -6.69 -10.48 7.17
C ARG A 52 -7.58 -10.81 5.98
N PRO A 53 -8.91 -10.78 6.16
CA PRO A 53 -9.86 -11.13 5.10
C PRO A 53 -9.66 -10.31 3.83
N VAL A 54 -9.36 -11.00 2.74
CA VAL A 54 -9.20 -10.38 1.44
C VAL A 54 -10.32 -10.84 0.53
N ASP A 55 -11.34 -10.01 0.39
CA ASP A 55 -12.51 -10.35 -0.41
C ASP A 55 -12.78 -9.26 -1.43
N ARG A 56 -12.14 -9.39 -2.59
CA ARG A 56 -12.29 -8.40 -3.65
C ARG A 56 -12.28 -9.09 -5.02
N ALA B 1 0.11 4.19 10.48
CA ALA B 1 0.04 3.79 9.05
C ALA B 1 0.55 4.93 8.17
N ARG B 2 1.83 4.88 7.83
CA ARG B 2 2.41 5.90 6.97
C ARG B 2 1.78 5.82 5.60
N THR B 3 1.14 6.92 5.22
CA THR B 3 0.39 7.00 3.99
C THR B 3 1.14 7.80 2.93
N GLN B 5 0.48 9.08 -0.71
CA GLN B 5 -0.45 9.31 -1.79
C GLN B 5 0.29 9.84 -2.99
N THR B 6 0.38 9.03 -4.02
CA THR B 6 1.09 9.43 -5.22
C THR B 6 0.12 9.80 -6.34
N ALA B 7 -0.16 8.84 -7.23
CA ALA B 7 -1.05 9.04 -8.38
C ALA B 7 -0.48 10.05 -9.37
N ARG B 8 -0.46 11.31 -8.98
CA ARG B 8 0.04 12.38 -9.83
C ARG B 8 1.54 12.53 -9.66
N LYS B 9 2.28 12.03 -10.65
CA LYS B 9 3.73 12.11 -10.65
C LYS B 9 4.22 12.21 -12.10
N SER B 10 3.89 13.33 -12.75
CA SER B 10 4.14 13.50 -14.17
C SER B 10 3.40 12.40 -14.94
N THR B 11 2.15 12.18 -14.55
CA THR B 11 1.35 11.10 -15.08
C THR B 11 0.36 11.62 -16.13
N GLY B 12 0.64 12.80 -16.66
CA GLY B 12 -0.24 13.42 -17.63
C GLY B 12 -1.61 13.73 -17.06
N GLY B 13 -2.63 13.16 -17.65
CA GLY B 13 -3.99 13.39 -17.17
C GLY B 13 -4.57 12.17 -16.49
N LYS B 14 -3.72 11.19 -16.19
CA LYS B 14 -4.17 9.96 -15.54
C LYS B 14 -4.54 10.21 -14.08
N ALA B 15 -4.04 11.31 -13.54
CA ALA B 15 -4.32 11.67 -12.16
C ALA B 15 -4.68 13.14 -12.07
N SER A 1 17.97 -5.27 3.13
CA SER A 1 17.25 -5.42 4.42
C SER A 1 16.29 -4.26 4.64
N GLY A 2 15.01 -4.58 4.80
CA GLY A 2 14.01 -3.57 4.98
C GLY A 2 13.03 -3.51 3.82
N GLY A 3 13.08 -2.42 3.08
CA GLY A 3 12.19 -2.26 1.95
C GLY A 3 12.20 -0.83 1.43
N ARG A 4 11.24 -0.03 1.89
CA ARG A 4 11.16 1.40 1.58
C ARG A 4 10.72 1.66 0.14
N ASP A 5 11.15 0.82 -0.79
CA ASP A 5 10.75 0.94 -2.18
C ASP A 5 10.40 -0.44 -2.72
N VAL A 6 9.53 -1.13 -2.01
CA VAL A 6 9.10 -2.47 -2.41
C VAL A 6 7.59 -2.56 -2.49
N ILE A 7 7.04 -2.60 -3.70
CA ILE A 7 5.61 -2.83 -3.88
C ILE A 7 5.31 -4.31 -3.72
N ARG A 8 4.46 -4.67 -2.79
CA ARG A 8 3.96 -6.02 -2.75
C ARG A 8 2.50 -6.02 -2.33
N CYS A 9 1.60 -5.88 -3.30
CA CYS A 9 0.20 -5.83 -3.00
C CYS A 9 -0.47 -7.15 -3.37
N ILE A 10 -1.68 -7.34 -2.85
CA ILE A 10 -2.50 -8.47 -3.24
C ILE A 10 -2.82 -8.40 -4.72
N CYS A 11 -2.67 -7.19 -5.29
CA CYS A 11 -2.68 -7.00 -6.73
C CYS A 11 -1.70 -7.92 -7.45
N GLY A 12 -0.49 -8.05 -6.90
CA GLY A 12 0.58 -8.69 -7.62
C GLY A 12 1.18 -7.73 -8.63
N LEU A 13 0.66 -6.50 -8.62
CA LEU A 13 1.11 -5.45 -9.50
C LEU A 13 1.99 -4.46 -8.76
N TYR A 14 3.29 -4.57 -8.99
CA TYR A 14 4.24 -3.57 -8.53
C TYR A 14 3.96 -2.23 -9.23
N LYS A 15 3.04 -1.47 -8.64
CA LYS A 15 2.66 -0.17 -9.18
C LYS A 15 2.39 0.79 -8.04
N ASP A 16 3.25 1.79 -7.92
CA ASP A 16 3.08 2.86 -6.95
C ASP A 16 1.95 3.78 -7.43
N GLU A 17 0.74 3.48 -6.99
CA GLU A 17 -0.46 4.16 -7.47
C GLU A 17 -1.43 4.42 -6.32
N GLY A 18 -2.08 5.57 -6.36
CA GLY A 18 -3.08 5.89 -5.35
C GLY A 18 -2.48 6.08 -3.97
N LEU A 19 -3.32 6.03 -2.96
CA LEU A 19 -2.85 6.09 -1.59
C LEU A 19 -2.34 4.73 -1.17
N MET A 20 -1.10 4.67 -0.74
CA MET A 20 -0.50 3.41 -0.36
C MET A 20 0.05 3.45 1.06
N ILE A 21 0.02 2.30 1.71
CA ILE A 21 0.50 2.16 3.06
C ILE A 21 1.72 1.25 3.08
N GLN A 22 2.47 1.34 4.15
CA GLN A 22 3.66 0.55 4.31
C GLN A 22 3.42 -0.59 5.31
N CYS A 23 3.59 -1.86 4.88
CA CYS A 23 3.43 -2.98 5.81
C CYS A 23 4.45 -2.86 6.94
N ASP A 24 3.95 -2.81 8.17
CA ASP A 24 4.76 -2.57 9.36
C ASP A 24 5.94 -3.55 9.47
N LYS A 25 5.73 -4.77 9.00
CA LYS A 25 6.78 -5.79 9.05
C LYS A 25 7.57 -5.84 7.75
N CYS A 26 6.86 -5.96 6.64
CA CYS A 26 7.50 -6.03 5.32
C CYS A 26 8.31 -4.79 5.00
N MET A 27 7.77 -3.65 5.41
CA MET A 27 8.25 -2.35 4.99
C MET A 27 7.99 -2.15 3.50
N VAL A 28 6.94 -2.80 3.02
CA VAL A 28 6.52 -2.74 1.62
C VAL A 28 5.49 -1.64 1.39
N TRP A 29 5.02 -1.56 0.16
CA TRP A 29 4.04 -0.57 -0.25
C TRP A 29 2.80 -1.25 -0.83
N GLN A 30 1.61 -0.95 -0.27
CA GLN A 30 0.38 -1.58 -0.72
C GLN A 30 -0.77 -0.58 -0.82
N HIS A 31 -1.73 -0.84 -1.72
CA HIS A 31 -2.83 0.10 -1.99
C HIS A 31 -3.94 -0.04 -0.94
N CYS A 32 -4.36 1.10 -0.38
CA CYS A 32 -5.40 1.15 0.67
C CYS A 32 -6.70 0.44 0.25
N ASP A 33 -7.17 0.70 -0.98
CA ASP A 33 -8.43 0.12 -1.46
C ASP A 33 -8.41 -1.40 -1.49
N CYS A 34 -7.24 -1.97 -1.71
CA CYS A 34 -7.08 -3.40 -1.85
C CYS A 34 -7.15 -4.10 -0.50
N MET A 35 -6.31 -3.63 0.40
CA MET A 35 -6.11 -4.31 1.66
C MET A 35 -7.17 -3.89 2.68
N GLY A 36 -8.01 -2.94 2.29
CA GLY A 36 -9.06 -2.46 3.19
C GLY A 36 -8.51 -1.64 4.33
N VAL A 37 -7.48 -0.86 4.06
CA VAL A 37 -6.81 -0.08 5.10
C VAL A 37 -7.57 1.21 5.35
N ASN A 38 -7.25 1.87 6.44
CA ASN A 38 -7.99 3.07 6.85
C ASN A 38 -7.07 4.29 6.87
N THR A 39 -5.84 4.09 6.39
CA THR A 39 -4.81 5.13 6.28
C THR A 39 -4.31 5.65 7.63
N ASP A 40 -5.20 5.79 8.60
CA ASP A 40 -4.82 6.29 9.91
C ASP A 40 -4.68 5.12 10.90
N VAL A 41 -4.40 3.95 10.35
CA VAL A 41 -4.30 2.74 11.17
C VAL A 41 -3.02 2.78 12.02
N GLU A 42 -3.08 2.26 13.24
CA GLU A 42 -1.92 2.27 14.12
C GLU A 42 -0.70 1.69 13.42
N HIS A 43 -0.85 0.48 12.91
CA HIS A 43 0.21 -0.20 12.18
C HIS A 43 -0.40 -1.12 11.14
N TYR A 44 -0.16 -0.84 9.87
CA TYR A 44 -0.75 -1.63 8.82
C TYR A 44 0.10 -2.85 8.52
N LEU A 45 -0.53 -4.00 8.42
CA LEU A 45 0.15 -5.21 8.08
C LEU A 45 -0.54 -5.92 6.93
N CYS A 46 0.26 -6.36 5.97
CA CYS A 46 -0.23 -7.06 4.80
C CYS A 46 -0.82 -8.40 5.22
N GLU A 47 -1.55 -9.00 4.30
CA GLU A 47 -2.25 -10.25 4.54
C GLU A 47 -1.28 -11.41 4.77
N GLN A 48 0.00 -11.17 4.50
CA GLN A 48 1.02 -12.19 4.68
C GLN A 48 1.65 -12.09 6.07
N CYS A 49 1.55 -10.94 6.71
CA CYS A 49 2.08 -10.75 8.06
C CYS A 49 0.98 -10.90 9.10
N ASP A 50 -0.22 -10.49 8.72
CA ASP A 50 -1.37 -10.58 9.61
C ASP A 50 -2.63 -10.81 8.78
N PRO A 51 -2.99 -12.09 8.58
CA PRO A 51 -4.16 -12.49 7.78
C PRO A 51 -5.42 -11.71 8.13
N ARG A 52 -5.97 -11.00 7.16
CA ARG A 52 -7.22 -10.27 7.34
C ARG A 52 -8.15 -10.60 6.18
N PRO A 53 -9.48 -10.54 6.41
CA PRO A 53 -10.47 -10.82 5.36
C PRO A 53 -10.34 -9.87 4.17
N VAL A 54 -10.06 -10.44 3.01
CA VAL A 54 -9.88 -9.67 1.79
C VAL A 54 -10.82 -10.16 0.71
N ASP A 55 -11.88 -9.42 0.48
CA ASP A 55 -12.84 -9.75 -0.57
C ASP A 55 -12.25 -9.39 -1.94
N ARG A 56 -11.54 -10.35 -2.50
CA ARG A 56 -10.95 -10.20 -3.82
C ARG A 56 -12.02 -10.29 -4.90
N ALA B 1 0.40 3.96 10.31
CA ALA B 1 0.21 3.59 8.89
C ALA B 1 0.72 4.71 7.99
N ARG B 2 1.99 4.66 7.62
CA ARG B 2 2.56 5.69 6.76
C ARG B 2 1.90 5.64 5.39
N THR B 3 1.06 6.65 5.15
CA THR B 3 0.34 6.81 3.89
C THR B 3 1.12 7.64 2.89
N GLN B 5 0.55 9.02 -0.84
CA GLN B 5 -0.49 9.22 -1.84
C GLN B 5 0.13 9.60 -3.18
N THR B 6 0.43 8.60 -3.97
CA THR B 6 1.05 8.81 -5.26
C THR B 6 0.01 8.61 -6.37
N ALA B 7 0.41 8.93 -7.59
CA ALA B 7 -0.35 8.57 -8.78
C ALA B 7 0.48 8.82 -10.02
N ARG B 8 0.55 10.08 -10.44
CA ARG B 8 1.30 10.48 -11.63
C ARG B 8 0.87 9.61 -12.83
N LYS B 9 1.73 9.54 -13.83
CA LYS B 9 1.53 8.62 -14.96
C LYS B 9 0.14 8.81 -15.59
N SER B 10 -0.08 9.98 -16.18
CA SER B 10 -1.37 10.31 -16.77
C SER B 10 -1.83 9.22 -17.74
N THR B 11 -3.06 8.76 -17.56
CA THR B 11 -3.61 7.68 -18.35
C THR B 11 -5.04 8.02 -18.78
N GLY B 12 -5.37 7.64 -20.00
CA GLY B 12 -6.68 7.91 -20.54
C GLY B 12 -6.63 8.23 -22.02
N GLY B 13 -5.63 9.01 -22.41
CA GLY B 13 -5.49 9.38 -23.80
C GLY B 13 -4.09 9.12 -24.33
N LYS B 14 -3.35 8.26 -23.64
CA LYS B 14 -1.98 7.96 -24.05
C LYS B 14 -1.95 6.79 -25.03
N ALA B 15 -2.96 5.95 -24.96
CA ALA B 15 -3.08 4.81 -25.86
C ALA B 15 -4.26 5.00 -26.79
N SER A 1 18.81 9.57 2.02
CA SER A 1 19.43 8.65 2.99
C SER A 1 19.29 7.20 2.54
N GLY A 2 18.11 6.84 2.08
CA GLY A 2 17.89 5.49 1.63
C GLY A 2 16.42 5.11 1.64
N GLY A 3 15.93 4.66 0.50
CA GLY A 3 14.55 4.24 0.40
C GLY A 3 14.45 2.75 0.15
N ARG A 4 13.31 2.30 -0.33
CA ARG A 4 13.12 0.88 -0.60
C ARG A 4 12.17 0.68 -1.78
N ASP A 5 11.13 1.50 -1.85
CA ASP A 5 10.14 1.45 -2.95
C ASP A 5 9.76 0.02 -3.30
N VAL A 6 9.35 -0.75 -2.31
CA VAL A 6 8.97 -2.13 -2.54
C VAL A 6 7.47 -2.27 -2.62
N ILE A 7 6.96 -2.54 -3.81
CA ILE A 7 5.54 -2.80 -3.98
C ILE A 7 5.27 -4.27 -3.78
N ARG A 8 4.44 -4.61 -2.83
CA ARG A 8 3.96 -5.96 -2.72
C ARG A 8 2.51 -5.96 -2.30
N CYS A 9 1.60 -5.89 -3.26
CA CYS A 9 0.18 -5.83 -2.96
C CYS A 9 -0.49 -7.14 -3.35
N ILE A 10 -1.66 -7.37 -2.77
CA ILE A 10 -2.49 -8.51 -3.14
C ILE A 10 -2.85 -8.45 -4.61
N CYS A 11 -2.79 -7.24 -5.17
CA CYS A 11 -2.89 -7.04 -6.62
C CYS A 11 -1.96 -7.98 -7.39
N GLY A 12 -0.74 -8.15 -6.89
CA GLY A 12 0.28 -8.82 -7.66
C GLY A 12 0.91 -7.84 -8.62
N LEU A 13 0.40 -6.61 -8.61
CA LEU A 13 0.88 -5.56 -9.48
C LEU A 13 1.81 -4.64 -8.73
N TYR A 14 3.09 -4.77 -9.02
CA TYR A 14 4.07 -3.78 -8.59
C TYR A 14 3.80 -2.46 -9.29
N LYS A 15 2.95 -1.65 -8.69
CA LYS A 15 2.61 -0.35 -9.22
C LYS A 15 2.48 0.66 -8.08
N ASP A 16 3.20 1.75 -8.21
CA ASP A 16 3.13 2.85 -7.28
C ASP A 16 2.00 3.78 -7.72
N GLU A 17 0.80 3.57 -7.19
CA GLU A 17 -0.36 4.35 -7.60
C GLU A 17 -1.38 4.46 -6.46
N GLY A 18 -2.06 5.60 -6.43
CA GLY A 18 -3.07 5.87 -5.42
C GLY A 18 -2.46 6.16 -4.07
N LEU A 19 -3.22 5.89 -3.01
CA LEU A 19 -2.72 6.03 -1.65
C LEU A 19 -2.20 4.69 -1.19
N MET A 20 -0.95 4.65 -0.75
CA MET A 20 -0.34 3.40 -0.35
C MET A 20 0.19 3.46 1.07
N ILE A 21 0.05 2.35 1.78
CA ILE A 21 0.48 2.24 3.16
C ILE A 21 1.71 1.36 3.22
N GLN A 22 2.40 1.41 4.35
CA GLN A 22 3.62 0.65 4.57
C GLN A 22 3.34 -0.54 5.48
N CYS A 23 3.59 -1.78 5.01
CA CYS A 23 3.48 -2.94 5.91
C CYS A 23 4.53 -2.81 7.00
N ASP A 24 4.06 -2.75 8.25
CA ASP A 24 4.91 -2.51 9.43
C ASP A 24 6.12 -3.45 9.48
N LYS A 25 5.96 -4.66 8.98
CA LYS A 25 7.04 -5.64 8.99
C LYS A 25 7.81 -5.65 7.66
N CYS A 26 7.08 -5.78 6.56
CA CYS A 26 7.69 -5.79 5.22
C CYS A 26 8.43 -4.49 4.91
N MET A 27 7.83 -3.40 5.35
CA MET A 27 8.23 -2.03 4.98
C MET A 27 7.86 -1.74 3.52
N VAL A 28 7.02 -2.61 2.97
CA VAL A 28 6.54 -2.49 1.59
C VAL A 28 5.47 -1.42 1.47
N TRP A 29 5.01 -1.21 0.24
CA TRP A 29 3.86 -0.36 0.00
C TRP A 29 2.74 -1.15 -0.63
N GLN A 30 1.53 -0.84 -0.23
CA GLN A 30 0.35 -1.51 -0.73
C GLN A 30 -0.81 -0.51 -0.84
N HIS A 31 -1.70 -0.75 -1.80
CA HIS A 31 -2.80 0.18 -2.07
C HIS A 31 -3.92 0.02 -1.05
N CYS A 32 -4.29 1.13 -0.40
CA CYS A 32 -5.34 1.15 0.64
C CYS A 32 -6.63 0.48 0.19
N ASP A 33 -7.00 0.70 -1.08
CA ASP A 33 -8.26 0.18 -1.63
C ASP A 33 -8.34 -1.34 -1.51
N CYS A 34 -7.31 -2.02 -1.99
CA CYS A 34 -7.30 -3.46 -2.06
C CYS A 34 -7.20 -4.10 -0.68
N MET A 35 -6.34 -3.57 0.17
CA MET A 35 -6.11 -4.17 1.47
C MET A 35 -7.19 -3.77 2.46
N GLY A 36 -8.03 -2.80 2.08
CA GLY A 36 -9.09 -2.34 2.95
C GLY A 36 -8.57 -1.54 4.13
N VAL A 37 -7.51 -0.78 3.90
CA VAL A 37 -6.87 -0.02 4.97
C VAL A 37 -7.60 1.29 5.20
N ASN A 38 -7.31 1.94 6.31
CA ASN A 38 -8.02 3.16 6.71
C ASN A 38 -7.08 4.34 6.74
N THR A 39 -5.81 4.07 6.38
CA THR A 39 -4.73 5.07 6.37
C THR A 39 -4.37 5.60 7.77
N ASP A 40 -5.36 5.71 8.63
CA ASP A 40 -5.14 6.21 9.98
C ASP A 40 -5.03 5.05 10.96
N VAL A 41 -4.64 3.89 10.43
CA VAL A 41 -4.53 2.69 11.26
C VAL A 41 -3.25 2.77 12.11
N GLU A 42 -3.29 2.27 13.34
CA GLU A 42 -2.11 2.32 14.22
C GLU A 42 -0.90 1.73 13.50
N HIS A 43 -1.05 0.49 13.04
CA HIS A 43 0.03 -0.19 12.34
C HIS A 43 -0.55 -1.14 11.29
N TYR A 44 -0.26 -0.87 10.04
CA TYR A 44 -0.78 -1.69 8.96
C TYR A 44 0.16 -2.84 8.65
N LEU A 45 -0.42 -4.01 8.44
CA LEU A 45 0.33 -5.19 8.08
C LEU A 45 -0.35 -5.91 6.93
N CYS A 46 0.47 -6.32 5.97
CA CYS A 46 -0.03 -7.04 4.80
C CYS A 46 -0.55 -8.40 5.22
N GLU A 47 -1.35 -8.98 4.33
CA GLU A 47 -2.03 -10.23 4.60
C GLU A 47 -1.06 -11.40 4.76
N GLN A 48 0.19 -11.17 4.38
CA GLN A 48 1.23 -12.18 4.53
C GLN A 48 1.85 -12.13 5.91
N CYS A 49 1.82 -10.96 6.55
CA CYS A 49 2.35 -10.81 7.89
C CYS A 49 1.26 -11.01 8.92
N ASP A 50 0.06 -10.53 8.60
CA ASP A 50 -1.06 -10.58 9.51
C ASP A 50 -2.36 -10.68 8.72
N PRO A 51 -2.85 -11.92 8.50
CA PRO A 51 -4.09 -12.18 7.75
C PRO A 51 -5.25 -11.29 8.19
N ARG A 52 -5.75 -10.48 7.25
CA ARG A 52 -6.85 -9.57 7.53
C ARG A 52 -7.91 -9.70 6.43
N PRO A 53 -9.20 -9.46 6.78
CA PRO A 53 -10.30 -9.54 5.81
C PRO A 53 -10.10 -8.62 4.62
N VAL A 54 -10.29 -9.16 3.43
CA VAL A 54 -10.11 -8.41 2.20
C VAL A 54 -11.30 -8.60 1.28
N ASP A 55 -12.12 -7.56 1.17
CA ASP A 55 -13.26 -7.58 0.26
C ASP A 55 -13.05 -6.60 -0.89
N ARG A 56 -12.42 -7.09 -1.95
CA ARG A 56 -12.16 -6.27 -3.13
C ARG A 56 -13.28 -6.45 -4.16
N ALA B 1 0.04 4.10 10.49
CA ALA B 1 -0.05 3.65 9.09
C ALA B 1 0.58 4.69 8.16
N ARG B 2 1.79 4.41 7.71
CA ARG B 2 2.49 5.34 6.83
C ARG B 2 1.77 5.47 5.50
N THR B 3 1.24 6.65 5.24
CA THR B 3 0.44 6.88 4.05
C THR B 3 1.21 7.72 3.02
N GLN B 5 0.46 8.94 -0.77
CA GLN B 5 -0.38 9.03 -1.95
C GLN B 5 0.45 9.52 -3.14
N THR B 6 0.25 8.90 -4.28
CA THR B 6 1.01 9.25 -5.46
C THR B 6 0.10 9.64 -6.62
N ALA B 7 -0.45 8.61 -7.29
CA ALA B 7 -1.34 8.80 -8.42
C ALA B 7 -0.67 9.67 -9.49
N ARG B 8 0.32 9.10 -10.17
CA ARG B 8 1.02 9.80 -11.22
C ARG B 8 0.88 9.02 -12.53
N LYS B 9 -0.36 8.85 -12.94
CA LYS B 9 -0.67 8.16 -14.19
C LYS B 9 -1.09 9.17 -15.25
N SER B 10 -1.21 10.41 -14.82
CA SER B 10 -1.54 11.51 -15.71
C SER B 10 -0.42 11.75 -16.71
N THR B 11 -0.77 12.27 -17.88
CA THR B 11 0.21 12.59 -18.90
C THR B 11 0.73 14.02 -18.72
N GLY B 12 0.16 14.71 -17.74
CA GLY B 12 0.64 16.04 -17.39
C GLY B 12 0.11 17.11 -18.33
N GLY B 13 -1.05 16.87 -18.91
CA GLY B 13 -1.64 17.85 -19.81
C GLY B 13 -2.87 18.51 -19.21
N LYS B 14 -3.77 18.95 -20.08
CA LYS B 14 -5.05 19.55 -19.67
C LYS B 14 -4.82 20.81 -18.83
N ALA B 15 -3.94 21.68 -19.30
CA ALA B 15 -3.66 22.93 -18.60
C ALA B 15 -3.66 24.10 -19.57
N SER A 1 13.99 -2.76 7.12
CA SER A 1 15.45 -2.68 7.35
C SER A 1 16.19 -2.28 6.08
N GLY A 2 16.36 -3.23 5.17
CA GLY A 2 17.11 -2.97 3.95
C GLY A 2 16.22 -2.57 2.80
N GLY A 3 14.92 -2.79 2.95
CA GLY A 3 13.98 -2.44 1.90
C GLY A 3 13.28 -1.14 2.18
N ARG A 4 12.88 -0.45 1.12
CA ARG A 4 12.17 0.82 1.24
C ARG A 4 11.18 0.98 0.08
N ASP A 5 11.65 0.64 -1.11
CA ASP A 5 10.83 0.78 -2.30
C ASP A 5 10.41 -0.60 -2.78
N VAL A 6 9.53 -1.23 -2.02
CA VAL A 6 9.03 -2.56 -2.38
C VAL A 6 7.50 -2.56 -2.44
N ILE A 7 6.96 -2.56 -3.64
CA ILE A 7 5.52 -2.75 -3.82
C ILE A 7 5.22 -4.23 -3.76
N ARG A 8 4.44 -4.65 -2.79
CA ARG A 8 3.94 -6.01 -2.83
C ARG A 8 2.49 -6.01 -2.41
N CYS A 9 1.61 -5.81 -3.36
CA CYS A 9 0.19 -5.77 -3.06
C CYS A 9 -0.49 -7.07 -3.45
N ILE A 10 -1.65 -7.31 -2.84
CA ILE A 10 -2.50 -8.45 -3.18
C ILE A 10 -2.92 -8.38 -4.64
N CYS A 11 -2.86 -7.17 -5.21
CA CYS A 11 -3.03 -6.97 -6.65
C CYS A 11 -2.20 -7.98 -7.46
N GLY A 12 -1.01 -8.30 -6.96
CA GLY A 12 -0.10 -9.14 -7.71
C GLY A 12 0.64 -8.30 -8.71
N LEU A 13 0.38 -7.00 -8.62
CA LEU A 13 0.92 -6.02 -9.53
C LEU A 13 1.83 -5.07 -8.79
N TYR A 14 3.12 -5.22 -9.00
CA TYR A 14 4.06 -4.20 -8.58
C TYR A 14 3.82 -2.93 -9.41
N LYS A 15 3.03 -2.04 -8.84
CA LYS A 15 2.80 -0.73 -9.42
C LYS A 15 2.38 0.24 -8.33
N ASP A 16 3.05 1.37 -8.29
CA ASP A 16 2.79 2.39 -7.27
C ASP A 16 1.79 3.41 -7.80
N GLU A 17 0.62 3.45 -7.18
CA GLU A 17 -0.37 4.47 -7.50
C GLU A 17 -1.41 4.55 -6.39
N GLY A 18 -1.94 5.74 -6.19
CA GLY A 18 -2.99 5.92 -5.22
C GLY A 18 -2.43 6.23 -3.85
N LEU A 19 -3.23 5.98 -2.83
CA LEU A 19 -2.76 6.12 -1.47
C LEU A 19 -2.25 4.76 -1.00
N MET A 20 -0.97 4.70 -0.66
CA MET A 20 -0.39 3.43 -0.28
C MET A 20 0.22 3.49 1.11
N ILE A 21 0.13 2.36 1.80
CA ILE A 21 0.60 2.26 3.15
C ILE A 21 1.81 1.35 3.20
N GLN A 22 2.55 1.44 4.28
CA GLN A 22 3.73 0.62 4.48
C GLN A 22 3.39 -0.51 5.45
N CYS A 23 3.59 -1.77 5.04
CA CYS A 23 3.41 -2.86 5.99
C CYS A 23 4.51 -2.82 7.03
N ASP A 24 4.10 -2.71 8.29
CA ASP A 24 5.00 -2.53 9.43
C ASP A 24 6.11 -3.56 9.48
N LYS A 25 5.80 -4.80 9.13
CA LYS A 25 6.77 -5.88 9.28
C LYS A 25 7.76 -5.91 8.13
N CYS A 26 7.23 -6.15 6.94
CA CYS A 26 8.07 -6.43 5.79
C CYS A 26 8.50 -5.15 5.10
N MET A 27 7.86 -4.02 5.45
CA MET A 27 8.21 -2.71 4.91
C MET A 27 8.01 -2.72 3.40
N VAL A 28 6.76 -2.92 3.02
CA VAL A 28 6.35 -2.87 1.64
C VAL A 28 5.33 -1.76 1.44
N TRP A 29 4.99 -1.54 0.19
CA TRP A 29 4.02 -0.53 -0.19
C TRP A 29 2.78 -1.19 -0.78
N GLN A 30 1.61 -0.88 -0.23
CA GLN A 30 0.37 -1.52 -0.69
C GLN A 30 -0.78 -0.50 -0.78
N HIS A 31 -1.66 -0.70 -1.76
CA HIS A 31 -2.77 0.23 -2.01
C HIS A 31 -3.89 0.03 -0.99
N CYS A 32 -4.32 1.14 -0.37
CA CYS A 32 -5.39 1.13 0.64
C CYS A 32 -6.67 0.46 0.14
N ASP A 33 -7.04 0.71 -1.12
CA ASP A 33 -8.30 0.20 -1.69
C ASP A 33 -8.39 -1.34 -1.68
N CYS A 34 -7.28 -2.01 -1.95
CA CYS A 34 -7.27 -3.46 -2.04
C CYS A 34 -7.17 -4.09 -0.66
N MET A 35 -6.29 -3.56 0.18
CA MET A 35 -6.05 -4.16 1.49
C MET A 35 -7.12 -3.74 2.49
N GLY A 36 -7.97 -2.82 2.07
CA GLY A 36 -9.04 -2.34 2.94
C GLY A 36 -8.50 -1.53 4.10
N VAL A 37 -7.45 -0.77 3.85
CA VAL A 37 -6.80 0.00 4.90
C VAL A 37 -7.55 1.30 5.15
N ASN A 38 -7.29 1.90 6.31
CA ASN A 38 -8.03 3.07 6.75
C ASN A 38 -7.14 4.30 6.74
N THR A 39 -5.87 4.09 6.39
CA THR A 39 -4.84 5.14 6.34
C THR A 39 -4.49 5.68 7.73
N ASP A 40 -5.47 5.80 8.60
CA ASP A 40 -5.25 6.30 9.95
C ASP A 40 -5.08 5.12 10.90
N VAL A 41 -4.67 3.99 10.34
CA VAL A 41 -4.54 2.76 11.11
C VAL A 41 -3.29 2.83 12.01
N GLU A 42 -3.36 2.27 13.21
CA GLU A 42 -2.21 2.24 14.10
C GLU A 42 -1.05 1.53 13.42
N HIS A 43 -1.29 0.29 13.02
CA HIS A 43 -0.26 -0.48 12.29
C HIS A 43 -0.92 -1.22 11.13
N TYR A 44 -0.50 -0.91 9.92
CA TYR A 44 -0.98 -1.65 8.78
C TYR A 44 -0.05 -2.82 8.50
N LEU A 45 -0.64 -3.98 8.31
CA LEU A 45 0.12 -5.17 8.02
C LEU A 45 -0.52 -5.96 6.89
N CYS A 46 0.33 -6.37 5.96
CA CYS A 46 -0.10 -7.10 4.78
C CYS A 46 -0.57 -8.49 5.17
N GLU A 47 -1.22 -9.15 4.22
CA GLU A 47 -1.80 -10.47 4.44
C GLU A 47 -0.72 -11.52 4.68
N GLN A 48 0.53 -11.17 4.42
CA GLN A 48 1.64 -12.08 4.65
C GLN A 48 2.15 -12.00 6.09
N CYS A 49 2.05 -10.82 6.69
CA CYS A 49 2.54 -10.63 8.05
C CYS A 49 1.41 -10.81 9.06
N ASP A 50 0.21 -10.42 8.67
CA ASP A 50 -0.98 -10.57 9.51
C ASP A 50 -2.18 -10.90 8.64
N PRO A 51 -2.48 -12.20 8.48
CA PRO A 51 -3.60 -12.67 7.68
C PRO A 51 -4.91 -11.91 7.96
N ARG A 52 -5.44 -11.26 6.94
CA ARG A 52 -6.72 -10.58 7.05
C ARG A 52 -7.58 -10.97 5.85
N PRO A 53 -8.92 -10.94 5.99
CA PRO A 53 -9.85 -11.24 4.89
C PRO A 53 -9.58 -10.38 3.67
N VAL A 54 -9.51 -11.01 2.51
CA VAL A 54 -9.24 -10.31 1.27
C VAL A 54 -10.26 -10.68 0.21
N ASP A 55 -11.26 -9.80 0.07
CA ASP A 55 -12.31 -9.97 -0.92
C ASP A 55 -12.48 -8.67 -1.71
N ARG A 56 -11.71 -8.54 -2.78
CA ARG A 56 -11.74 -7.33 -3.60
C ARG A 56 -12.91 -7.36 -4.56
N ALA B 1 0.02 4.31 10.46
CA ALA B 1 0.06 3.82 9.06
C ALA B 1 0.70 4.88 8.16
N ARG B 2 1.91 4.61 7.68
CA ARG B 2 2.60 5.52 6.78
C ARG B 2 1.84 5.62 5.46
N THR B 3 1.21 6.76 5.25
CA THR B 3 0.38 6.97 4.06
C THR B 3 1.12 7.79 3.01
N GLN B 5 0.46 8.90 -0.72
CA GLN B 5 -0.41 9.02 -1.88
C GLN B 5 0.38 9.57 -3.06
N THR B 6 0.62 8.71 -4.03
CA THR B 6 1.44 9.05 -5.17
C THR B 6 0.61 9.43 -6.39
N ALA B 7 -0.65 9.02 -6.38
CA ALA B 7 -1.53 9.26 -7.53
C ALA B 7 -1.85 10.74 -7.67
N ARG B 8 -1.25 11.36 -8.67
CA ARG B 8 -1.50 12.76 -8.96
C ARG B 8 -2.04 12.92 -10.37
N LYS B 9 -2.12 11.81 -11.10
CA LYS B 9 -2.58 11.85 -12.48
C LYS B 9 -4.09 11.77 -12.56
N SER B 10 -4.75 12.64 -11.80
CA SER B 10 -6.20 12.70 -11.79
C SER B 10 -6.71 13.40 -13.05
N THR B 11 -5.88 14.26 -13.62
CA THR B 11 -6.20 14.94 -14.84
C THR B 11 -5.52 14.24 -16.02
N GLY B 12 -6.07 13.10 -16.41
CA GLY B 12 -5.51 12.33 -17.51
C GLY B 12 -6.20 12.64 -18.81
N GLY B 13 -7.41 13.14 -18.72
CA GLY B 13 -8.15 13.56 -19.89
C GLY B 13 -8.65 14.98 -19.75
N LYS B 14 -8.47 15.76 -20.81
CA LYS B 14 -8.91 17.15 -20.80
C LYS B 14 -10.39 17.24 -21.08
N ALA B 15 -11.15 17.69 -20.09
CA ALA B 15 -12.59 17.82 -20.24
C ALA B 15 -12.93 19.05 -21.07
N SER A 1 15.58 -8.85 1.52
CA SER A 1 16.17 -8.33 2.77
C SER A 1 16.16 -6.80 2.78
N GLY A 2 15.22 -6.22 3.52
CA GLY A 2 15.13 -4.78 3.62
C GLY A 2 14.56 -4.15 2.37
N GLY A 3 15.19 -3.08 1.91
CA GLY A 3 14.74 -2.41 0.71
C GLY A 3 14.35 -0.96 0.97
N ARG A 4 14.32 -0.16 -0.09
CA ARG A 4 13.92 1.23 0.02
C ARG A 4 12.55 1.44 -0.59
N ASP A 5 12.29 0.72 -1.67
CA ASP A 5 11.05 0.90 -2.43
C ASP A 5 10.52 -0.44 -2.90
N VAL A 6 9.67 -1.05 -2.08
CA VAL A 6 9.11 -2.36 -2.40
C VAL A 6 7.59 -2.31 -2.42
N ILE A 7 7.02 -2.33 -3.62
CA ILE A 7 5.58 -2.44 -3.78
C ILE A 7 5.19 -3.90 -3.82
N ARG A 8 4.46 -4.37 -2.84
CA ARG A 8 4.00 -5.74 -2.88
C ARG A 8 2.55 -5.80 -2.47
N CYS A 9 1.66 -5.62 -3.43
CA CYS A 9 0.24 -5.67 -3.14
C CYS A 9 -0.37 -7.00 -3.56
N ILE A 10 -1.53 -7.29 -2.96
CA ILE A 10 -2.34 -8.44 -3.32
C ILE A 10 -2.74 -8.39 -4.78
N CYS A 11 -2.68 -7.18 -5.35
CA CYS A 11 -2.83 -6.98 -6.79
C CYS A 11 -1.91 -7.90 -7.59
N GLY A 12 -0.70 -8.12 -7.08
CA GLY A 12 0.30 -8.83 -7.84
C GLY A 12 0.95 -7.91 -8.86
N LEU A 13 0.52 -6.65 -8.83
CA LEU A 13 1.03 -5.64 -9.74
C LEU A 13 1.85 -4.63 -8.97
N TYR A 14 3.15 -4.75 -9.06
CA TYR A 14 4.06 -3.76 -8.49
C TYR A 14 3.92 -2.43 -9.25
N LYS A 15 3.01 -1.59 -8.77
CA LYS A 15 2.84 -0.24 -9.28
C LYS A 15 2.45 0.69 -8.15
N ASP A 16 3.23 1.73 -7.99
CA ASP A 16 2.92 2.77 -7.02
C ASP A 16 1.77 3.63 -7.56
N GLU A 17 0.58 3.41 -7.06
CA GLU A 17 -0.58 4.15 -7.53
C GLU A 17 -1.59 4.33 -6.41
N GLY A 18 -2.23 5.50 -6.41
CA GLY A 18 -3.18 5.83 -5.36
C GLY A 18 -2.50 6.03 -4.03
N LEU A 19 -3.27 5.97 -2.97
CA LEU A 19 -2.74 6.07 -1.62
C LEU A 19 -2.25 4.70 -1.19
N MET A 20 -1.02 4.63 -0.70
CA MET A 20 -0.44 3.37 -0.31
C MET A 20 0.10 3.43 1.11
N ILE A 21 0.02 2.30 1.80
CA ILE A 21 0.47 2.18 3.17
C ILE A 21 1.70 1.28 3.21
N GLN A 22 2.42 1.35 4.30
CA GLN A 22 3.64 0.58 4.46
C GLN A 22 3.41 -0.57 5.46
N CYS A 23 3.54 -1.83 5.00
CA CYS A 23 3.38 -2.97 5.92
C CYS A 23 4.40 -2.87 7.05
N ASP A 24 3.89 -2.84 8.27
CA ASP A 24 4.70 -2.61 9.48
C ASP A 24 5.91 -3.53 9.56
N LYS A 25 5.75 -4.76 9.08
CA LYS A 25 6.81 -5.75 9.16
C LYS A 25 7.61 -5.81 7.85
N CYS A 26 6.89 -5.87 6.73
CA CYS A 26 7.54 -5.90 5.41
C CYS A 26 8.31 -4.62 5.10
N MET A 27 7.71 -3.51 5.50
CA MET A 27 8.15 -2.17 5.11
C MET A 27 7.67 -1.85 3.68
N VAL A 28 6.98 -2.83 3.08
CA VAL A 28 6.49 -2.72 1.70
C VAL A 28 5.40 -1.66 1.55
N TRP A 29 5.01 -1.46 0.29
CA TRP A 29 4.00 -0.48 -0.08
C TRP A 29 2.79 -1.17 -0.70
N GLN A 30 1.60 -0.91 -0.17
CA GLN A 30 0.39 -1.55 -0.68
C GLN A 30 -0.78 -0.54 -0.78
N HIS A 31 -1.67 -0.77 -1.74
CA HIS A 31 -2.79 0.15 -2.01
C HIS A 31 -3.87 0.00 -0.94
N CYS A 32 -4.27 1.14 -0.33
CA CYS A 32 -5.27 1.18 0.74
C CYS A 32 -6.59 0.48 0.38
N ASP A 33 -7.09 0.70 -0.84
CA ASP A 33 -8.37 0.11 -1.26
C ASP A 33 -8.33 -1.42 -1.23
N CYS A 34 -7.25 -1.99 -1.70
CA CYS A 34 -7.10 -3.43 -1.83
C CYS A 34 -7.13 -4.10 -0.47
N MET A 35 -6.29 -3.61 0.42
CA MET A 35 -6.07 -4.25 1.70
C MET A 35 -7.13 -3.80 2.70
N GLY A 36 -7.99 -2.88 2.28
CA GLY A 36 -9.05 -2.39 3.13
C GLY A 36 -8.53 -1.57 4.27
N VAL A 37 -7.49 -0.78 4.00
CA VAL A 37 -6.84 0.00 5.04
C VAL A 37 -7.53 1.34 5.21
N ASN A 38 -7.25 2.01 6.30
CA ASN A 38 -7.94 3.24 6.65
C ASN A 38 -6.97 4.41 6.75
N THR A 39 -5.71 4.13 6.41
CA THR A 39 -4.61 5.11 6.40
C THR A 39 -4.24 5.63 7.79
N ASP A 40 -5.21 5.80 8.67
CA ASP A 40 -4.95 6.30 10.01
C ASP A 40 -4.79 5.13 10.99
N VAL A 41 -4.51 3.95 10.44
CA VAL A 41 -4.43 2.74 11.26
C VAL A 41 -3.18 2.77 12.13
N GLU A 42 -3.24 2.24 13.35
CA GLU A 42 -2.11 2.23 14.26
C GLU A 42 -0.89 1.62 13.58
N HIS A 43 -1.05 0.41 13.07
CA HIS A 43 0.00 -0.28 12.34
C HIS A 43 -0.60 -1.20 11.29
N TYR A 44 -0.32 -0.93 10.03
CA TYR A 44 -0.87 -1.73 8.95
C TYR A 44 0.05 -2.90 8.66
N LEU A 45 -0.55 -4.08 8.52
CA LEU A 45 0.18 -5.26 8.14
C LEU A 45 -0.48 -5.94 6.96
N CYS A 46 0.33 -6.38 6.01
CA CYS A 46 -0.15 -7.08 4.84
C CYS A 46 -0.72 -8.43 5.26
N GLU A 47 -1.45 -9.01 4.34
CA GLU A 47 -2.14 -10.27 4.52
C GLU A 47 -1.16 -11.43 4.76
N GLN A 48 0.09 -11.22 4.39
CA GLN A 48 1.13 -12.22 4.58
C GLN A 48 1.69 -12.18 6.01
N CYS A 49 1.67 -10.99 6.62
CA CYS A 49 2.17 -10.85 7.99
C CYS A 49 1.05 -11.06 8.99
N ASP A 50 -0.14 -10.60 8.63
CA ASP A 50 -1.30 -10.72 9.51
C ASP A 50 -2.56 -10.89 8.66
N PRO A 51 -2.92 -12.16 8.37
CA PRO A 51 -4.07 -12.51 7.52
C PRO A 51 -5.35 -11.74 7.87
N ARG A 52 -5.87 -11.00 6.90
CA ARG A 52 -7.12 -10.27 7.08
C ARG A 52 -8.02 -10.52 5.88
N PRO A 53 -9.36 -10.46 6.07
CA PRO A 53 -10.33 -10.66 4.98
C PRO A 53 -10.09 -9.72 3.81
N VAL A 54 -10.05 -10.29 2.62
CA VAL A 54 -9.88 -9.52 1.40
C VAL A 54 -11.20 -9.45 0.65
N ASP A 55 -11.80 -8.28 0.61
CA ASP A 55 -13.06 -8.09 -0.08
C ASP A 55 -12.94 -6.94 -1.07
N ARG A 56 -12.69 -7.29 -2.33
CA ARG A 56 -12.53 -6.31 -3.38
C ARG A 56 -13.58 -6.53 -4.46
N ALA B 1 0.66 3.67 10.31
CA ALA B 1 0.26 3.48 8.89
C ALA B 1 0.70 4.66 8.04
N ARG B 2 1.99 4.73 7.74
CA ARG B 2 2.53 5.79 6.90
C ARG B 2 1.93 5.70 5.51
N THR B 3 1.38 6.81 5.04
CA THR B 3 0.66 6.84 3.77
C THR B 3 1.44 7.60 2.69
N GLN B 5 0.80 8.54 -1.14
CA GLN B 5 -0.09 8.59 -2.29
C GLN B 5 0.62 9.17 -3.49
N THR B 6 0.72 8.37 -4.54
CA THR B 6 1.36 8.82 -5.77
C THR B 6 0.32 9.22 -6.80
N ALA B 7 -0.33 8.23 -7.39
CA ALA B 7 -1.38 8.44 -8.39
C ALA B 7 -0.90 9.36 -9.50
N ARG B 8 0.11 8.90 -10.23
CA ARG B 8 0.69 9.71 -11.30
C ARG B 8 0.63 8.95 -12.62
N LYS B 9 -0.56 8.82 -13.17
CA LYS B 9 -0.75 8.21 -14.48
C LYS B 9 -1.58 9.13 -15.35
N SER B 10 -1.17 9.30 -16.60
CA SER B 10 -1.85 10.20 -17.52
C SER B 10 -1.91 11.61 -16.91
N THR B 11 -0.75 12.22 -16.77
CA THR B 11 -0.67 13.54 -16.17
C THR B 11 -0.84 14.62 -17.24
N GLY B 12 -1.80 15.51 -17.01
CA GLY B 12 -2.08 16.56 -17.97
C GLY B 12 -1.15 17.74 -17.83
N GLY B 13 -1.44 18.80 -18.56
CA GLY B 13 -0.60 19.98 -18.54
C GLY B 13 0.58 19.85 -19.49
N LYS B 14 0.37 19.13 -20.57
CA LYS B 14 1.42 18.93 -21.57
C LYS B 14 1.34 20.02 -22.64
N ALA B 15 2.13 21.07 -22.46
CA ALA B 15 2.12 22.17 -23.39
C ALA B 15 3.55 22.64 -23.65
N SER A 1 16.61 0.64 -6.47
CA SER A 1 15.21 0.24 -6.71
C SER A 1 14.82 -0.91 -5.79
N GLY A 2 15.10 -0.75 -4.50
CA GLY A 2 14.79 -1.79 -3.54
C GLY A 2 14.66 -1.25 -2.14
N GLY A 3 15.06 -2.05 -1.16
CA GLY A 3 14.95 -1.64 0.22
C GLY A 3 13.52 -1.57 0.69
N ARG A 4 13.01 -0.37 0.86
CA ARG A 4 11.63 -0.17 1.27
C ARG A 4 10.77 0.14 0.05
N ASP A 5 11.42 0.32 -1.09
CA ASP A 5 10.72 0.60 -2.33
C ASP A 5 10.21 -0.70 -2.94
N VAL A 6 9.27 -1.32 -2.25
CA VAL A 6 8.78 -2.64 -2.64
C VAL A 6 7.24 -2.67 -2.66
N ILE A 7 6.63 -2.69 -3.85
CA ILE A 7 5.16 -2.74 -3.96
C ILE A 7 4.66 -4.17 -3.95
N ARG A 8 4.43 -4.72 -2.79
CA ARG A 8 4.00 -6.12 -2.73
C ARG A 8 2.56 -6.19 -2.24
N CYS A 9 1.61 -6.14 -3.15
CA CYS A 9 0.24 -6.23 -2.72
C CYS A 9 -0.53 -7.38 -3.35
N ILE A 10 -1.69 -7.65 -2.75
CA ILE A 10 -2.60 -8.71 -3.17
C ILE A 10 -3.12 -8.48 -4.58
N CYS A 11 -3.06 -7.24 -5.07
CA CYS A 11 -3.29 -6.98 -6.50
C CYS A 11 -2.39 -7.90 -7.29
N GLY A 12 -1.15 -7.96 -6.84
CA GLY A 12 -0.11 -8.56 -7.63
C GLY A 12 0.42 -7.55 -8.60
N LEU A 13 -0.03 -6.31 -8.41
CA LEU A 13 0.30 -5.23 -9.31
C LEU A 13 1.33 -4.31 -8.69
N TYR A 14 2.56 -4.52 -9.09
CA TYR A 14 3.66 -3.69 -8.69
C TYR A 14 3.55 -2.30 -9.30
N LYS A 15 2.80 -1.41 -8.65
CA LYS A 15 2.65 -0.06 -9.15
C LYS A 15 2.41 0.94 -8.03
N ASP A 16 3.34 1.89 -7.91
CA ASP A 16 3.24 2.97 -6.94
C ASP A 16 2.27 4.04 -7.46
N GLU A 17 1.02 3.93 -7.04
CA GLU A 17 -0.03 4.84 -7.47
C GLU A 17 -1.20 4.79 -6.50
N GLY A 18 -1.90 5.90 -6.38
CA GLY A 18 -2.96 6.00 -5.41
C GLY A 18 -2.44 6.32 -4.03
N LEU A 19 -3.20 5.95 -3.01
CA LEU A 19 -2.75 6.08 -1.64
C LEU A 19 -2.24 4.74 -1.16
N MET A 20 -1.00 4.68 -0.74
CA MET A 20 -0.40 3.42 -0.36
C MET A 20 0.17 3.48 1.06
N ILE A 21 0.13 2.34 1.73
CA ILE A 21 0.57 2.22 3.09
C ILE A 21 1.79 1.30 3.14
N GLN A 22 2.49 1.33 4.25
CA GLN A 22 3.69 0.55 4.43
C GLN A 22 3.43 -0.60 5.41
N CYS A 23 3.64 -1.87 4.98
CA CYS A 23 3.52 -2.99 5.92
C CYS A 23 4.58 -2.84 7.02
N ASP A 24 4.09 -2.79 8.26
CA ASP A 24 4.91 -2.54 9.44
C ASP A 24 6.13 -3.45 9.51
N LYS A 25 5.96 -4.71 9.14
CA LYS A 25 7.03 -5.69 9.24
C LYS A 25 7.82 -5.78 7.94
N CYS A 26 7.13 -5.93 6.83
CA CYS A 26 7.78 -5.99 5.51
C CYS A 26 8.53 -4.73 5.18
N MET A 27 7.92 -3.61 5.54
CA MET A 27 8.32 -2.30 5.04
C MET A 27 8.17 -2.28 3.51
N VAL A 28 7.01 -2.74 3.08
CA VAL A 28 6.61 -2.72 1.68
C VAL A 28 5.57 -1.63 1.45
N TRP A 29 5.14 -1.51 0.22
CA TRP A 29 4.13 -0.54 -0.16
C TRP A 29 2.90 -1.25 -0.69
N GLN A 30 1.72 -0.93 -0.14
CA GLN A 30 0.51 -1.57 -0.60
C GLN A 30 -0.63 -0.55 -0.70
N HIS A 31 -1.52 -0.75 -1.69
CA HIS A 31 -2.62 0.19 -1.94
C HIS A 31 -3.70 0.03 -0.86
N CYS A 32 -4.21 1.15 -0.36
CA CYS A 32 -5.30 1.14 0.60
C CYS A 32 -6.52 0.42 0.04
N ASP A 33 -6.79 0.60 -1.26
CA ASP A 33 -7.93 -0.01 -1.92
C ASP A 33 -7.87 -1.55 -1.89
N CYS A 34 -6.70 -2.14 -2.17
CA CYS A 34 -6.61 -3.59 -2.19
C CYS A 34 -6.69 -4.18 -0.79
N MET A 35 -5.88 -3.66 0.11
CA MET A 35 -5.75 -4.25 1.44
C MET A 35 -6.88 -3.78 2.36
N GLY A 36 -7.73 -2.89 1.87
CA GLY A 36 -8.85 -2.40 2.66
C GLY A 36 -8.39 -1.57 3.85
N VAL A 37 -7.34 -0.81 3.66
CA VAL A 37 -6.73 -0.05 4.75
C VAL A 37 -7.46 1.26 4.96
N ASN A 38 -7.24 1.86 6.11
CA ASN A 38 -7.98 3.05 6.53
C ASN A 38 -7.05 4.26 6.58
N THR A 39 -5.78 4.02 6.26
CA THR A 39 -4.72 5.04 6.25
C THR A 39 -4.38 5.58 7.64
N ASP A 40 -5.38 5.71 8.49
CA ASP A 40 -5.17 6.17 9.85
C ASP A 40 -5.14 4.98 10.80
N VAL A 41 -4.70 3.86 10.28
CA VAL A 41 -4.59 2.64 11.07
C VAL A 41 -3.38 2.73 11.99
N GLU A 42 -3.49 2.22 13.21
CA GLU A 42 -2.38 2.29 14.16
C GLU A 42 -1.12 1.67 13.56
N HIS A 43 -1.25 0.43 13.12
CA HIS A 43 -0.15 -0.27 12.47
C HIS A 43 -0.67 -1.20 11.39
N TYR A 44 -0.32 -0.93 10.15
CA TYR A 44 -0.79 -1.74 9.05
C TYR A 44 0.16 -2.91 8.77
N LEU A 45 -0.42 -4.07 8.57
CA LEU A 45 0.32 -5.25 8.23
C LEU A 45 -0.34 -5.99 7.07
N CYS A 46 0.48 -6.43 6.14
CA CYS A 46 0.01 -7.14 4.96
C CYS A 46 -0.54 -8.50 5.37
N GLU A 47 -1.24 -9.12 4.43
CA GLU A 47 -1.91 -10.38 4.67
C GLU A 47 -0.92 -11.52 4.90
N GLN A 48 0.34 -11.29 4.58
CA GLN A 48 1.38 -12.29 4.78
C GLN A 48 1.98 -12.18 6.18
N CYS A 49 1.82 -11.01 6.81
CA CYS A 49 2.31 -10.83 8.17
C CYS A 49 1.18 -11.01 9.17
N ASP A 50 0.00 -10.56 8.81
CA ASP A 50 -1.15 -10.62 9.69
C ASP A 50 -2.42 -10.81 8.87
N PRO A 51 -2.85 -12.06 8.68
CA PRO A 51 -4.05 -12.39 7.91
C PRO A 51 -5.24 -11.51 8.27
N ARG A 52 -5.75 -10.78 7.29
CA ARG A 52 -6.89 -9.90 7.48
C ARG A 52 -7.93 -10.18 6.40
N PRO A 53 -9.21 -9.98 6.71
CA PRO A 53 -10.30 -10.24 5.75
C PRO A 53 -10.13 -9.42 4.46
N VAL A 54 -10.04 -10.13 3.35
CA VAL A 54 -9.88 -9.50 2.06
C VAL A 54 -11.05 -9.85 1.15
N ASP A 55 -11.96 -8.92 0.97
CA ASP A 55 -13.11 -9.11 0.09
C ASP A 55 -13.25 -7.91 -0.83
N ARG A 56 -12.70 -8.05 -2.02
CA ARG A 56 -12.73 -6.98 -3.02
C ARG A 56 -13.76 -7.31 -4.09
N ALA B 1 -0.03 4.07 10.40
CA ALA B 1 0.01 3.67 8.98
C ALA B 1 0.67 4.76 8.14
N ARG B 2 1.85 4.47 7.63
CA ARG B 2 2.55 5.41 6.76
C ARG B 2 1.83 5.51 5.42
N THR B 3 1.33 6.70 5.12
CA THR B 3 0.55 6.91 3.90
C THR B 3 1.35 7.68 2.86
N GLN B 5 0.69 9.02 -0.90
CA GLN B 5 -0.30 9.22 -1.94
C GLN B 5 0.32 9.82 -3.17
N THR B 6 0.19 9.13 -4.29
CA THR B 6 0.73 9.61 -5.55
C THR B 6 -0.38 9.75 -6.59
N ALA B 7 -1.63 9.58 -6.16
CA ALA B 7 -2.77 9.58 -7.05
C ALA B 7 -3.08 10.98 -7.58
N ARG B 8 -2.74 11.99 -6.81
CA ARG B 8 -3.02 13.37 -7.20
C ARG B 8 -1.88 13.94 -8.04
N LYS B 9 -1.26 13.07 -8.83
CA LYS B 9 -0.23 13.50 -9.76
C LYS B 9 -0.90 14.07 -11.01
N SER B 10 -2.15 13.69 -11.21
CA SER B 10 -2.92 14.13 -12.36
C SER B 10 -3.34 15.58 -12.22
N THR B 11 -2.62 16.46 -12.89
CA THR B 11 -2.93 17.89 -12.88
C THR B 11 -2.43 18.55 -14.16
N GLY B 12 -3.30 19.33 -14.80
CA GLY B 12 -2.92 20.00 -16.02
C GLY B 12 -3.78 21.22 -16.29
N GLY B 13 -4.06 21.99 -15.25
CA GLY B 13 -4.89 23.15 -15.38
C GLY B 13 -4.53 24.25 -14.40
N LYS B 14 -5.53 24.82 -13.77
CA LYS B 14 -5.31 25.90 -12.81
C LYS B 14 -5.90 25.53 -11.45
N ALA B 15 -5.98 24.23 -11.21
CA ALA B 15 -6.49 23.72 -9.94
C ALA B 15 -5.66 22.53 -9.49
N SER A 1 20.18 -1.07 1.75
CA SER A 1 19.75 -2.36 2.33
C SER A 1 18.45 -2.21 3.10
N GLY A 2 17.52 -1.43 2.55
CA GLY A 2 16.26 -1.21 3.22
C GLY A 2 15.13 -1.02 2.25
N GLY A 3 13.93 -1.40 2.66
CA GLY A 3 12.77 -1.28 1.81
C GLY A 3 12.25 0.14 1.73
N ARG A 4 12.70 0.88 0.73
CA ARG A 4 12.25 2.24 0.53
C ARG A 4 11.15 2.29 -0.53
N ASP A 5 11.29 1.43 -1.53
CA ASP A 5 10.34 1.41 -2.65
C ASP A 5 10.08 -0.03 -3.07
N VAL A 6 9.27 -0.72 -2.29
CA VAL A 6 8.92 -2.10 -2.59
C VAL A 6 7.42 -2.27 -2.70
N ILE A 7 6.92 -2.54 -3.89
CA ILE A 7 5.50 -2.82 -4.07
C ILE A 7 5.24 -4.29 -3.86
N ARG A 8 4.47 -4.62 -2.85
CA ARG A 8 4.01 -5.98 -2.71
C ARG A 8 2.55 -5.96 -2.27
N CYS A 9 1.66 -5.90 -3.24
CA CYS A 9 0.24 -5.83 -2.95
C CYS A 9 -0.44 -7.13 -3.35
N ILE A 10 -1.62 -7.35 -2.80
CA ILE A 10 -2.46 -8.49 -3.17
C ILE A 10 -2.84 -8.39 -4.64
N CYS A 11 -2.70 -7.19 -5.19
CA CYS A 11 -2.79 -6.98 -6.64
C CYS A 11 -1.88 -7.95 -7.39
N GLY A 12 -0.65 -8.16 -6.89
CA GLY A 12 0.33 -8.91 -7.63
C GLY A 12 0.94 -8.00 -8.67
N LEU A 13 0.55 -6.73 -8.59
CA LEU A 13 0.91 -5.73 -9.54
C LEU A 13 1.79 -4.67 -8.88
N TYR A 14 3.06 -4.74 -9.15
CA TYR A 14 4.00 -3.69 -8.73
C TYR A 14 3.68 -2.40 -9.45
N LYS A 15 2.84 -1.58 -8.83
CA LYS A 15 2.56 -0.25 -9.33
C LYS A 15 2.41 0.73 -8.18
N ASP A 16 3.29 1.70 -8.17
CA ASP A 16 3.22 2.79 -7.21
C ASP A 16 2.25 3.84 -7.72
N GLU A 17 1.05 3.83 -7.16
CA GLU A 17 0.04 4.82 -7.50
C GLU A 17 -1.10 4.77 -6.48
N GLY A 18 -1.62 5.92 -6.15
CA GLY A 18 -2.73 6.01 -5.23
C GLY A 18 -2.25 6.18 -3.81
N LEU A 19 -3.14 6.01 -2.86
CA LEU A 19 -2.75 6.08 -1.46
C LEU A 19 -2.23 4.72 -1.03
N MET A 20 -0.97 4.68 -0.62
CA MET A 20 -0.36 3.42 -0.26
C MET A 20 0.19 3.44 1.16
N ILE A 21 0.07 2.30 1.82
CA ILE A 21 0.48 2.17 3.20
C ILE A 21 1.67 1.22 3.26
N GLN A 22 2.35 1.25 4.39
CA GLN A 22 3.53 0.43 4.60
C GLN A 22 3.22 -0.79 5.46
N CYS A 23 3.54 -2.01 4.99
CA CYS A 23 3.47 -3.17 5.87
C CYS A 23 4.54 -3.02 6.95
N ASP A 24 4.11 -2.99 8.19
CA ASP A 24 4.99 -2.77 9.34
C ASP A 24 6.12 -3.80 9.38
N LYS A 25 5.86 -5.00 8.89
CA LYS A 25 6.86 -6.07 8.86
C LYS A 25 7.72 -6.00 7.60
N CYS A 26 7.06 -6.13 6.45
CA CYS A 26 7.73 -6.15 5.15
C CYS A 26 8.47 -4.85 4.90
N MET A 27 7.86 -3.78 5.38
CA MET A 27 8.22 -2.42 4.98
C MET A 27 8.05 -2.27 3.46
N VAL A 28 6.86 -2.63 3.01
CA VAL A 28 6.47 -2.53 1.61
C VAL A 28 5.39 -1.47 1.46
N TRP A 29 4.96 -1.25 0.24
CA TRP A 29 3.82 -0.38 0.00
C TRP A 29 2.70 -1.14 -0.66
N GLN A 30 1.49 -0.85 -0.22
CA GLN A 30 0.29 -1.52 -0.72
C GLN A 30 -0.84 -0.51 -0.83
N HIS A 31 -1.76 -0.73 -1.77
CA HIS A 31 -2.86 0.21 -2.03
C HIS A 31 -3.99 0.01 -1.02
N CYS A 32 -4.40 1.12 -0.40
CA CYS A 32 -5.44 1.13 0.64
C CYS A 32 -6.72 0.42 0.19
N ASP A 33 -7.12 0.61 -1.07
CA ASP A 33 -8.37 0.03 -1.59
C ASP A 33 -8.38 -1.49 -1.52
N CYS A 34 -7.33 -2.12 -2.02
CA CYS A 34 -7.24 -3.57 -2.10
C CYS A 34 -7.16 -4.21 -0.72
N MET A 35 -6.37 -3.64 0.16
CA MET A 35 -6.14 -4.23 1.47
C MET A 35 -7.24 -3.84 2.45
N GLY A 36 -8.06 -2.88 2.05
CA GLY A 36 -9.11 -2.39 2.91
C GLY A 36 -8.59 -1.60 4.10
N VAL A 37 -7.54 -0.83 3.87
CA VAL A 37 -6.88 -0.08 4.95
C VAL A 37 -7.62 1.22 5.21
N ASN A 38 -7.39 1.79 6.38
CA ASN A 38 -8.12 2.96 6.82
C ASN A 38 -7.23 4.20 6.84
N THR A 39 -5.97 4.00 6.46
CA THR A 39 -4.95 5.06 6.40
C THR A 39 -4.57 5.62 7.77
N ASP A 40 -5.53 5.70 8.68
CA ASP A 40 -5.26 6.21 10.02
C ASP A 40 -4.99 5.06 10.99
N VAL A 41 -4.63 3.91 10.42
CA VAL A 41 -4.41 2.72 11.22
C VAL A 41 -3.12 2.87 12.03
N GLU A 42 -3.09 2.37 13.26
CA GLU A 42 -1.91 2.48 14.10
C GLU A 42 -0.69 1.93 13.36
N HIS A 43 -0.79 0.69 12.94
CA HIS A 43 0.26 0.04 12.16
C HIS A 43 -0.34 -0.98 11.20
N TYR A 44 -0.19 -0.74 9.92
CA TYR A 44 -0.77 -1.60 8.92
C TYR A 44 0.15 -2.79 8.62
N LEU A 45 -0.45 -3.94 8.41
CA LEU A 45 0.28 -5.14 8.08
C LEU A 45 -0.37 -5.87 6.93
N CYS A 46 0.46 -6.31 5.99
CA CYS A 46 -0.01 -7.05 4.84
C CYS A 46 -0.55 -8.39 5.30
N GLU A 47 -1.38 -8.95 4.46
CA GLU A 47 -2.11 -10.18 4.72
C GLU A 47 -1.19 -11.35 4.98
N GLN A 48 0.06 -11.20 4.58
CA GLN A 48 1.07 -12.23 4.74
C GLN A 48 1.72 -12.16 6.13
N CYS A 49 1.72 -10.98 6.74
CA CYS A 49 2.27 -10.82 8.08
C CYS A 49 1.17 -10.86 9.13
N ASP A 50 -0.02 -10.46 8.73
CA ASP A 50 -1.19 -10.49 9.60
C ASP A 50 -2.45 -10.66 8.77
N PRO A 51 -2.88 -11.92 8.58
CA PRO A 51 -4.08 -12.25 7.80
C PRO A 51 -5.30 -11.44 8.22
N ARG A 52 -5.86 -10.70 7.27
CA ARG A 52 -7.06 -9.92 7.51
C ARG A 52 -8.08 -10.26 6.44
N PRO A 53 -9.39 -10.13 6.76
CA PRO A 53 -10.48 -10.44 5.82
C PRO A 53 -10.30 -9.77 4.47
N VAL A 54 -10.19 -10.59 3.43
CA VAL A 54 -9.99 -10.09 2.08
C VAL A 54 -11.32 -10.11 1.34
N ASP A 55 -11.88 -8.93 1.17
CA ASP A 55 -13.18 -8.81 0.49
C ASP A 55 -13.08 -7.77 -0.61
N ARG A 56 -12.70 -8.22 -1.80
CA ARG A 56 -12.58 -7.34 -2.95
C ARG A 56 -13.66 -7.66 -3.95
N ALA B 1 0.12 4.26 10.42
CA ALA B 1 0.02 3.82 9.01
C ALA B 1 0.68 4.84 8.11
N ARG B 2 1.84 4.51 7.58
CA ARG B 2 2.50 5.38 6.61
C ARG B 2 1.65 5.48 5.36
N THR B 3 1.19 6.68 5.07
CA THR B 3 0.30 6.91 3.94
C THR B 3 0.99 7.71 2.86
N GLN B 5 0.85 8.85 -0.58
CA GLN B 5 -0.17 9.00 -1.61
C GLN B 5 0.45 9.49 -2.91
N THR B 6 0.65 8.57 -3.83
CA THR B 6 1.32 8.88 -5.09
C THR B 6 0.35 8.87 -6.26
N ALA B 7 -0.90 9.22 -6.00
CA ALA B 7 -1.93 9.20 -7.02
C ALA B 7 -1.83 10.43 -7.91
N ARG B 8 -1.62 11.57 -7.30
CA ARG B 8 -1.55 12.81 -8.04
C ARG B 8 -0.27 13.56 -7.72
N LYS B 9 0.82 13.14 -8.35
CA LYS B 9 2.11 13.79 -8.18
C LYS B 9 2.44 14.61 -9.42
N SER B 10 1.91 14.18 -10.55
CA SER B 10 2.13 14.85 -11.82
C SER B 10 1.11 15.98 -12.02
N THR B 11 1.22 17.01 -11.20
CA THR B 11 0.33 18.15 -11.29
C THR B 11 0.77 19.06 -12.44
N GLY B 12 -0.21 19.64 -13.14
CA GLY B 12 0.11 20.43 -14.30
C GLY B 12 0.41 19.56 -15.50
N GLY B 13 1.59 18.96 -15.50
CA GLY B 13 1.93 18.00 -16.53
C GLY B 13 1.43 16.62 -16.18
N LYS B 14 0.20 16.34 -16.56
CA LYS B 14 -0.44 15.08 -16.19
C LYS B 14 -0.10 13.99 -17.20
N ALA B 15 -0.13 12.75 -16.74
CA ALA B 15 0.20 11.61 -17.59
C ALA B 15 -0.96 11.33 -18.54
N SER A 1 16.55 4.74 5.60
CA SER A 1 15.84 3.64 6.30
C SER A 1 14.35 3.92 6.37
N GLY A 2 13.78 4.36 5.26
CA GLY A 2 12.36 4.66 5.23
C GLY A 2 11.61 3.68 4.35
N GLY A 3 11.62 3.94 3.05
CA GLY A 3 10.96 3.06 2.12
C GLY A 3 11.94 2.07 1.50
N ARG A 4 11.47 0.86 1.26
CA ARG A 4 12.29 -0.17 0.63
C ARG A 4 11.97 -0.30 -0.84
N ASP A 5 11.02 0.53 -1.29
CA ASP A 5 10.57 0.56 -2.69
C ASP A 5 10.08 -0.81 -3.14
N VAL A 6 9.30 -1.47 -2.30
CA VAL A 6 8.80 -2.80 -2.64
C VAL A 6 7.27 -2.85 -2.65
N ILE A 7 6.66 -2.90 -3.83
CA ILE A 7 5.23 -3.13 -3.92
C ILE A 7 4.96 -4.61 -3.79
N ARG A 8 4.26 -5.02 -2.76
CA ARG A 8 3.83 -6.40 -2.68
C ARG A 8 2.42 -6.47 -2.16
N CYS A 9 1.44 -6.40 -3.06
CA CYS A 9 0.08 -6.40 -2.63
C CYS A 9 -0.73 -7.52 -3.24
N ILE A 10 -1.93 -7.70 -2.71
CA ILE A 10 -2.86 -8.72 -3.16
C ILE A 10 -3.33 -8.50 -4.59
N CYS A 11 -3.19 -7.26 -5.09
CA CYS A 11 -3.35 -7.02 -6.53
C CYS A 11 -2.36 -7.92 -7.26
N GLY A 12 -1.16 -7.98 -6.69
CA GLY A 12 -0.05 -8.59 -7.38
C GLY A 12 0.53 -7.61 -8.35
N LEU A 13 0.08 -6.37 -8.23
CA LEU A 13 0.42 -5.34 -9.20
C LEU A 13 1.39 -4.36 -8.61
N TYR A 14 2.65 -4.57 -8.92
CA TYR A 14 3.72 -3.68 -8.54
C TYR A 14 3.57 -2.35 -9.27
N LYS A 15 2.84 -1.44 -8.68
CA LYS A 15 2.68 -0.11 -9.24
C LYS A 15 2.32 0.91 -8.15
N ASP A 16 3.26 1.81 -7.89
CA ASP A 16 3.10 2.80 -6.84
C ASP A 16 2.23 3.97 -7.32
N GLU A 17 0.93 3.83 -7.11
CA GLU A 17 -0.01 4.88 -7.50
C GLU A 17 -1.17 4.92 -6.50
N GLY A 18 -1.68 6.11 -6.24
CA GLY A 18 -2.75 6.28 -5.29
C GLY A 18 -2.24 6.37 -3.87
N LEU A 19 -3.15 6.34 -2.90
CA LEU A 19 -2.76 6.33 -1.51
C LEU A 19 -2.30 4.94 -1.12
N MET A 20 -1.05 4.82 -0.69
CA MET A 20 -0.50 3.53 -0.34
C MET A 20 0.11 3.56 1.06
N ILE A 21 0.08 2.40 1.72
CA ILE A 21 0.58 2.27 3.07
C ILE A 21 1.79 1.37 3.08
N GLN A 22 2.55 1.44 4.15
CA GLN A 22 3.76 0.64 4.30
C GLN A 22 3.53 -0.43 5.36
N CYS A 23 3.60 -1.72 4.98
CA CYS A 23 3.42 -2.78 5.96
C CYS A 23 4.50 -2.71 7.02
N ASP A 24 4.05 -2.58 8.27
CA ASP A 24 4.91 -2.32 9.43
C ASP A 24 6.10 -3.28 9.53
N LYS A 25 5.87 -4.53 9.17
CA LYS A 25 6.90 -5.54 9.34
C LYS A 25 7.80 -5.66 8.10
N CYS A 26 7.22 -6.00 6.95
CA CYS A 26 8.03 -6.27 5.78
C CYS A 26 8.40 -4.99 5.02
N MET A 27 7.79 -3.85 5.42
CA MET A 27 8.21 -2.53 4.95
C MET A 27 7.91 -2.34 3.47
N VAL A 28 6.88 -3.04 3.01
CA VAL A 28 6.45 -2.98 1.63
C VAL A 28 5.48 -1.83 1.40
N TRP A 29 5.07 -1.69 0.16
CA TRP A 29 4.11 -0.67 -0.24
C TRP A 29 2.86 -1.33 -0.80
N GLN A 30 1.70 -1.00 -0.23
CA GLN A 30 0.48 -1.60 -0.70
C GLN A 30 -0.64 -0.56 -0.80
N HIS A 31 -1.55 -0.77 -1.74
CA HIS A 31 -2.65 0.16 -2.00
C HIS A 31 -3.72 0.02 -0.91
N CYS A 32 -4.16 1.14 -0.36
CA CYS A 32 -5.23 1.17 0.61
C CYS A 32 -6.49 0.47 0.06
N ASP A 33 -6.75 0.66 -1.23
CA ASP A 33 -7.91 0.07 -1.88
C ASP A 33 -7.89 -1.45 -1.81
N CYS A 34 -6.79 -2.08 -2.22
CA CYS A 34 -6.73 -3.53 -2.25
C CYS A 34 -6.81 -4.12 -0.86
N MET A 35 -6.00 -3.61 0.05
CA MET A 35 -5.88 -4.19 1.37
C MET A 35 -6.99 -3.70 2.32
N GLY A 36 -7.85 -2.83 1.81
CA GLY A 36 -8.96 -2.33 2.61
C GLY A 36 -8.49 -1.55 3.81
N VAL A 37 -7.41 -0.80 3.63
CA VAL A 37 -6.79 -0.07 4.72
C VAL A 37 -7.52 1.24 4.96
N ASN A 38 -7.30 1.82 6.12
CA ASN A 38 -8.05 3.00 6.55
C ASN A 38 -7.14 4.20 6.67
N THR A 39 -5.86 3.99 6.38
CA THR A 39 -4.81 5.04 6.40
C THR A 39 -4.55 5.59 7.81
N ASP A 40 -5.55 5.56 8.67
CA ASP A 40 -5.38 6.00 10.04
C ASP A 40 -5.18 4.78 10.94
N VAL A 41 -4.69 3.69 10.36
CA VAL A 41 -4.52 2.45 11.10
C VAL A 41 -3.28 2.55 12.00
N GLU A 42 -3.33 1.96 13.21
CA GLU A 42 -2.20 2.01 14.13
C GLU A 42 -0.92 1.59 13.42
N HIS A 43 -0.95 0.40 12.83
CA HIS A 43 0.17 -0.11 12.08
C HIS A 43 -0.34 -1.11 11.03
N TYR A 44 -0.20 -0.78 9.77
CA TYR A 44 -0.74 -1.61 8.72
C TYR A 44 0.16 -2.81 8.46
N LEU A 45 -0.46 -3.97 8.34
CA LEU A 45 0.26 -5.18 8.04
C LEU A 45 -0.44 -5.96 6.93
N CYS A 46 0.37 -6.39 5.97
CA CYS A 46 -0.11 -7.14 4.82
C CYS A 46 -0.60 -8.51 5.26
N GLU A 47 -1.27 -9.18 4.34
CA GLU A 47 -1.88 -10.47 4.62
C GLU A 47 -0.84 -11.55 4.86
N GLN A 48 0.42 -11.24 4.57
CA GLN A 48 1.52 -12.16 4.80
C GLN A 48 2.07 -12.04 6.22
N CYS A 49 2.05 -10.82 6.76
CA CYS A 49 2.55 -10.59 8.11
C CYS A 49 1.44 -10.79 9.14
N ASP A 50 0.23 -10.42 8.77
CA ASP A 50 -0.93 -10.57 9.64
C ASP A 50 -2.19 -10.83 8.82
N PRO A 51 -2.48 -12.12 8.58
CA PRO A 51 -3.64 -12.56 7.78
C PRO A 51 -4.94 -11.84 8.10
N ARG A 52 -5.54 -11.25 7.08
CA ARG A 52 -6.86 -10.65 7.19
C ARG A 52 -7.71 -11.16 6.03
N PRO A 53 -9.03 -11.34 6.23
CA PRO A 53 -9.92 -11.84 5.17
C PRO A 53 -9.91 -10.97 3.92
N VAL A 54 -9.51 -11.57 2.81
CA VAL A 54 -9.44 -10.87 1.54
C VAL A 54 -10.38 -11.53 0.54
N ASP A 55 -11.50 -10.86 0.28
CA ASP A 55 -12.47 -11.36 -0.67
C ASP A 55 -12.56 -10.43 -1.89
N ARG A 56 -11.69 -10.68 -2.85
CA ARG A 56 -11.64 -9.87 -4.07
C ARG A 56 -11.76 -10.77 -5.29
N ALA B 1 -0.15 4.32 10.46
CA ALA B 1 -0.14 3.88 9.05
C ALA B 1 0.49 4.94 8.17
N ARG B 2 1.76 4.77 7.82
CA ARG B 2 2.45 5.71 6.96
C ARG B 2 1.80 5.70 5.57
N THR B 3 1.18 6.82 5.23
CA THR B 3 0.43 6.95 4.01
C THR B 3 1.18 7.76 2.96
N GLN B 5 0.57 9.02 -0.57
CA GLN B 5 -0.37 9.24 -1.65
C GLN B 5 0.36 9.73 -2.89
N THR B 6 0.67 8.80 -3.77
CA THR B 6 1.35 9.10 -5.01
C THR B 6 0.42 8.84 -6.19
N ALA B 7 -0.44 9.80 -6.48
CA ALA B 7 -1.43 9.64 -7.52
C ALA B 7 -1.45 10.87 -8.43
N ARG B 8 -1.13 10.66 -9.71
CA ARG B 8 -1.09 11.73 -10.69
C ARG B 8 -0.05 12.77 -10.31
N LYS B 9 1.22 12.39 -10.45
CA LYS B 9 2.35 13.27 -10.15
C LYS B 9 2.32 13.69 -8.68
N SER B 10 2.87 12.84 -7.82
CA SER B 10 2.93 13.14 -6.40
C SER B 10 4.25 12.65 -5.81
N THR B 11 5.36 13.12 -6.39
CA THR B 11 6.69 12.77 -5.92
C THR B 11 6.91 13.26 -4.49
N GLY B 12 6.66 12.39 -3.52
CA GLY B 12 6.78 12.76 -2.14
C GLY B 12 5.56 13.52 -1.66
N GLY B 13 4.53 13.52 -2.49
CA GLY B 13 3.33 14.27 -2.18
C GLY B 13 3.26 15.57 -2.94
N LYS B 14 2.85 16.64 -2.25
CA LYS B 14 2.73 17.96 -2.84
C LYS B 14 1.82 17.95 -4.07
N ALA B 15 0.58 17.53 -3.87
CA ALA B 15 -0.38 17.50 -4.95
C ALA B 15 -1.70 18.13 -4.48
N SER A 1 18.26 3.75 -2.29
CA SER A 1 17.67 2.72 -1.41
C SER A 1 16.42 2.11 -2.05
N GLY A 2 16.62 1.01 -2.76
CA GLY A 2 15.53 0.34 -3.46
C GLY A 2 14.65 -0.45 -2.52
N GLY A 3 15.11 -0.64 -1.29
CA GLY A 3 14.33 -1.36 -0.30
C GLY A 3 13.16 -0.55 0.21
N ARG A 4 13.20 0.76 -0.02
CA ARG A 4 12.11 1.65 0.36
C ARG A 4 11.02 1.64 -0.70
N ASP A 5 11.32 1.03 -1.83
CA ASP A 5 10.36 0.94 -2.92
C ASP A 5 10.09 -0.53 -3.23
N VAL A 6 9.18 -1.11 -2.47
CA VAL A 6 8.80 -2.50 -2.68
C VAL A 6 7.30 -2.65 -2.70
N ILE A 7 6.74 -2.87 -3.88
CA ILE A 7 5.31 -3.11 -4.00
C ILE A 7 5.04 -4.59 -3.82
N ARG A 8 4.38 -4.95 -2.75
CA ARG A 8 3.97 -6.32 -2.58
C ARG A 8 2.51 -6.35 -2.16
N CYS A 9 1.61 -6.38 -3.14
CA CYS A 9 0.20 -6.21 -2.85
C CYS A 9 -0.61 -7.36 -3.40
N ILE A 10 -1.83 -7.47 -2.92
CA ILE A 10 -2.70 -8.59 -3.19
C ILE A 10 -3.28 -8.56 -4.61
N CYS A 11 -3.25 -7.38 -5.23
CA CYS A 11 -3.59 -7.28 -6.66
C CYS A 11 -2.50 -7.92 -7.51
N GLY A 12 -1.27 -7.88 -6.99
CA GLY A 12 -0.13 -8.37 -7.73
C GLY A 12 0.48 -7.31 -8.62
N LEU A 13 -0.17 -6.15 -8.68
CA LEU A 13 0.31 -5.06 -9.50
C LEU A 13 1.33 -4.23 -8.75
N TYR A 14 2.59 -4.52 -9.02
CA TYR A 14 3.68 -3.68 -8.56
C TYR A 14 3.59 -2.32 -9.24
N LYS A 15 2.83 -1.43 -8.63
CA LYS A 15 2.67 -0.10 -9.16
C LYS A 15 2.34 0.90 -8.05
N ASP A 16 3.29 1.78 -7.79
CA ASP A 16 3.13 2.81 -6.77
C ASP A 16 2.24 3.93 -7.28
N GLU A 17 0.95 3.79 -7.02
CA GLU A 17 -0.05 4.73 -7.47
C GLU A 17 -1.21 4.76 -6.47
N GLY A 18 -1.81 5.92 -6.33
CA GLY A 18 -2.83 6.11 -5.34
C GLY A 18 -2.26 6.24 -3.95
N LEU A 19 -3.08 6.01 -2.94
CA LEU A 19 -2.62 6.07 -1.56
C LEU A 19 -2.12 4.70 -1.12
N MET A 20 -0.88 4.63 -0.68
CA MET A 20 -0.29 3.36 -0.30
C MET A 20 0.28 3.41 1.11
N ILE A 21 0.17 2.28 1.80
CA ILE A 21 0.60 2.18 3.18
C ILE A 21 1.80 1.25 3.26
N GLN A 22 2.49 1.32 4.37
CA GLN A 22 3.72 0.56 4.59
C GLN A 22 3.45 -0.63 5.53
N CYS A 23 3.67 -1.88 5.07
CA CYS A 23 3.56 -3.00 6.00
C CYS A 23 4.62 -2.86 7.08
N ASP A 24 4.15 -2.69 8.31
CA ASP A 24 5.00 -2.39 9.46
C ASP A 24 6.21 -3.31 9.58
N LYS A 25 6.03 -4.56 9.17
CA LYS A 25 7.10 -5.54 9.27
C LYS A 25 7.86 -5.70 7.95
N CYS A 26 7.11 -5.82 6.85
CA CYS A 26 7.73 -5.97 5.52
C CYS A 26 8.51 -4.72 5.11
N MET A 27 7.95 -3.57 5.44
CA MET A 27 8.39 -2.29 4.90
C MET A 27 8.18 -2.31 3.38
N VAL A 28 6.98 -2.71 3.00
CA VAL A 28 6.53 -2.69 1.62
C VAL A 28 5.45 -1.64 1.47
N TRP A 29 5.00 -1.43 0.24
CA TRP A 29 3.86 -0.57 0.01
C TRP A 29 2.73 -1.34 -0.63
N GLN A 30 1.54 -1.05 -0.17
CA GLN A 30 0.34 -1.72 -0.63
C GLN A 30 -0.80 -0.71 -0.76
N HIS A 31 -1.87 -1.10 -1.41
CA HIS A 31 -2.90 -0.14 -1.83
C HIS A 31 -4.08 -0.20 -0.88
N CYS A 32 -4.44 0.96 -0.35
CA CYS A 32 -5.56 1.09 0.59
C CYS A 32 -6.84 0.45 0.06
N ASP A 33 -7.05 0.50 -1.27
CA ASP A 33 -8.26 -0.06 -1.88
C ASP A 33 -8.26 -1.60 -1.87
N CYS A 34 -7.22 -2.25 -2.41
CA CYS A 34 -7.12 -3.70 -2.40
C CYS A 34 -7.14 -4.22 -0.97
N MET A 35 -6.35 -3.56 -0.15
CA MET A 35 -6.04 -4.04 1.18
C MET A 35 -7.02 -3.49 2.24
N GLY A 36 -7.95 -2.66 1.79
CA GLY A 36 -9.02 -2.19 2.65
C GLY A 36 -8.52 -1.40 3.85
N VAL A 37 -7.42 -0.68 3.65
CA VAL A 37 -6.79 0.05 4.74
C VAL A 37 -7.52 1.36 5.00
N ASN A 38 -7.36 1.86 6.20
CA ASN A 38 -8.10 3.04 6.64
C ASN A 38 -7.19 4.26 6.68
N THR A 39 -5.92 4.05 6.34
CA THR A 39 -4.88 5.08 6.29
C THR A 39 -4.54 5.66 7.67
N ASP A 40 -5.51 5.73 8.56
CA ASP A 40 -5.27 6.22 9.91
C ASP A 40 -5.10 5.05 10.87
N VAL A 41 -4.71 3.91 10.32
CA VAL A 41 -4.57 2.69 11.11
C VAL A 41 -3.36 2.80 12.02
N GLU A 42 -3.43 2.28 13.24
CA GLU A 42 -2.30 2.35 14.16
C GLU A 42 -1.03 1.79 13.51
N HIS A 43 -1.10 0.58 13.03
CA HIS A 43 0.02 -0.05 12.36
C HIS A 43 -0.48 -0.99 11.27
N TYR A 44 -0.18 -0.68 10.03
CA TYR A 44 -0.67 -1.50 8.93
C TYR A 44 0.27 -2.67 8.68
N LEU A 45 -0.32 -3.83 8.45
CA LEU A 45 0.41 -5.02 8.13
C LEU A 45 -0.26 -5.76 6.98
N CYS A 46 0.55 -6.34 6.09
CA CYS A 46 0.05 -7.08 4.94
C CYS A 46 -0.62 -8.37 5.39
N GLU A 47 -1.19 -9.09 4.45
CA GLU A 47 -2.04 -10.21 4.78
C GLU A 47 -1.24 -11.39 5.37
N GLN A 48 0.05 -11.50 5.03
CA GLN A 48 0.88 -12.55 5.60
C GLN A 48 1.38 -12.21 7.00
N CYS A 49 1.69 -10.95 7.26
CA CYS A 49 2.20 -10.59 8.58
C CYS A 49 1.07 -10.57 9.59
N ASP A 50 -0.12 -10.24 9.13
CA ASP A 50 -1.29 -10.22 9.99
C ASP A 50 -2.54 -10.47 9.15
N PRO A 51 -2.90 -11.76 9.03
CA PRO A 51 -4.06 -12.20 8.26
C PRO A 51 -5.32 -11.38 8.55
N ARG A 52 -5.88 -10.80 7.50
CA ARG A 52 -7.13 -10.06 7.60
C ARG A 52 -8.05 -10.55 6.48
N PRO A 53 -9.36 -10.62 6.74
CA PRO A 53 -10.33 -11.12 5.75
C PRO A 53 -10.33 -10.30 4.48
N VAL A 54 -9.99 -10.94 3.37
CA VAL A 54 -9.92 -10.27 2.08
C VAL A 54 -11.02 -10.76 1.15
N ASP A 55 -12.08 -9.99 1.03
CA ASP A 55 -13.18 -10.34 0.14
C ASP A 55 -13.18 -9.43 -1.08
N ARG A 56 -12.44 -9.82 -2.10
CA ARG A 56 -12.35 -9.05 -3.33
C ARG A 56 -13.36 -9.56 -4.34
N ALA B 1 -0.25 4.41 10.51
CA ALA B 1 -0.10 3.89 9.13
C ALA B 1 0.65 4.87 8.27
N ARG B 2 1.82 4.48 7.78
CA ARG B 2 2.60 5.34 6.91
C ARG B 2 1.91 5.46 5.56
N THR B 3 1.32 6.62 5.32
CA THR B 3 0.55 6.85 4.10
C THR B 3 1.38 7.62 3.07
N GLN B 5 0.86 8.63 -0.54
CA GLN B 5 0.04 8.77 -1.73
C GLN B 5 0.92 9.19 -2.89
N THR B 6 1.09 8.27 -3.84
CA THR B 6 1.95 8.51 -4.99
C THR B 6 1.14 8.37 -6.28
N ALA B 7 0.13 9.20 -6.41
CA ALA B 7 -0.69 9.23 -7.60
C ALA B 7 -0.17 10.27 -8.57
N ARG B 8 1.09 10.13 -8.93
CA ARG B 8 1.76 11.12 -9.76
C ARG B 8 2.72 10.44 -10.72
N LYS B 9 2.19 9.54 -11.53
CA LYS B 9 3.00 8.85 -12.53
C LYS B 9 2.95 9.58 -13.85
N SER B 10 4.12 9.90 -14.39
CA SER B 10 4.23 10.48 -15.70
C SER B 10 3.98 9.41 -16.76
N THR B 11 4.16 8.17 -16.35
CA THR B 11 3.83 7.02 -17.19
C THR B 11 2.67 6.25 -16.56
N GLY B 12 1.47 6.81 -16.66
CA GLY B 12 0.30 6.19 -16.08
C GLY B 12 -0.19 5.03 -16.92
N GLY B 13 0.13 5.06 -18.20
CA GLY B 13 -0.23 3.98 -19.08
C GLY B 13 1.00 3.28 -19.62
N LYS B 14 0.88 2.68 -20.80
CA LYS B 14 2.00 1.99 -21.41
C LYS B 14 2.63 2.86 -22.49
N ALA B 15 1.94 3.94 -22.83
CA ALA B 15 2.43 4.88 -23.82
C ALA B 15 2.28 6.31 -23.31
N SER A 1 13.19 -6.22 3.33
CA SER A 1 14.51 -5.84 2.78
C SER A 1 14.51 -6.07 1.27
N GLY A 2 15.08 -5.12 0.54
CA GLY A 2 15.13 -5.22 -0.90
C GLY A 2 15.01 -3.87 -1.56
N GLY A 3 15.82 -2.93 -1.11
CA GLY A 3 15.75 -1.58 -1.62
C GLY A 3 15.00 -0.66 -0.68
N ARG A 4 14.60 0.49 -1.19
CA ARG A 4 13.86 1.46 -0.41
C ARG A 4 12.39 1.46 -0.82
N ASP A 5 12.15 1.17 -2.09
CA ASP A 5 10.81 1.15 -2.64
C ASP A 5 10.45 -0.27 -3.07
N VAL A 6 9.43 -0.83 -2.43
CA VAL A 6 9.01 -2.20 -2.72
C VAL A 6 7.48 -2.31 -2.79
N ILE A 7 6.94 -2.60 -3.96
CA ILE A 7 5.51 -2.88 -4.08
C ILE A 7 5.26 -4.36 -3.90
N ARG A 8 4.54 -4.73 -2.86
CA ARG A 8 4.11 -6.11 -2.74
C ARG A 8 2.68 -6.15 -2.25
N CYS A 9 1.75 -6.16 -3.19
CA CYS A 9 0.33 -6.08 -2.84
C CYS A 9 -0.42 -7.32 -3.32
N ILE A 10 -1.67 -7.38 -2.91
CA ILE A 10 -2.52 -8.54 -3.13
C ILE A 10 -3.09 -8.58 -4.55
N CYS A 11 -3.10 -7.43 -5.23
CA CYS A 11 -3.47 -7.39 -6.64
C CYS A 11 -2.44 -8.13 -7.49
N GLY A 12 -1.19 -8.17 -7.02
CA GLY A 12 -0.13 -8.82 -7.76
C GLY A 12 0.46 -7.87 -8.76
N LEU A 13 0.02 -6.63 -8.68
CA LEU A 13 0.40 -5.60 -9.59
C LEU A 13 1.36 -4.63 -8.94
N TYR A 14 2.63 -4.77 -9.25
CA TYR A 14 3.63 -3.79 -8.87
C TYR A 14 3.33 -2.46 -9.56
N LYS A 15 2.69 -1.57 -8.83
CA LYS A 15 2.41 -0.23 -9.33
C LYS A 15 2.19 0.75 -8.19
N ASP A 16 3.12 1.67 -8.04
CA ASP A 16 2.97 2.77 -7.11
C ASP A 16 1.92 3.74 -7.63
N GLU A 17 0.73 3.70 -7.04
CA GLU A 17 -0.33 4.60 -7.43
C GLU A 17 -1.22 4.90 -6.22
N GLY A 18 -1.75 6.11 -6.21
CA GLY A 18 -2.70 6.50 -5.19
C GLY A 18 -2.09 6.54 -3.81
N LEU A 19 -2.92 6.23 -2.82
CA LEU A 19 -2.48 6.20 -1.44
C LEU A 19 -2.03 4.79 -1.07
N MET A 20 -0.79 4.66 -0.63
CA MET A 20 -0.26 3.37 -0.26
C MET A 20 0.32 3.37 1.13
N ILE A 21 0.16 2.25 1.83
CA ILE A 21 0.60 2.10 3.20
C ILE A 21 1.81 1.18 3.22
N GLN A 22 2.51 1.19 4.33
CA GLN A 22 3.73 0.43 4.48
C GLN A 22 3.53 -0.74 5.45
N CYS A 23 3.74 -1.99 4.99
CA CYS A 23 3.67 -3.12 5.93
C CYS A 23 4.73 -2.93 7.00
N ASP A 24 4.28 -2.80 8.24
CA ASP A 24 5.13 -2.54 9.41
C ASP A 24 6.34 -3.48 9.46
N LYS A 25 6.15 -4.71 9.01
CA LYS A 25 7.22 -5.70 9.05
C LYS A 25 7.95 -5.80 7.71
N CYS A 26 7.21 -5.92 6.62
CA CYS A 26 7.82 -6.03 5.28
C CYS A 26 8.54 -4.76 4.85
N MET A 27 8.02 -3.63 5.33
CA MET A 27 8.48 -2.31 4.90
C MET A 27 8.15 -2.06 3.43
N VAL A 28 7.14 -2.77 2.96
CA VAL A 28 6.65 -2.67 1.58
C VAL A 28 5.55 -1.65 1.46
N TRP A 29 5.08 -1.42 0.24
CA TRP A 29 3.92 -0.58 0.03
C TRP A 29 2.80 -1.36 -0.61
N GLN A 30 1.59 -1.05 -0.17
CA GLN A 30 0.39 -1.72 -0.65
C GLN A 30 -0.74 -0.71 -0.79
N HIS A 31 -1.81 -1.11 -1.45
CA HIS A 31 -2.83 -0.15 -1.89
C HIS A 31 -4.02 -0.19 -0.93
N CYS A 32 -4.38 0.97 -0.38
CA CYS A 32 -5.50 1.10 0.54
C CYS A 32 -6.79 0.51 -0.05
N ASP A 33 -6.95 0.56 -1.37
CA ASP A 33 -8.12 -0.03 -2.04
C ASP A 33 -8.12 -1.54 -1.91
N CYS A 34 -7.12 -2.22 -2.50
CA CYS A 34 -7.05 -3.68 -2.47
C CYS A 34 -7.08 -4.19 -1.05
N MET A 35 -6.32 -3.53 -0.21
CA MET A 35 -6.04 -4.01 1.12
C MET A 35 -7.02 -3.45 2.16
N GLY A 36 -7.96 -2.62 1.69
CA GLY A 36 -9.05 -2.15 2.53
C GLY A 36 -8.57 -1.37 3.75
N VAL A 37 -7.48 -0.64 3.59
CA VAL A 37 -6.87 0.07 4.71
C VAL A 37 -7.61 1.38 4.98
N ASN A 38 -7.38 1.94 6.15
CA ASN A 38 -8.09 3.14 6.58
C ASN A 38 -7.17 4.34 6.58
N THR A 39 -5.90 4.08 6.26
CA THR A 39 -4.83 5.09 6.27
C THR A 39 -4.52 5.58 7.69
N ASP A 40 -5.52 5.66 8.54
CA ASP A 40 -5.33 6.11 9.90
C ASP A 40 -5.23 4.92 10.84
N VAL A 41 -4.81 3.80 10.30
CA VAL A 41 -4.70 2.58 11.08
C VAL A 41 -3.51 2.67 12.02
N GLU A 42 -3.63 2.17 13.24
CA GLU A 42 -2.56 2.26 14.21
C GLU A 42 -1.24 1.73 13.63
N HIS A 43 -1.28 0.51 13.14
CA HIS A 43 -0.11 -0.10 12.51
C HIS A 43 -0.55 -1.08 11.43
N TYR A 44 -0.16 -0.79 10.19
CA TYR A 44 -0.60 -1.60 9.07
C TYR A 44 0.36 -2.74 8.79
N LEU A 45 -0.20 -3.90 8.50
CA LEU A 45 0.56 -5.09 8.16
C LEU A 45 -0.10 -5.83 7.01
N CYS A 46 0.71 -6.37 6.11
CA CYS A 46 0.21 -7.10 4.96
C CYS A 46 -0.40 -8.42 5.40
N GLU A 47 -1.07 -9.06 4.47
CA GLU A 47 -1.92 -10.21 4.73
C GLU A 47 -1.15 -11.44 5.20
N GLN A 48 0.13 -11.53 4.87
CA GLN A 48 0.99 -12.56 5.42
C GLN A 48 1.36 -12.27 6.87
N CYS A 49 1.72 -11.01 7.16
CA CYS A 49 2.23 -10.67 8.48
C CYS A 49 1.10 -10.60 9.49
N ASP A 50 -0.09 -10.29 9.01
CA ASP A 50 -1.27 -10.23 9.85
C ASP A 50 -2.53 -10.40 9.00
N PRO A 51 -2.96 -11.66 8.83
CA PRO A 51 -4.18 -11.99 8.07
C PRO A 51 -5.36 -11.10 8.42
N ARG A 52 -5.87 -10.38 7.43
CA ARG A 52 -7.00 -9.48 7.63
C ARG A 52 -8.04 -9.73 6.55
N PRO A 53 -9.32 -9.54 6.86
CA PRO A 53 -10.41 -9.74 5.91
C PRO A 53 -10.29 -8.80 4.72
N VAL A 54 -10.16 -9.38 3.54
CA VAL A 54 -10.07 -8.61 2.30
C VAL A 54 -11.18 -9.01 1.35
N ASP A 55 -12.24 -8.23 1.33
CA ASP A 55 -13.38 -8.49 0.47
C ASP A 55 -13.68 -7.26 -0.38
N ARG A 56 -13.19 -7.27 -1.61
CA ARG A 56 -13.33 -6.14 -2.50
C ARG A 56 -14.50 -6.35 -3.45
N ALA B 1 -0.28 4.23 10.62
CA ALA B 1 -0.15 3.72 9.23
C ALA B 1 0.63 4.69 8.37
N ARG B 2 1.76 4.25 7.84
CA ARG B 2 2.58 5.11 6.99
C ARG B 2 1.89 5.28 5.64
N THR B 3 1.35 6.46 5.41
CA THR B 3 0.57 6.74 4.21
C THR B 3 1.35 7.59 3.23
N GLN B 5 0.94 9.02 -0.46
CA GLN B 5 -0.02 9.22 -1.52
C GLN B 5 0.64 9.86 -2.73
N THR B 6 0.91 9.06 -3.74
CA THR B 6 1.53 9.55 -4.95
C THR B 6 0.49 10.05 -5.93
N ALA B 7 0.01 9.15 -6.78
CA ALA B 7 -1.01 9.45 -7.78
C ALA B 7 -0.62 10.63 -8.66
N ARG B 8 -1.57 11.12 -9.43
CA ARG B 8 -1.39 12.36 -10.15
C ARG B 8 -2.03 13.50 -9.39
N LYS B 9 -3.34 13.69 -9.57
CA LYS B 9 -4.10 14.65 -8.79
C LYS B 9 -5.46 14.05 -8.46
N SER B 10 -6.12 13.54 -9.48
CA SER B 10 -7.41 12.90 -9.33
C SER B 10 -7.47 11.70 -10.28
N THR B 11 -8.54 10.92 -10.20
CA THR B 11 -8.73 9.79 -11.09
C THR B 11 -9.22 10.26 -12.45
N GLY B 12 -8.37 11.02 -13.13
CA GLY B 12 -8.72 11.60 -14.41
C GLY B 12 -8.57 13.10 -14.37
N GLY B 13 -9.17 13.78 -15.35
CA GLY B 13 -9.17 15.22 -15.34
C GLY B 13 -10.35 15.75 -14.56
N LYS B 14 -11.48 15.11 -14.75
CA LYS B 14 -12.70 15.43 -14.01
C LYS B 14 -13.16 14.17 -13.28
N ALA B 15 -13.44 14.32 -12.00
CA ALA B 15 -13.92 13.20 -11.20
C ALA B 15 -15.31 13.49 -10.66
N SER A 1 15.91 -5.03 2.67
CA SER A 1 14.90 -5.89 2.02
C SER A 1 14.57 -5.34 0.64
N GLY A 2 15.60 -5.28 -0.22
CA GLY A 2 15.41 -4.74 -1.55
C GLY A 2 15.59 -3.24 -1.59
N GLY A 3 14.87 -2.54 -0.71
CA GLY A 3 14.98 -1.10 -0.62
C GLY A 3 13.83 -0.50 0.15
N ARG A 4 13.62 0.80 -0.01
CA ARG A 4 12.52 1.49 0.67
C ARG A 4 11.31 1.52 -0.25
N ASP A 5 11.54 1.24 -1.52
CA ASP A 5 10.49 1.22 -2.53
C ASP A 5 10.18 -0.22 -2.92
N VAL A 6 9.36 -0.88 -2.13
CA VAL A 6 8.97 -2.26 -2.41
C VAL A 6 7.46 -2.37 -2.51
N ILE A 7 6.95 -2.74 -3.68
CA ILE A 7 5.53 -2.98 -3.84
C ILE A 7 5.19 -4.43 -3.62
N ARG A 8 4.45 -4.73 -2.57
CA ARG A 8 3.94 -6.06 -2.41
C ARG A 8 2.46 -6.02 -2.05
N CYS A 9 1.60 -5.95 -3.07
CA CYS A 9 0.17 -5.89 -2.84
C CYS A 9 -0.49 -7.20 -3.23
N ILE A 10 -1.69 -7.41 -2.74
CA ILE A 10 -2.52 -8.55 -3.15
C ILE A 10 -2.76 -8.52 -4.64
N CYS A 11 -2.66 -7.32 -5.20
CA CYS A 11 -2.66 -7.13 -6.65
C CYS A 11 -1.67 -8.08 -7.35
N GLY A 12 -0.47 -8.21 -6.77
CA GLY A 12 0.60 -8.87 -7.48
C GLY A 12 1.23 -7.90 -8.45
N LEU A 13 0.68 -6.69 -8.46
CA LEU A 13 1.10 -5.63 -9.34
C LEU A 13 2.03 -4.67 -8.63
N TYR A 14 3.30 -4.77 -8.94
CA TYR A 14 4.28 -3.79 -8.51
C TYR A 14 4.02 -2.45 -9.18
N LYS A 15 3.07 -1.68 -8.63
CA LYS A 15 2.73 -0.37 -9.16
C LYS A 15 2.51 0.61 -8.03
N ASP A 16 3.40 1.59 -7.94
CA ASP A 16 3.21 2.72 -7.06
C ASP A 16 2.11 3.62 -7.63
N GLU A 17 0.90 3.48 -7.10
CA GLU A 17 -0.22 4.28 -7.56
C GLU A 17 -1.28 4.40 -6.47
N GLY A 18 -1.92 5.56 -6.44
CA GLY A 18 -2.94 5.85 -5.43
C GLY A 18 -2.33 6.15 -4.07
N LEU A 19 -3.12 5.92 -3.03
CA LEU A 19 -2.62 6.06 -1.66
C LEU A 19 -2.09 4.71 -1.21
N MET A 20 -0.84 4.66 -0.82
CA MET A 20 -0.25 3.40 -0.40
C MET A 20 0.31 3.49 1.01
N ILE A 21 0.11 2.42 1.75
CA ILE A 21 0.56 2.34 3.12
C ILE A 21 1.77 1.44 3.19
N GLN A 22 2.50 1.53 4.27
CA GLN A 22 3.68 0.70 4.48
C GLN A 22 3.37 -0.39 5.49
N CYS A 23 3.45 -1.66 5.06
CA CYS A 23 3.25 -2.77 5.97
C CYS A 23 4.30 -2.74 7.07
N ASP A 24 3.81 -2.67 8.30
CA ASP A 24 4.63 -2.43 9.48
C ASP A 24 5.83 -3.37 9.59
N LYS A 25 5.67 -4.60 9.15
CA LYS A 25 6.73 -5.59 9.28
C LYS A 25 7.65 -5.65 8.06
N CYS A 26 7.10 -5.97 6.89
CA CYS A 26 7.94 -6.21 5.73
C CYS A 26 8.38 -4.90 5.07
N MET A 27 7.71 -3.80 5.44
CA MET A 27 8.08 -2.46 4.98
C MET A 27 7.82 -2.34 3.48
N VAL A 28 6.67 -2.84 3.12
CA VAL A 28 6.23 -2.86 1.74
C VAL A 28 5.11 -1.85 1.53
N TRP A 29 4.93 -1.39 0.31
CA TRP A 29 3.83 -0.47 0.03
C TRP A 29 2.69 -1.19 -0.65
N GLN A 30 1.49 -0.82 -0.26
CA GLN A 30 0.27 -1.47 -0.74
C GLN A 30 -0.86 -0.47 -0.87
N HIS A 31 -1.79 -0.75 -1.78
CA HIS A 31 -2.90 0.15 -2.08
C HIS A 31 -4.00 0.01 -1.03
N CYS A 32 -4.34 1.14 -0.40
CA CYS A 32 -5.36 1.21 0.65
C CYS A 32 -6.67 0.52 0.25
N ASP A 33 -7.13 0.77 -0.99
CA ASP A 33 -8.40 0.24 -1.48
C ASP A 33 -8.42 -1.29 -1.52
N CYS A 34 -7.27 -1.89 -1.85
CA CYS A 34 -7.15 -3.33 -1.97
C CYS A 34 -7.26 -4.01 -0.61
N MET A 35 -6.39 -3.59 0.28
CA MET A 35 -6.22 -4.27 1.56
C MET A 35 -7.28 -3.86 2.56
N GLY A 36 -8.07 -2.86 2.19
CA GLY A 36 -9.10 -2.35 3.07
C GLY A 36 -8.53 -1.56 4.22
N VAL A 37 -7.48 -0.80 3.96
CA VAL A 37 -6.81 -0.03 4.99
C VAL A 37 -7.55 1.29 5.20
N ASN A 38 -7.27 1.94 6.30
CA ASN A 38 -8.00 3.14 6.68
C ASN A 38 -7.07 4.34 6.76
N THR A 39 -5.80 4.11 6.41
CA THR A 39 -4.75 5.14 6.39
C THR A 39 -4.39 5.68 7.77
N ASP A 40 -5.37 5.75 8.68
CA ASP A 40 -5.11 6.23 10.03
C ASP A 40 -4.92 5.05 10.98
N VAL A 41 -4.55 3.91 10.42
CA VAL A 41 -4.38 2.70 11.21
C VAL A 41 -3.10 2.79 12.05
N GLU A 42 -3.11 2.27 13.27
CA GLU A 42 -1.91 2.31 14.11
C GLU A 42 -0.73 1.67 13.39
N HIS A 43 -0.92 0.44 12.95
CA HIS A 43 0.10 -0.27 12.20
C HIS A 43 -0.55 -1.21 11.19
N TYR A 44 -0.33 -0.95 9.92
CA TYR A 44 -0.90 -1.76 8.87
C TYR A 44 -0.02 -2.95 8.56
N LEU A 45 -0.64 -4.10 8.36
CA LEU A 45 0.09 -5.30 8.00
C LEU A 45 -0.58 -6.02 6.84
N CYS A 46 0.25 -6.44 5.89
CA CYS A 46 -0.20 -7.15 4.70
C CYS A 46 -0.62 -8.56 5.06
N GLU A 47 -1.29 -9.20 4.11
CA GLU A 47 -1.86 -10.52 4.30
C GLU A 47 -0.78 -11.59 4.44
N GLN A 48 0.47 -11.21 4.21
CA GLN A 48 1.59 -12.13 4.37
C GLN A 48 2.20 -12.02 5.76
N CYS A 49 2.08 -10.86 6.39
CA CYS A 49 2.60 -10.68 7.74
C CYS A 49 1.52 -11.00 8.77
N ASP A 50 0.28 -10.61 8.47
CA ASP A 50 -0.84 -10.85 9.37
C ASP A 50 -2.10 -11.10 8.55
N PRO A 51 -2.41 -12.37 8.29
CA PRO A 51 -3.58 -12.78 7.49
C PRO A 51 -4.87 -12.03 7.88
N ARG A 52 -5.43 -11.33 6.91
CA ARG A 52 -6.70 -10.63 7.09
C ARG A 52 -7.63 -10.94 5.94
N PRO A 53 -8.95 -10.97 6.18
CA PRO A 53 -9.93 -11.26 5.13
C PRO A 53 -9.88 -10.27 3.98
N VAL A 54 -9.60 -10.78 2.80
CA VAL A 54 -9.50 -9.95 1.62
C VAL A 54 -10.55 -10.34 0.59
N ASP A 55 -11.58 -9.53 0.49
CA ASP A 55 -12.65 -9.76 -0.47
C ASP A 55 -12.69 -8.65 -1.52
N ARG A 56 -11.98 -8.87 -2.62
CA ARG A 56 -11.94 -7.91 -3.71
C ARG A 56 -13.00 -8.24 -4.75
N ALA B 1 0.18 4.18 10.49
CA ALA B 1 0.08 3.85 9.05
C ALA B 1 0.64 4.99 8.21
N ARG B 2 1.90 4.87 7.82
CA ARG B 2 2.51 5.87 6.96
C ARG B 2 1.83 5.86 5.60
N THR B 3 1.26 7.00 5.24
CA THR B 3 0.46 7.11 4.03
C THR B 3 1.19 7.89 2.93
N GLN B 5 0.93 8.91 -0.67
CA GLN B 5 -0.06 9.02 -1.73
C GLN B 5 0.57 9.62 -2.98
N THR B 6 0.56 8.87 -4.06
CA THR B 6 1.02 9.38 -5.32
C THR B 6 -0.17 9.83 -6.17
N ALA B 7 -0.75 8.89 -6.91
CA ALA B 7 -1.93 9.16 -7.74
C ALA B 7 -1.82 10.50 -8.46
N ARG B 8 -0.77 10.65 -9.25
CA ARG B 8 -0.48 11.93 -9.86
C ARG B 8 -0.18 11.80 -11.35
N LYS B 9 -0.81 12.66 -12.13
CA LYS B 9 -0.56 12.73 -13.56
C LYS B 9 -0.37 14.20 -13.95
N SER B 10 -1.11 15.07 -13.30
CA SER B 10 -1.00 16.51 -13.50
C SER B 10 -1.41 17.25 -12.23
N THR B 11 -0.88 16.82 -11.10
CA THR B 11 -1.24 17.39 -9.81
C THR B 11 -0.71 18.82 -9.67
N GLY B 12 -1.58 19.80 -9.85
CA GLY B 12 -1.17 21.17 -9.78
C GLY B 12 -1.07 21.79 -11.16
N GLY B 13 -0.12 21.29 -11.95
CA GLY B 13 0.07 21.78 -13.30
C GLY B 13 -0.84 21.09 -14.29
N LYS B 14 -2.13 21.09 -13.99
CA LYS B 14 -3.11 20.44 -14.83
C LYS B 14 -3.21 21.18 -16.17
N ALA B 15 -2.92 22.48 -16.13
CA ALA B 15 -2.95 23.32 -17.32
C ALA B 15 -4.32 23.34 -17.96
N SER A 1 16.06 -5.75 5.27
CA SER A 1 15.57 -5.14 4.01
C SER A 1 16.10 -3.72 3.91
N GLY A 2 16.49 -3.32 2.71
CA GLY A 2 17.03 -1.98 2.50
C GLY A 2 16.36 -1.26 1.36
N GLY A 3 15.42 -1.94 0.71
CA GLY A 3 14.68 -1.32 -0.38
C GLY A 3 13.49 -0.53 0.12
N ARG A 4 13.45 0.75 -0.21
CA ARG A 4 12.37 1.62 0.24
C ARG A 4 11.24 1.66 -0.78
N ASP A 5 11.49 1.09 -1.95
CA ASP A 5 10.51 1.08 -3.03
C ASP A 5 10.10 -0.35 -3.34
N VAL A 6 9.45 -1.00 -2.38
CA VAL A 6 9.00 -2.37 -2.57
C VAL A 6 7.48 -2.46 -2.60
N ILE A 7 6.91 -2.65 -3.78
CA ILE A 7 5.47 -2.88 -3.89
C ILE A 7 5.17 -4.35 -3.67
N ARG A 8 4.40 -4.67 -2.66
CA ARG A 8 3.97 -6.04 -2.49
C ARG A 8 2.50 -6.06 -2.11
N CYS A 9 1.63 -6.08 -3.11
CA CYS A 9 0.20 -6.01 -2.85
C CYS A 9 -0.49 -7.29 -3.30
N ILE A 10 -1.68 -7.50 -2.76
CA ILE A 10 -2.54 -8.60 -3.14
C ILE A 10 -2.89 -8.53 -4.62
N CYS A 11 -2.78 -7.32 -5.18
CA CYS A 11 -2.88 -7.11 -6.61
C CYS A 11 -1.96 -8.05 -7.40
N GLY A 12 -0.74 -8.23 -6.90
CA GLY A 12 0.30 -8.85 -7.70
C GLY A 12 0.83 -7.84 -8.69
N LEU A 13 0.36 -6.61 -8.51
CA LEU A 13 0.68 -5.50 -9.40
C LEU A 13 1.62 -4.53 -8.71
N TYR A 14 2.89 -4.68 -8.98
CA TYR A 14 3.90 -3.73 -8.55
C TYR A 14 3.72 -2.42 -9.31
N LYS A 15 2.85 -1.56 -8.79
CA LYS A 15 2.65 -0.25 -9.37
C LYS A 15 2.37 0.77 -8.28
N ASP A 16 3.32 1.66 -8.11
CA ASP A 16 3.25 2.71 -7.11
C ASP A 16 2.31 3.83 -7.58
N GLU A 17 1.05 3.72 -7.19
CA GLU A 17 0.07 4.76 -7.46
C GLU A 17 -1.12 4.58 -6.53
N GLY A 18 -1.71 5.69 -6.12
CA GLY A 18 -2.83 5.66 -5.19
C GLY A 18 -2.41 6.07 -3.80
N LEU A 19 -3.28 5.87 -2.83
CA LEU A 19 -2.91 6.10 -1.45
C LEU A 19 -2.38 4.80 -0.87
N MET A 20 -1.07 4.70 -0.78
CA MET A 20 -0.45 3.45 -0.40
C MET A 20 0.13 3.52 1.01
N ILE A 21 0.05 2.39 1.70
CA ILE A 21 0.51 2.29 3.06
C ILE A 21 1.72 1.37 3.10
N GLN A 22 2.45 1.46 4.18
CA GLN A 22 3.64 0.67 4.39
C GLN A 22 3.34 -0.50 5.34
N CYS A 23 3.54 -1.76 4.89
CA CYS A 23 3.37 -2.89 5.82
C CYS A 23 4.37 -2.74 6.97
N ASP A 24 3.85 -2.66 8.18
CA ASP A 24 4.62 -2.36 9.39
C ASP A 24 5.82 -3.29 9.55
N LYS A 25 5.72 -4.50 9.03
CA LYS A 25 6.75 -5.49 9.23
C LYS A 25 7.54 -5.75 7.95
N CYS A 26 6.86 -5.85 6.81
CA CYS A 26 7.55 -5.96 5.53
C CYS A 26 8.37 -4.71 5.24
N MET A 27 7.79 -3.58 5.60
CA MET A 27 8.20 -2.30 5.08
C MET A 27 8.08 -2.36 3.54
N VAL A 28 6.85 -2.63 3.11
CA VAL A 28 6.50 -2.62 1.69
C VAL A 28 5.45 -1.56 1.43
N TRP A 29 5.02 -1.49 0.19
CA TRP A 29 4.04 -0.53 -0.23
C TRP A 29 2.79 -1.23 -0.78
N GLN A 30 1.63 -0.92 -0.21
CA GLN A 30 0.40 -1.57 -0.64
C GLN A 30 -0.73 -0.55 -0.79
N HIS A 31 -1.58 -0.77 -1.78
CA HIS A 31 -2.69 0.15 -2.07
C HIS A 31 -3.83 -0.08 -1.08
N CYS A 32 -4.29 1.01 -0.44
CA CYS A 32 -5.35 0.96 0.57
C CYS A 32 -6.63 0.33 0.05
N ASP A 33 -6.99 0.67 -1.18
CA ASP A 33 -8.25 0.23 -1.77
C ASP A 33 -8.39 -1.30 -1.79
N CYS A 34 -7.29 -1.98 -2.07
CA CYS A 34 -7.29 -3.44 -2.16
C CYS A 34 -7.20 -4.08 -0.78
N MET A 35 -6.32 -3.56 0.07
CA MET A 35 -6.08 -4.16 1.36
C MET A 35 -7.16 -3.80 2.36
N GLY A 36 -7.92 -2.75 2.06
CA GLY A 36 -8.98 -2.31 2.95
C GLY A 36 -8.45 -1.59 4.17
N VAL A 37 -7.38 -0.83 3.99
CA VAL A 37 -6.72 -0.12 5.09
C VAL A 37 -7.49 1.15 5.41
N ASN A 38 -7.12 1.80 6.50
CA ASN A 38 -7.86 2.96 6.97
C ASN A 38 -6.98 4.19 7.03
N THR A 39 -5.76 4.05 6.53
CA THR A 39 -4.77 5.13 6.41
C THR A 39 -4.28 5.67 7.76
N ASP A 40 -5.15 5.74 8.76
CA ASP A 40 -4.76 6.23 10.07
C ASP A 40 -4.67 5.07 11.05
N VAL A 41 -4.33 3.91 10.52
CA VAL A 41 -4.25 2.69 11.31
C VAL A 41 -2.97 2.70 12.16
N GLU A 42 -3.02 2.14 13.37
CA GLU A 42 -1.85 2.09 14.24
C GLU A 42 -0.65 1.52 13.49
N HIS A 43 -0.83 0.33 12.96
CA HIS A 43 0.21 -0.31 12.17
C HIS A 43 -0.43 -1.25 11.15
N TYR A 44 -0.25 -0.95 9.88
CA TYR A 44 -0.85 -1.74 8.83
C TYR A 44 0.05 -2.93 8.49
N LEU A 45 -0.52 -4.11 8.51
CA LEU A 45 0.20 -5.29 8.12
C LEU A 45 -0.50 -6.00 6.97
N CYS A 46 0.31 -6.40 5.99
CA CYS A 46 -0.18 -7.11 4.83
C CYS A 46 -0.73 -8.47 5.25
N GLU A 47 -1.49 -9.06 4.36
CA GLU A 47 -2.13 -10.35 4.60
C GLU A 47 -1.11 -11.47 4.75
N GLN A 48 0.13 -11.20 4.38
CA GLN A 48 1.19 -12.14 4.49
C GLN A 48 1.84 -12.09 5.89
N CYS A 49 1.68 -10.95 6.58
CA CYS A 49 2.20 -10.81 7.93
C CYS A 49 1.11 -11.04 8.96
N ASP A 50 -0.09 -10.59 8.64
CA ASP A 50 -1.21 -10.69 9.57
C ASP A 50 -2.50 -10.78 8.77
N PRO A 51 -2.99 -12.02 8.55
CA PRO A 51 -4.22 -12.27 7.80
C PRO A 51 -5.36 -11.35 8.20
N ARG A 52 -5.82 -10.56 7.25
CA ARG A 52 -6.91 -9.62 7.47
C ARG A 52 -7.94 -9.77 6.35
N PRO A 53 -9.22 -9.46 6.63
CA PRO A 53 -10.29 -9.57 5.63
C PRO A 53 -9.98 -8.80 4.35
N VAL A 54 -9.91 -9.54 3.25
CA VAL A 54 -9.62 -8.97 1.96
C VAL A 54 -10.66 -9.43 0.95
N ASP A 55 -11.60 -8.56 0.64
CA ASP A 55 -12.66 -8.86 -0.30
C ASP A 55 -12.35 -8.25 -1.67
N ARG A 56 -11.60 -8.96 -2.47
CA ARG A 56 -11.27 -8.52 -3.81
C ARG A 56 -11.94 -9.41 -4.84
N ALA B 1 0.28 4.04 10.39
CA ALA B 1 0.11 3.69 8.97
C ALA B 1 0.55 4.83 8.08
N ARG B 2 1.82 4.84 7.70
CA ARG B 2 2.35 5.88 6.84
C ARG B 2 1.68 5.82 5.47
N THR B 3 1.03 6.91 5.11
CA THR B 3 0.27 7.01 3.88
C THR B 3 1.01 7.83 2.82
N GLN B 5 0.50 8.96 -0.85
CA GLN B 5 -0.48 9.08 -1.93
C GLN B 5 0.21 9.59 -3.19
N THR B 6 0.70 8.67 -4.00
CA THR B 6 1.41 9.03 -5.21
C THR B 6 0.45 9.27 -6.38
N ALA B 7 -0.82 8.93 -6.16
CA ALA B 7 -1.84 9.20 -7.18
C ALA B 7 -2.06 10.69 -7.34
N ARG B 8 -2.36 11.35 -6.24
CA ARG B 8 -2.54 12.79 -6.23
C ARG B 8 -1.70 13.40 -5.13
N LYS B 9 -0.85 14.35 -5.50
CA LYS B 9 0.04 15.00 -4.56
C LYS B 9 -0.66 16.20 -3.92
N SER B 10 -1.94 16.01 -3.65
CA SER B 10 -2.76 17.06 -3.06
C SER B 10 -3.18 16.63 -1.66
N THR B 11 -3.65 17.59 -0.87
CA THR B 11 -4.10 17.31 0.48
C THR B 11 -5.50 16.70 0.47
N GLY B 12 -5.58 15.47 -0.04
CA GLY B 12 -6.84 14.76 -0.09
C GLY B 12 -6.96 13.74 1.01
N GLY B 13 -8.17 13.32 1.32
CA GLY B 13 -8.39 12.36 2.37
C GLY B 13 -8.69 13.03 3.69
N LYS B 14 -8.98 14.32 3.64
CA LYS B 14 -9.29 15.09 4.83
C LYS B 14 -10.78 15.39 4.88
N ALA B 15 -11.35 15.36 6.07
CA ALA B 15 -12.77 15.61 6.25
C ALA B 15 -13.02 17.10 6.50
N SER A 1 20.71 0.89 0.02
CA SER A 1 20.34 2.17 -0.62
C SER A 1 18.84 2.20 -0.90
N GLY A 2 18.38 1.29 -1.76
CA GLY A 2 16.98 1.25 -2.12
C GLY A 2 16.17 0.40 -1.18
N GLY A 3 15.19 -0.32 -1.72
CA GLY A 3 14.33 -1.15 -0.90
C GLY A 3 13.24 -0.34 -0.21
N ARG A 4 13.00 0.85 -0.72
CA ARG A 4 12.00 1.74 -0.13
C ARG A 4 10.77 1.84 -1.04
N ASP A 5 10.82 1.12 -2.15
CA ASP A 5 9.75 1.17 -3.15
C ASP A 5 9.24 -0.23 -3.45
N VAL A 6 9.17 -1.08 -2.44
CA VAL A 6 8.74 -2.46 -2.65
C VAL A 6 7.21 -2.56 -2.68
N ILE A 7 6.67 -2.84 -3.84
CA ILE A 7 5.24 -3.10 -3.96
C ILE A 7 5.00 -4.57 -3.75
N ARG A 8 4.28 -4.93 -2.72
CA ARG A 8 3.88 -6.30 -2.54
C ARG A 8 2.43 -6.35 -2.13
N CYS A 9 1.54 -6.37 -3.11
CA CYS A 9 0.12 -6.24 -2.84
C CYS A 9 -0.65 -7.44 -3.34
N ILE A 10 -1.94 -7.44 -3.02
CA ILE A 10 -2.81 -8.57 -3.28
C ILE A 10 -3.41 -8.54 -4.68
N CYS A 11 -3.43 -7.35 -5.30
CA CYS A 11 -3.85 -7.23 -6.70
C CYS A 11 -2.87 -7.95 -7.62
N GLY A 12 -1.61 -8.03 -7.18
CA GLY A 12 -0.59 -8.64 -8.00
C GLY A 12 0.11 -7.62 -8.87
N LEU A 13 -0.33 -6.36 -8.75
CA LEU A 13 0.24 -5.29 -9.53
C LEU A 13 1.25 -4.49 -8.72
N TYR A 14 2.52 -4.73 -8.99
CA TYR A 14 3.59 -3.90 -8.47
C TYR A 14 3.54 -2.54 -9.16
N LYS A 15 2.78 -1.61 -8.57
CA LYS A 15 2.67 -0.28 -9.11
C LYS A 15 2.41 0.75 -8.02
N ASP A 16 3.34 1.68 -7.88
CA ASP A 16 3.18 2.80 -6.98
C ASP A 16 2.16 3.79 -7.56
N GLU A 17 0.95 3.72 -7.05
CA GLU A 17 -0.11 4.62 -7.47
C GLU A 17 -1.26 4.61 -6.48
N GLY A 18 -1.79 5.79 -6.27
CA GLY A 18 -2.87 5.96 -5.31
C GLY A 18 -2.34 6.22 -3.92
N LEU A 19 -3.16 5.95 -2.91
CA LEU A 19 -2.72 6.06 -1.54
C LEU A 19 -2.21 4.69 -1.08
N MET A 20 -0.95 4.63 -0.69
CA MET A 20 -0.36 3.36 -0.30
C MET A 20 0.23 3.43 1.10
N ILE A 21 0.08 2.32 1.82
CA ILE A 21 0.54 2.22 3.18
C ILE A 21 1.76 1.31 3.23
N GLN A 22 2.49 1.42 4.32
CA GLN A 22 3.68 0.61 4.53
C GLN A 22 3.36 -0.52 5.51
N CYS A 23 3.56 -1.77 5.08
CA CYS A 23 3.40 -2.89 6.01
C CYS A 23 4.48 -2.82 7.09
N ASP A 24 4.02 -2.73 8.33
CA ASP A 24 4.87 -2.50 9.50
C ASP A 24 6.06 -3.45 9.57
N LYS A 25 5.87 -4.70 9.15
CA LYS A 25 6.91 -5.69 9.30
C LYS A 25 7.82 -5.79 8.08
N CYS A 26 7.25 -6.08 6.91
CA CYS A 26 8.09 -6.34 5.75
C CYS A 26 8.45 -5.04 5.00
N MET A 27 7.83 -3.91 5.40
CA MET A 27 8.21 -2.59 4.92
C MET A 27 7.96 -2.45 3.42
N VAL A 28 6.77 -2.84 3.02
CA VAL A 28 6.34 -2.76 1.65
C VAL A 28 5.28 -1.70 1.49
N TRP A 29 4.86 -1.46 0.26
CA TRP A 29 3.73 -0.60 0.00
C TRP A 29 2.62 -1.37 -0.65
N GLN A 30 1.41 -1.05 -0.23
CA GLN A 30 0.21 -1.70 -0.72
C GLN A 30 -0.91 -0.68 -0.85
N HIS A 31 -1.98 -1.07 -1.49
CA HIS A 31 -3.02 -0.12 -1.91
C HIS A 31 -4.20 -0.19 -0.95
N CYS A 32 -4.52 0.95 -0.34
CA CYS A 32 -5.65 1.06 0.59
C CYS A 32 -6.94 0.47 0.01
N ASP A 33 -7.10 0.54 -1.32
CA ASP A 33 -8.29 -0.02 -1.98
C ASP A 33 -8.33 -1.55 -1.90
N CYS A 34 -7.30 -2.21 -2.45
CA CYS A 34 -7.22 -3.68 -2.42
C CYS A 34 -7.28 -4.19 -1.01
N MET A 35 -6.48 -3.56 -0.17
CA MET A 35 -6.18 -4.08 1.14
C MET A 35 -7.14 -3.54 2.22
N GLY A 36 -8.03 -2.63 1.82
CA GLY A 36 -9.08 -2.16 2.70
C GLY A 36 -8.56 -1.43 3.92
N VAL A 37 -7.48 -0.68 3.73
CA VAL A 37 -6.83 0.02 4.84
C VAL A 37 -7.56 1.32 5.16
N ASN A 38 -7.33 1.82 6.36
CA ASN A 38 -8.02 3.02 6.85
C ASN A 38 -7.11 4.23 6.76
N THR A 39 -5.85 3.98 6.42
CA THR A 39 -4.80 5.01 6.32
C THR A 39 -4.43 5.61 7.68
N ASP A 40 -5.41 5.75 8.56
CA ASP A 40 -5.18 6.28 9.89
C ASP A 40 -5.03 5.13 10.89
N VAL A 41 -4.62 3.98 10.38
CA VAL A 41 -4.48 2.80 11.21
C VAL A 41 -3.21 2.92 12.07
N GLU A 42 -3.23 2.43 13.30
CA GLU A 42 -2.05 2.52 14.15
C GLU A 42 -0.86 1.84 13.49
N HIS A 43 -1.04 0.59 13.13
CA HIS A 43 0.01 -0.17 12.46
C HIS A 43 -0.62 -1.08 11.40
N TYR A 44 -0.21 -0.91 10.15
CA TYR A 44 -0.75 -1.70 9.07
C TYR A 44 0.15 -2.89 8.76
N LEU A 45 -0.46 -4.03 8.49
CA LEU A 45 0.28 -5.22 8.11
C LEU A 45 -0.38 -5.92 6.94
N CYS A 46 0.45 -6.37 6.00
CA CYS A 46 -0.02 -7.10 4.84
C CYS A 46 -0.53 -8.47 5.24
N GLU A 47 -1.26 -9.07 4.34
CA GLU A 47 -1.90 -10.35 4.55
C GLU A 47 -0.88 -11.45 4.79
N GLN A 48 0.36 -11.19 4.40
CA GLN A 48 1.44 -12.16 4.59
C GLN A 48 2.03 -12.08 6.00
N CYS A 49 2.08 -10.89 6.58
CA CYS A 49 2.62 -10.73 7.92
C CYS A 49 1.54 -10.94 8.97
N ASP A 50 0.31 -10.60 8.61
CA ASP A 50 -0.83 -10.75 9.51
C ASP A 50 -2.10 -10.92 8.68
N PRO A 51 -2.50 -12.18 8.43
CA PRO A 51 -3.71 -12.51 7.68
C PRO A 51 -4.92 -11.69 8.11
N ARG A 52 -5.45 -10.91 7.19
CA ARG A 52 -6.66 -10.12 7.44
C ARG A 52 -7.64 -10.31 6.29
N PRO A 53 -8.95 -10.26 6.56
CA PRO A 53 -9.97 -10.44 5.53
C PRO A 53 -9.85 -9.44 4.39
N VAL A 54 -9.64 -9.95 3.19
CA VAL A 54 -9.61 -9.13 2.00
C VAL A 54 -10.87 -9.37 1.18
N ASP A 55 -11.76 -8.38 1.18
CA ASP A 55 -13.04 -8.52 0.50
C ASP A 55 -13.12 -7.58 -0.69
N ARG A 56 -12.68 -8.05 -1.84
CA ARG A 56 -12.73 -7.26 -3.06
C ARG A 56 -13.78 -7.83 -4.01
N ALA B 1 0.03 4.29 10.54
CA ALA B 1 0.03 3.85 9.13
C ALA B 1 0.63 4.94 8.24
N ARG B 2 1.90 4.78 7.89
CA ARG B 2 2.56 5.73 7.01
C ARG B 2 1.91 5.69 5.63
N THR B 3 1.27 6.79 5.27
CA THR B 3 0.52 6.88 4.02
C THR B 3 1.28 7.69 2.98
N GLN B 5 0.62 8.97 -0.49
CA GLN B 5 -0.38 9.20 -1.51
C GLN B 5 0.27 9.81 -2.75
N THR B 6 0.65 8.95 -3.67
CA THR B 6 1.31 9.40 -4.89
C THR B 6 0.29 9.77 -5.95
N ALA B 7 -0.20 8.76 -6.65
CA ALA B 7 -1.20 8.93 -7.70
C ALA B 7 -0.63 9.71 -8.88
N ARG B 8 -0.51 9.02 -10.00
CA ARG B 8 0.08 9.61 -11.19
C ARG B 8 -0.98 10.30 -12.03
N LYS B 9 -0.55 10.96 -13.09
CA LYS B 9 -1.45 11.73 -13.93
C LYS B 9 -1.53 11.08 -15.30
N SER B 10 -1.68 9.77 -15.30
CA SER B 10 -1.64 8.97 -16.51
C SER B 10 -2.78 9.32 -17.47
N THR B 11 -4.02 9.14 -17.04
CA THR B 11 -5.16 9.39 -17.92
C THR B 11 -6.40 9.80 -17.12
N GLY B 12 -6.54 9.28 -15.92
CA GLY B 12 -7.71 9.58 -15.11
C GLY B 12 -7.64 10.96 -14.50
N GLY B 13 -8.79 11.61 -14.35
CA GLY B 13 -8.82 12.91 -13.73
C GLY B 13 -8.77 12.83 -12.23
N LYS B 14 -8.20 13.84 -11.60
CA LYS B 14 -8.10 13.86 -10.14
C LYS B 14 -9.18 14.76 -9.55
N ALA B 15 -10.39 14.25 -9.50
CA ALA B 15 -11.52 14.99 -8.94
C ALA B 15 -12.55 14.03 -8.39
N SER A 1 13.57 -7.04 -1.87
CA SER A 1 14.52 -6.44 -2.83
C SER A 1 13.93 -5.17 -3.43
N GLY A 2 14.80 -4.30 -3.93
CA GLY A 2 14.35 -3.06 -4.54
C GLY A 2 15.18 -1.88 -4.11
N GLY A 3 15.39 -1.76 -2.80
CA GLY A 3 16.16 -0.66 -2.27
C GLY A 3 15.29 0.37 -1.61
N ARG A 4 14.62 -0.05 -0.53
CA ARG A 4 13.73 0.83 0.25
C ARG A 4 12.50 1.25 -0.55
N ASP A 5 12.28 0.61 -1.69
CA ASP A 5 11.10 0.86 -2.51
C ASP A 5 10.52 -0.47 -2.98
N VAL A 6 9.63 -1.06 -2.18
CA VAL A 6 9.11 -2.38 -2.49
C VAL A 6 7.58 -2.39 -2.55
N ILE A 7 7.02 -2.56 -3.74
CA ILE A 7 5.59 -2.81 -3.88
C ILE A 7 5.33 -4.29 -3.69
N ARG A 8 4.43 -4.64 -2.80
CA ARG A 8 3.95 -6.01 -2.73
C ARG A 8 2.50 -6.03 -2.33
N CYS A 9 1.61 -5.91 -3.30
CA CYS A 9 0.20 -5.88 -3.01
C CYS A 9 -0.46 -7.19 -3.40
N ILE A 10 -1.65 -7.41 -2.88
CA ILE A 10 -2.49 -8.54 -3.25
C ILE A 10 -2.83 -8.47 -4.73
N CYS A 11 -2.68 -7.27 -5.30
CA CYS A 11 -2.72 -7.08 -6.75
C CYS A 11 -1.81 -8.06 -7.49
N GLY A 12 -0.59 -8.24 -6.97
CA GLY A 12 0.43 -8.91 -7.76
C GLY A 12 1.02 -7.95 -8.75
N LEU A 13 0.56 -6.70 -8.67
CA LEU A 13 0.93 -5.66 -9.59
C LEU A 13 1.78 -4.62 -8.89
N TYR A 14 3.07 -4.68 -9.13
CA TYR A 14 3.99 -3.65 -8.67
C TYR A 14 3.67 -2.32 -9.36
N LYS A 15 2.88 -1.51 -8.70
CA LYS A 15 2.60 -0.17 -9.18
C LYS A 15 2.30 0.78 -8.04
N ASP A 16 3.16 1.78 -7.91
CA ASP A 16 2.95 2.84 -6.94
C ASP A 16 1.90 3.82 -7.50
N GLU A 17 0.69 3.71 -6.99
CA GLU A 17 -0.41 4.56 -7.41
C GLU A 17 -1.46 4.70 -6.32
N GLY A 18 -2.04 5.88 -6.24
CA GLY A 18 -2.97 6.21 -5.18
C GLY A 18 -2.28 6.29 -3.84
N LEU A 19 -3.01 6.19 -2.73
CA LEU A 19 -2.36 5.99 -1.46
C LEU A 19 -1.84 4.59 -1.37
N MET A 20 -0.70 4.46 -0.76
CA MET A 20 -0.19 3.16 -0.43
C MET A 20 0.36 3.18 0.98
N ILE A 21 0.10 2.12 1.71
CA ILE A 21 0.52 2.02 3.08
C ILE A 21 1.72 1.11 3.16
N GLN A 22 2.48 1.31 4.19
CA GLN A 22 3.71 0.57 4.40
C GLN A 22 3.45 -0.58 5.38
N CYS A 23 3.59 -1.84 4.92
CA CYS A 23 3.43 -2.98 5.83
C CYS A 23 4.46 -2.88 6.95
N ASP A 24 3.95 -2.79 8.19
CA ASP A 24 4.77 -2.56 9.38
C ASP A 24 5.97 -3.51 9.47
N LYS A 25 5.81 -4.72 8.98
CA LYS A 25 6.88 -5.70 9.04
C LYS A 25 7.65 -5.79 7.72
N CYS A 26 6.92 -5.86 6.62
CA CYS A 26 7.55 -5.91 5.29
C CYS A 26 8.32 -4.63 4.96
N MET A 27 7.74 -3.52 5.36
CA MET A 27 8.15 -2.16 4.96
C MET A 27 7.63 -1.87 3.54
N VAL A 28 6.97 -2.86 2.95
CA VAL A 28 6.46 -2.76 1.58
C VAL A 28 5.38 -1.70 1.42
N TRP A 29 5.01 -1.51 0.16
CA TRP A 29 4.00 -0.54 -0.23
C TRP A 29 2.78 -1.26 -0.80
N GLN A 30 1.59 -0.96 -0.26
CA GLN A 30 0.36 -1.62 -0.71
C GLN A 30 -0.80 -0.63 -0.80
N HIS A 31 -1.74 -0.89 -1.72
CA HIS A 31 -2.85 0.05 -2.00
C HIS A 31 -3.93 -0.07 -0.92
N CYS A 32 -4.32 1.08 -0.36
CA CYS A 32 -5.30 1.17 0.73
C CYS A 32 -6.64 0.46 0.40
N ASP A 33 -7.21 0.71 -0.78
CA ASP A 33 -8.51 0.10 -1.14
C ASP A 33 -8.42 -1.43 -1.29
N CYS A 34 -7.27 -1.92 -1.74
CA CYS A 34 -7.05 -3.35 -1.90
C CYS A 34 -7.09 -4.04 -0.56
N MET A 35 -6.24 -3.59 0.34
CA MET A 35 -6.05 -4.24 1.61
C MET A 35 -7.10 -3.80 2.61
N GLY A 36 -7.99 -2.91 2.18
CA GLY A 36 -9.07 -2.45 3.04
C GLY A 36 -8.57 -1.63 4.21
N VAL A 37 -7.51 -0.86 3.96
CA VAL A 37 -6.87 -0.10 5.01
C VAL A 37 -7.65 1.19 5.27
N ASN A 38 -7.35 1.83 6.38
CA ASN A 38 -8.15 2.98 6.82
C ASN A 38 -7.29 4.24 6.87
N THR A 39 -6.04 4.10 6.42
CA THR A 39 -5.05 5.19 6.38
C THR A 39 -4.64 5.70 7.77
N ASP A 40 -5.57 5.69 8.71
CA ASP A 40 -5.31 6.17 10.06
C ASP A 40 -4.96 5.00 10.98
N VAL A 41 -4.62 3.85 10.39
CA VAL A 41 -4.39 2.65 11.19
C VAL A 41 -3.09 2.81 11.99
N GLU A 42 -3.04 2.31 13.21
CA GLU A 42 -1.83 2.42 14.02
C GLU A 42 -0.66 1.79 13.29
N HIS A 43 -0.82 0.54 12.92
CA HIS A 43 0.20 -0.19 12.19
C HIS A 43 -0.44 -1.13 11.18
N TYR A 44 -0.20 -0.87 9.92
CA TYR A 44 -0.78 -1.69 8.87
C TYR A 44 0.11 -2.88 8.56
N LEU A 45 -0.51 -4.03 8.39
CA LEU A 45 0.20 -5.23 8.04
C LEU A 45 -0.50 -5.94 6.89
N CYS A 46 0.32 -6.41 5.95
CA CYS A 46 -0.17 -7.14 4.79
C CYS A 46 -0.74 -8.47 5.23
N GLU A 47 -1.45 -9.11 4.31
CA GLU A 47 -2.14 -10.37 4.56
C GLU A 47 -1.16 -11.50 4.85
N GLN A 48 0.11 -11.31 4.53
CA GLN A 48 1.13 -12.31 4.81
C GLN A 48 1.67 -12.18 6.23
N CYS A 49 1.68 -10.97 6.77
CA CYS A 49 2.19 -10.74 8.11
C CYS A 49 1.07 -10.86 9.14
N ASP A 50 -0.14 -10.49 8.74
CA ASP A 50 -1.30 -10.58 9.60
C ASP A 50 -2.54 -10.82 8.76
N PRO A 51 -2.89 -12.10 8.55
CA PRO A 51 -4.05 -12.50 7.74
C PRO A 51 -5.32 -11.71 8.06
N ARG A 52 -5.83 -11.01 7.07
CA ARG A 52 -7.07 -10.25 7.21
C ARG A 52 -7.98 -10.56 6.01
N PRO A 53 -9.30 -10.52 6.22
CA PRO A 53 -10.28 -10.81 5.16
C PRO A 53 -10.11 -9.91 3.94
N VAL A 54 -9.85 -10.52 2.79
CA VAL A 54 -9.68 -9.79 1.56
C VAL A 54 -10.89 -9.97 0.65
N ASP A 55 -11.70 -8.92 0.55
CA ASP A 55 -12.85 -8.93 -0.34
C ASP A 55 -12.56 -8.06 -1.56
N ARG A 56 -11.96 -8.67 -2.56
CA ARG A 56 -11.60 -7.95 -3.78
C ARG A 56 -12.22 -8.63 -4.99
N ALA B 1 -0.10 4.49 10.16
CA ALA B 1 -0.12 3.92 8.80
C ALA B 1 0.39 4.94 7.79
N ARG B 2 1.59 4.71 7.26
CA ARG B 2 2.15 5.60 6.25
C ARG B 2 1.30 5.53 4.97
N THR B 3 0.64 6.64 4.66
CA THR B 3 -0.25 6.73 3.50
C THR B 3 0.32 7.65 2.43
N GLN B 5 0.25 9.03 -0.87
CA GLN B 5 -0.68 9.20 -1.98
C GLN B 5 0.06 9.75 -3.19
N THR B 6 0.20 8.93 -4.22
CA THR B 6 0.84 9.35 -5.44
C THR B 6 -0.18 9.53 -6.56
N ALA B 7 -1.45 9.62 -6.18
CA ALA B 7 -2.54 9.75 -7.13
C ALA B 7 -2.68 11.19 -7.63
N ARG B 8 -1.59 11.74 -8.13
CA ARG B 8 -1.61 13.08 -8.71
C ARG B 8 -0.50 13.22 -9.74
N LYS B 9 -0.79 12.77 -10.95
CA LYS B 9 0.15 12.87 -12.04
C LYS B 9 0.03 14.23 -12.73
N SER B 10 -0.88 15.06 -12.23
CA SER B 10 -1.06 16.41 -12.73
C SER B 10 -0.02 17.35 -12.14
N THR B 11 1.23 17.15 -12.53
CA THR B 11 2.31 17.98 -12.07
C THR B 11 2.65 19.06 -13.10
N GLY B 12 3.04 20.24 -12.61
CA GLY B 12 3.35 21.33 -13.51
C GLY B 12 2.11 22.13 -13.88
N GLY B 13 1.07 21.42 -14.26
CA GLY B 13 -0.18 22.07 -14.61
C GLY B 13 -1.33 21.53 -13.78
N LYS B 14 -2.40 22.31 -13.69
CA LYS B 14 -3.54 21.91 -12.89
C LYS B 14 -4.61 21.27 -13.78
N ALA B 15 -4.61 19.94 -13.82
CA ALA B 15 -5.56 19.17 -14.60
C ALA B 15 -5.45 19.52 -16.09
N SER A 1 13.59 -4.53 -3.32
CA SER A 1 14.58 -4.97 -4.32
C SER A 1 15.46 -3.81 -4.77
N GLY A 2 15.89 -2.99 -3.82
CA GLY A 2 16.72 -1.85 -4.15
C GLY A 2 16.83 -0.87 -3.01
N GLY A 3 15.78 -0.10 -2.80
CA GLY A 3 15.77 0.89 -1.73
C GLY A 3 14.56 0.76 -0.85
N ARG A 4 13.80 1.84 -0.72
CA ARG A 4 12.59 1.82 0.10
C ARG A 4 11.34 1.83 -0.79
N ASP A 5 11.51 1.49 -2.06
CA ASP A 5 10.38 1.41 -2.97
C ASP A 5 10.05 -0.06 -3.25
N VAL A 6 9.32 -0.68 -2.34
CA VAL A 6 8.95 -2.07 -2.50
C VAL A 6 7.43 -2.22 -2.60
N ILE A 7 6.94 -2.53 -3.78
CA ILE A 7 5.53 -2.81 -3.96
C ILE A 7 5.26 -4.28 -3.73
N ARG A 8 4.43 -4.59 -2.77
CA ARG A 8 3.94 -5.94 -2.65
C ARG A 8 2.48 -5.92 -2.23
N CYS A 9 1.59 -5.84 -3.21
CA CYS A 9 0.17 -5.79 -2.93
C CYS A 9 -0.48 -7.10 -3.30
N ILE A 10 -1.68 -7.31 -2.78
CA ILE A 10 -2.51 -8.46 -3.17
C ILE A 10 -2.78 -8.42 -4.66
N CYS A 11 -2.67 -7.23 -5.24
CA CYS A 11 -2.72 -7.06 -6.68
C CYS A 11 -1.79 -8.04 -7.41
N GLY A 12 -0.60 -8.25 -6.85
CA GLY A 12 0.43 -8.97 -7.59
C GLY A 12 1.06 -8.05 -8.60
N LEU A 13 0.62 -6.80 -8.55
CA LEU A 13 1.02 -5.78 -9.48
C LEU A 13 1.87 -4.74 -8.80
N TYR A 14 3.16 -4.83 -9.02
CA TYR A 14 4.10 -3.80 -8.59
C TYR A 14 3.81 -2.51 -9.33
N LYS A 15 2.95 -1.67 -8.77
CA LYS A 15 2.71 -0.36 -9.32
C LYS A 15 2.43 0.67 -8.25
N ASP A 16 3.28 1.67 -8.19
CA ASP A 16 3.11 2.81 -7.33
C ASP A 16 2.01 3.71 -7.87
N GLU A 17 0.83 3.62 -7.28
CA GLU A 17 -0.29 4.45 -7.67
C GLU A 17 -1.33 4.46 -6.54
N GLY A 18 -2.10 5.53 -6.46
CA GLY A 18 -3.11 5.65 -5.42
C GLY A 18 -2.48 5.93 -4.07
N LEU A 19 -3.28 5.87 -3.01
CA LEU A 19 -2.75 6.04 -1.68
C LEU A 19 -2.23 4.71 -1.18
N MET A 20 -0.97 4.69 -0.79
CA MET A 20 -0.36 3.45 -0.37
C MET A 20 0.19 3.55 1.04
N ILE A 21 0.04 2.46 1.76
CA ILE A 21 0.46 2.39 3.15
C ILE A 21 1.65 1.46 3.25
N GLN A 22 2.32 1.52 4.38
CA GLN A 22 3.52 0.74 4.61
C GLN A 22 3.22 -0.46 5.53
N CYS A 23 3.38 -1.72 5.04
CA CYS A 23 3.17 -2.88 5.90
C CYS A 23 4.12 -2.81 7.08
N ASP A 24 3.54 -2.85 8.27
CA ASP A 24 4.28 -2.60 9.52
C ASP A 24 5.53 -3.48 9.65
N LYS A 25 5.48 -4.68 9.10
CA LYS A 25 6.63 -5.58 9.16
C LYS A 25 7.42 -5.56 7.85
N CYS A 26 6.72 -5.68 6.72
CA CYS A 26 7.39 -5.68 5.41
C CYS A 26 8.13 -4.38 5.15
N MET A 27 7.51 -3.29 5.56
CA MET A 27 7.91 -1.92 5.22
C MET A 27 7.46 -1.59 3.78
N VAL A 28 6.86 -2.57 3.11
CA VAL A 28 6.40 -2.44 1.72
C VAL A 28 5.31 -1.39 1.55
N TRP A 29 4.95 -1.14 0.31
CA TRP A 29 3.82 -0.26 0.01
C TRP A 29 2.70 -1.05 -0.62
N GLN A 30 1.49 -0.72 -0.21
CA GLN A 30 0.29 -1.41 -0.69
C GLN A 30 -0.87 -0.43 -0.80
N HIS A 31 -1.75 -0.67 -1.78
CA HIS A 31 -2.88 0.22 -2.06
C HIS A 31 -3.96 0.06 -0.99
N CYS A 32 -4.39 1.20 -0.40
CA CYS A 32 -5.37 1.21 0.68
C CYS A 32 -6.67 0.49 0.31
N ASP A 33 -7.20 0.74 -0.88
CA ASP A 33 -8.48 0.15 -1.32
C ASP A 33 -8.41 -1.37 -1.39
N CYS A 34 -7.25 -1.90 -1.77
CA CYS A 34 -7.06 -3.33 -1.89
C CYS A 34 -7.09 -4.01 -0.54
N MET A 35 -6.22 -3.55 0.34
CA MET A 35 -5.98 -4.23 1.60
C MET A 35 -7.01 -3.83 2.64
N GLY A 36 -7.91 -2.92 2.27
CA GLY A 36 -8.93 -2.46 3.18
C GLY A 36 -8.35 -1.66 4.33
N VAL A 37 -7.34 -0.86 4.02
CA VAL A 37 -6.65 -0.08 5.04
C VAL A 37 -7.38 1.23 5.25
N ASN A 38 -7.08 1.89 6.35
CA ASN A 38 -7.82 3.07 6.76
C ASN A 38 -6.93 4.31 6.76
N THR A 39 -5.66 4.10 6.43
CA THR A 39 -4.63 5.14 6.42
C THR A 39 -4.33 5.70 7.82
N ASP A 40 -5.35 5.84 8.65
CA ASP A 40 -5.18 6.36 10.00
C ASP A 40 -4.98 5.21 10.99
N VAL A 41 -4.52 4.08 10.45
CA VAL A 41 -4.31 2.89 11.26
C VAL A 41 -3.01 3.04 12.07
N GLU A 42 -2.97 2.48 13.27
CA GLU A 42 -1.75 2.52 14.07
C GLU A 42 -0.61 1.80 13.36
N HIS A 43 -0.86 0.54 13.01
CA HIS A 43 0.12 -0.25 12.29
C HIS A 43 -0.59 -1.23 11.37
N TYR A 44 -0.36 -1.07 10.07
CA TYR A 44 -1.01 -1.91 9.09
C TYR A 44 -0.14 -3.13 8.81
N LEU A 45 -0.77 -4.26 8.53
CA LEU A 45 -0.02 -5.45 8.14
C LEU A 45 -0.67 -6.15 6.96
N CYS A 46 0.17 -6.53 6.01
CA CYS A 46 -0.28 -7.20 4.79
C CYS A 46 -0.76 -8.61 5.12
N GLU A 47 -1.44 -9.21 4.16
CA GLU A 47 -2.03 -10.53 4.33
C GLU A 47 -0.96 -11.61 4.53
N GLN A 48 0.27 -11.30 4.15
CA GLN A 48 1.38 -12.24 4.33
C GLN A 48 1.91 -12.19 5.76
N CYS A 49 1.75 -11.05 6.43
CA CYS A 49 2.23 -10.90 7.79
C CYS A 49 1.13 -11.20 8.79
N ASP A 50 -0.09 -10.77 8.50
CA ASP A 50 -1.22 -10.96 9.40
C ASP A 50 -2.49 -11.11 8.58
N PRO A 51 -2.86 -12.36 8.26
CA PRO A 51 -4.02 -12.70 7.43
C PRO A 51 -5.27 -11.87 7.74
N ARG A 52 -5.73 -11.14 6.75
CA ARG A 52 -6.98 -10.40 6.86
C ARG A 52 -7.82 -10.69 5.62
N PRO A 53 -9.16 -10.73 5.77
CA PRO A 53 -10.07 -11.06 4.66
C PRO A 53 -9.89 -10.13 3.47
N VAL A 54 -9.52 -10.69 2.34
CA VAL A 54 -9.36 -9.93 1.10
C VAL A 54 -10.48 -10.27 0.13
N ASP A 55 -11.41 -9.34 -0.04
CA ASP A 55 -12.47 -9.49 -1.02
C ASP A 55 -12.65 -8.20 -1.82
N ARG A 56 -12.06 -8.18 -3.01
CA ARG A 56 -12.14 -7.02 -3.88
C ARG A 56 -13.10 -7.28 -5.02
N ALA B 1 0.31 4.24 10.47
CA ALA B 1 0.20 3.81 9.05
C ALA B 1 0.76 4.89 8.14
N ARG B 2 1.96 4.69 7.63
CA ARG B 2 2.57 5.63 6.72
C ARG B 2 1.78 5.72 5.43
N THR B 3 1.24 6.90 5.16
CA THR B 3 0.40 7.10 4.00
C THR B 3 1.12 7.89 2.92
N GLN B 5 0.37 9.14 -0.25
CA GLN B 5 -0.73 9.49 -1.14
C GLN B 5 -0.20 9.87 -2.52
N THR B 6 -0.04 8.88 -3.38
CA THR B 6 0.61 9.10 -4.66
C THR B 6 -0.21 8.51 -5.81
N ALA B 7 -1.37 9.10 -6.07
CA ALA B 7 -2.19 8.66 -7.19
C ALA B 7 -1.74 9.37 -8.46
N ARG B 8 -1.93 10.69 -8.48
CA ARG B 8 -1.45 11.52 -9.57
C ARG B 8 -1.08 12.90 -9.06
N LYS B 9 -1.75 13.33 -7.99
CA LYS B 9 -1.47 14.61 -7.37
C LYS B 9 -0.39 14.46 -6.30
N SER B 10 0.72 13.84 -6.67
CA SER B 10 1.81 13.58 -5.76
C SER B 10 2.56 14.88 -5.45
N THR B 11 2.86 15.63 -6.48
CA THR B 11 3.58 16.89 -6.33
C THR B 11 2.59 18.06 -6.29
N GLY B 12 2.62 18.80 -5.20
CA GLY B 12 1.72 19.92 -5.03
C GLY B 12 2.14 21.13 -5.83
N GLY B 13 3.44 21.30 -6.02
CA GLY B 13 3.95 22.42 -6.78
C GLY B 13 4.74 21.97 -7.98
N LYS B 14 4.60 22.70 -9.09
CA LYS B 14 5.32 22.39 -10.31
C LYS B 14 5.73 23.67 -11.03
N ALA B 15 6.60 23.53 -12.02
CA ALA B 15 7.04 24.67 -12.81
C ALA B 15 6.30 24.72 -14.14
N SER A 1 11.30 -7.67 0.99
CA SER A 1 10.77 -6.96 2.17
C SER A 1 11.89 -6.16 2.84
N GLY A 2 11.51 -5.18 3.66
CA GLY A 2 12.48 -4.35 4.35
C GLY A 2 13.18 -3.39 3.40
N GLY A 3 12.41 -2.79 2.51
CA GLY A 3 12.98 -1.89 1.53
C GLY A 3 12.36 -0.52 1.56
N ARG A 4 12.78 0.33 0.64
CA ARG A 4 12.27 1.69 0.57
C ARG A 4 11.16 1.79 -0.48
N ASP A 5 11.30 1.00 -1.53
CA ASP A 5 10.36 1.02 -2.63
C ASP A 5 10.01 -0.41 -3.03
N VAL A 6 9.24 -1.08 -2.19
CA VAL A 6 8.80 -2.43 -2.47
C VAL A 6 7.28 -2.48 -2.61
N ILE A 7 6.79 -2.62 -3.84
CA ILE A 7 5.36 -2.70 -4.07
C ILE A 7 4.89 -4.13 -4.04
N ARG A 8 4.54 -4.61 -2.87
CA ARG A 8 4.04 -5.96 -2.78
C ARG A 8 2.57 -5.93 -2.40
N CYS A 9 1.70 -5.80 -3.39
CA CYS A 9 0.28 -5.78 -3.09
C CYS A 9 -0.37 -7.11 -3.48
N ILE A 10 -1.54 -7.35 -2.90
CA ILE A 10 -2.36 -8.51 -3.26
C ILE A 10 -2.72 -8.45 -4.74
N CYS A 11 -2.63 -7.25 -5.29
CA CYS A 11 -2.76 -7.04 -6.74
C CYS A 11 -1.87 -8.01 -7.53
N GLY A 12 -0.64 -8.23 -7.04
CA GLY A 12 0.35 -8.90 -7.85
C GLY A 12 0.91 -7.93 -8.87
N LEU A 13 0.46 -6.70 -8.73
CA LEU A 13 0.82 -5.62 -9.62
C LEU A 13 1.78 -4.68 -8.95
N TYR A 14 3.03 -4.77 -9.32
CA TYR A 14 4.02 -3.80 -8.89
C TYR A 14 3.77 -2.44 -9.56
N LYS A 15 2.89 -1.64 -8.97
CA LYS A 15 2.72 -0.26 -9.42
C LYS A 15 2.28 0.65 -8.28
N ASP A 16 3.13 1.61 -7.97
CA ASP A 16 2.88 2.59 -6.92
C ASP A 16 1.96 3.70 -7.44
N GLU A 17 0.68 3.61 -7.10
CA GLU A 17 -0.31 4.58 -7.54
C GLU A 17 -1.43 4.68 -6.52
N GLY A 18 -2.03 5.85 -6.45
CA GLY A 18 -3.07 6.11 -5.47
C GLY A 18 -2.48 6.38 -4.10
N LEU A 19 -3.20 5.96 -3.07
CA LEU A 19 -2.70 6.07 -1.72
C LEU A 19 -2.18 4.70 -1.27
N MET A 20 -0.96 4.67 -0.78
CA MET A 20 -0.36 3.41 -0.35
C MET A 20 0.19 3.52 1.06
N ILE A 21 0.06 2.43 1.79
CA ILE A 21 0.51 2.37 3.17
C ILE A 21 1.69 1.44 3.26
N GLN A 22 2.39 1.49 4.38
CA GLN A 22 3.57 0.67 4.58
C GLN A 22 3.27 -0.46 5.56
N CYS A 23 3.32 -1.72 5.09
CA CYS A 23 3.08 -2.85 5.99
C CYS A 23 4.08 -2.82 7.14
N ASP A 24 3.53 -2.85 8.34
CA ASP A 24 4.29 -2.63 9.56
C ASP A 24 5.49 -3.57 9.70
N LYS A 25 5.34 -4.79 9.19
CA LYS A 25 6.41 -5.79 9.34
C LYS A 25 7.40 -5.72 8.18
N CYS A 26 6.91 -5.99 6.98
CA CYS A 26 7.77 -6.21 5.85
C CYS A 26 8.12 -4.91 5.14
N MET A 27 7.53 -3.80 5.61
CA MET A 27 7.95 -2.46 5.20
C MET A 27 7.73 -2.22 3.71
N VAL A 28 6.68 -2.80 3.20
CA VAL A 28 6.31 -2.67 1.80
C VAL A 28 5.29 -1.57 1.60
N TRP A 29 4.92 -1.33 0.35
CA TRP A 29 3.82 -0.43 0.08
C TRP A 29 2.69 -1.16 -0.61
N GLN A 30 1.49 -0.83 -0.21
CA GLN A 30 0.30 -1.51 -0.69
C GLN A 30 -0.86 -0.52 -0.80
N HIS A 31 -1.73 -0.73 -1.79
CA HIS A 31 -2.84 0.17 -2.06
C HIS A 31 -3.91 0.00 -0.98
N CYS A 32 -4.32 1.14 -0.39
CA CYS A 32 -5.27 1.18 0.71
C CYS A 32 -6.57 0.44 0.37
N ASP A 33 -7.11 0.66 -0.83
CA ASP A 33 -8.38 0.05 -1.24
C ASP A 33 -8.31 -1.48 -1.25
N CYS A 34 -7.18 -2.01 -1.70
CA CYS A 34 -7.01 -3.44 -1.84
C CYS A 34 -7.04 -4.14 -0.50
N MET A 35 -6.17 -3.69 0.39
CA MET A 35 -5.94 -4.38 1.64
C MET A 35 -7.02 -4.02 2.66
N GLY A 36 -7.82 -3.02 2.35
CA GLY A 36 -8.84 -2.55 3.27
C GLY A 36 -8.25 -1.75 4.41
N VAL A 37 -7.29 -0.90 4.09
CA VAL A 37 -6.60 -0.11 5.09
C VAL A 37 -7.32 1.22 5.30
N ASN A 38 -6.99 1.90 6.39
CA ASN A 38 -7.73 3.11 6.77
C ASN A 38 -6.85 4.33 6.71
N THR A 39 -5.58 4.12 6.39
CA THR A 39 -4.56 5.17 6.34
C THR A 39 -4.26 5.78 7.72
N ASP A 40 -5.26 5.84 8.59
CA ASP A 40 -5.07 6.37 9.93
C ASP A 40 -4.88 5.22 10.93
N VAL A 41 -4.55 4.04 10.40
CA VAL A 41 -4.37 2.86 11.24
C VAL A 41 -3.10 3.01 12.09
N GLU A 42 -3.07 2.43 13.28
CA GLU A 42 -1.86 2.48 14.09
C GLU A 42 -0.72 1.77 13.38
N HIS A 43 -0.95 0.51 13.05
CA HIS A 43 0.05 -0.29 12.34
C HIS A 43 -0.64 -1.26 11.40
N TYR A 44 -0.40 -1.09 10.11
CA TYR A 44 -1.03 -1.94 9.11
C TYR A 44 -0.19 -3.19 8.87
N LEU A 45 -0.84 -4.30 8.57
CA LEU A 45 -0.12 -5.51 8.20
C LEU A 45 -0.74 -6.21 7.01
N CYS A 46 0.11 -6.58 6.06
CA CYS A 46 -0.32 -7.25 4.84
C CYS A 46 -0.75 -8.66 5.16
N GLU A 47 -1.34 -9.31 4.17
CA GLU A 47 -1.90 -10.63 4.32
C GLU A 47 -0.82 -11.68 4.53
N GLN A 48 0.44 -11.30 4.31
CA GLN A 48 1.56 -12.20 4.56
C GLN A 48 2.03 -12.12 6.01
N CYS A 49 1.99 -10.91 6.59
CA CYS A 49 2.46 -10.73 7.96
C CYS A 49 1.34 -11.01 8.96
N ASP A 50 0.11 -10.76 8.54
CA ASP A 50 -1.05 -11.05 9.39
C ASP A 50 -2.28 -11.26 8.53
N PRO A 51 -2.57 -12.53 8.20
CA PRO A 51 -3.73 -12.92 7.38
C PRO A 51 -5.02 -12.20 7.78
N ARG A 52 -5.58 -11.45 6.85
CA ARG A 52 -6.81 -10.70 7.09
C ARG A 52 -7.80 -10.98 5.96
N PRO A 53 -9.11 -10.94 6.24
CA PRO A 53 -10.15 -11.17 5.24
C PRO A 53 -10.05 -10.17 4.09
N VAL A 54 -9.93 -10.68 2.88
CA VAL A 54 -9.82 -9.84 1.70
C VAL A 54 -10.95 -10.12 0.73
N ASP A 55 -11.94 -9.25 0.72
CA ASP A 55 -13.06 -9.37 -0.20
C ASP A 55 -13.11 -8.17 -1.11
N ARG A 56 -12.46 -8.30 -2.26
CA ARG A 56 -12.40 -7.21 -3.23
C ARG A 56 -13.41 -7.45 -4.33
N ALA B 1 -0.05 4.65 10.46
CA ALA B 1 0.00 4.07 9.09
C ALA B 1 0.58 5.08 8.13
N ARG B 2 1.85 4.93 7.82
CA ARG B 2 2.54 5.83 6.92
C ARG B 2 1.97 5.74 5.51
N THR B 3 1.37 6.83 5.06
CA THR B 3 0.70 6.89 3.77
C THR B 3 1.49 7.70 2.75
N GLN B 5 1.08 8.90 -1.10
CA GLN B 5 0.09 9.02 -2.16
C GLN B 5 0.70 9.66 -3.41
N THR B 6 0.57 8.97 -4.53
CA THR B 6 1.17 9.44 -5.77
C THR B 6 0.10 9.85 -6.78
N ALA B 7 -1.16 9.62 -6.43
CA ALA B 7 -2.28 9.93 -7.33
C ALA B 7 -2.32 11.40 -7.66
N ARG B 8 -2.24 12.23 -6.63
CA ARG B 8 -2.31 13.68 -6.79
C ARG B 8 -0.93 14.30 -6.58
N LYS B 9 0.11 13.53 -6.90
CA LYS B 9 1.49 13.99 -6.73
C LYS B 9 1.74 15.27 -7.52
N SER B 10 1.29 15.29 -8.76
CA SER B 10 1.49 16.44 -9.63
C SER B 10 0.24 16.71 -10.46
N THR B 11 0.00 15.84 -11.45
CA THR B 11 -1.12 16.00 -12.36
C THR B 11 -1.07 17.37 -13.04
N GLY B 12 -0.03 17.59 -13.81
CA GLY B 12 0.14 18.86 -14.50
C GLY B 12 0.90 18.71 -15.79
N GLY B 13 1.42 17.52 -16.05
CA GLY B 13 2.17 17.29 -17.26
C GLY B 13 1.34 16.67 -18.35
N LYS B 14 1.94 15.76 -19.10
CA LYS B 14 1.25 15.08 -20.18
C LYS B 14 0.69 13.75 -19.67
N ALA B 15 1.51 13.06 -18.89
CA ALA B 15 1.11 11.78 -18.32
C ALA B 15 1.45 11.74 -16.83
#